data_6X3R
# 
_entry.id   6X3R 
# 
_audit_conform.dict_name       mmcif_pdbx.dic 
_audit_conform.dict_version    5.380 
_audit_conform.dict_location   http://mmcif.pdb.org/dictionaries/ascii/mmcif_pdbx.dic 
# 
loop_
_database_2.database_id 
_database_2.database_code 
_database_2.pdbx_database_accession 
_database_2.pdbx_DOI 
PDB   6X3R         pdb_00006x3r 10.2210/pdb6x3r/pdb 
WWPDB D_1000249547 ?            ?                   
# 
_pdbx_database_status.status_code                     REL 
_pdbx_database_status.status_code_sf                  REL 
_pdbx_database_status.status_code_mr                  ? 
_pdbx_database_status.entry_id                        6X3R 
_pdbx_database_status.recvd_initial_deposition_date   2020-05-21 
_pdbx_database_status.SG_entry                        N 
_pdbx_database_status.deposit_site                    RCSB 
_pdbx_database_status.process_site                    RCSB 
_pdbx_database_status.status_code_cs                  ? 
_pdbx_database_status.status_code_nmr_data            ? 
_pdbx_database_status.methods_development_category    ? 
_pdbx_database_status.pdb_format_compatible           Y 
# 
loop_
_audit_author.name 
_audit_author.pdbx_ordinal 
_audit_author.identifier_ORCID 
'Appleby, T.C.'  1 ? 
'Paulsen, J.L.'  2 ? 
'Schmitz, U.'    3 ? 
'Shivakumar, D.' 4 ? 
# 
_citation.abstract                  ? 
_citation.abstract_id_CAS           ? 
_citation.book_id_ISBN              ? 
_citation.book_publisher            ? 
_citation.book_publisher_city       ? 
_citation.book_title                ? 
_citation.coordinate_linkage        ? 
_citation.country                   US 
_citation.database_id_Medline       ? 
_citation.details                   ? 
_citation.id                        primary 
_citation.journal_abbrev            J.Chem.Inf.Model. 
_citation.journal_id_ASTM           ? 
_citation.journal_id_CSD            ? 
_citation.journal_id_ISSN           1549-960X 
_citation.journal_full              ? 
_citation.journal_issue             ? 
_citation.journal_volume            60 
_citation.language                  ? 
_citation.page_first                3489 
_citation.page_last                 3498 
_citation.title                     'Evaluation of Free Energy Calculations for the Prioritization of Macrocycle Synthesis.' 
_citation.year                      2020 
_citation.database_id_CSD           ? 
_citation.pdbx_database_id_DOI      10.1021/acs.jcim.0c00132 
_citation.pdbx_database_id_PubMed   32539379 
_citation.unpublished_flag          ? 
# 
loop_
_citation_author.citation_id 
_citation_author.name 
_citation_author.ordinal 
_citation_author.identifier_ORCID 
primary 'Paulsen, J.L.'    1 0000-0003-3169-356X 
primary 'Yu, H.S.'         2 ?                   
primary 'Sindhikara, D.'   3 ?                   
primary 'Wang, L.'         4 0000-0002-8170-6798 
primary 'Appleby, T.'      5 ?                   
primary 'Villasenor, A.G.' 6 ?                   
primary 'Schmitz, U.'      7 ?                   
primary 'Shivakumar, D.'   8 ?                   
# 
_cell.angle_alpha                  90.000 
_cell.angle_alpha_esd              ? 
_cell.angle_beta                   90.000 
_cell.angle_beta_esd               ? 
_cell.angle_gamma                  90.000 
_cell.angle_gamma_esd              ? 
_cell.entry_id                     6X3R 
_cell.details                      ? 
_cell.formula_units_Z              ? 
_cell.length_a                     42.202 
_cell.length_a_esd                 ? 
_cell.length_b                     52.406 
_cell.length_b_esd                 ? 
_cell.length_c                     88.769 
_cell.length_c_esd                 ? 
_cell.volume                       196324.895 
_cell.volume_esd                   ? 
_cell.Z_PDB                        4 
_cell.reciprocal_angle_alpha       ? 
_cell.reciprocal_angle_beta        ? 
_cell.reciprocal_angle_gamma       ? 
_cell.reciprocal_angle_alpha_esd   ? 
_cell.reciprocal_angle_beta_esd    ? 
_cell.reciprocal_angle_gamma_esd   ? 
_cell.reciprocal_length_a          ? 
_cell.reciprocal_length_b          ? 
_cell.reciprocal_length_c          ? 
_cell.reciprocal_length_a_esd      ? 
_cell.reciprocal_length_b_esd      ? 
_cell.reciprocal_length_c_esd      ? 
_cell.pdbx_unique_axis             ? 
# 
_symmetry.entry_id                         6X3R 
_symmetry.cell_setting                     ? 
_symmetry.Int_Tables_number                19 
_symmetry.space_group_name_Hall            'P 2ac 2ab' 
_symmetry.space_group_name_H-M             'P 21 21 21' 
_symmetry.pdbx_full_space_group_name_H-M   ? 
# 
loop_
_entity.id 
_entity.type 
_entity.src_method 
_entity.pdbx_description 
_entity.formula_weight 
_entity.pdbx_number_of_molecules 
_entity.pdbx_ec 
_entity.pdbx_mutation 
_entity.pdbx_fragment 
_entity.details 
1 polymer     man 'Peptidyl-prolyl cis-trans isomerase A' 18231.701 1   5.2.1.8 ? ? ? 
2 non-polymer syn 
;methyl (3~{S})-1-[(2~{S})-2-[[(2~{S})-2-acetamido-3-methyl-butanoyl]amino]-3-(3-hydroxyphenyl)propanoyl]-1,2-diazinane-3-carboxylate
;
448.513   1   ?       ? ? ? 
3 water       nat water 18.015    167 ?       ? ? ? 
# 
_entity_name_com.entity_id   1 
_entity_name_com.name        'PPIase A,Cyclophilin A,Cyclosporin A-binding protein,Rotamase A' 
# 
_entity_poly.entity_id                      1 
_entity_poly.type                           'polypeptide(L)' 
_entity_poly.nstd_linkage                   no 
_entity_poly.nstd_monomer                   no 
_entity_poly.pdbx_seq_one_letter_code       
;GHMVNPTVFFDIAVDGEPLGRVSFELFADKVPKTAENFRALSTGEKGFGYKGSCFHRIIPGFMCQGGDFTRHNGTGGKSI
YGEKFEDENFILKHTGPGILSMANAGPNTNGSQFFICTAKTEWLDGKHVVFGKVKEGMNIVEAMERFGSRNGKTSKKITI
ADCGQLE
;
_entity_poly.pdbx_seq_one_letter_code_can   
;GHMVNPTVFFDIAVDGEPLGRVSFELFADKVPKTAENFRALSTGEKGFGYKGSCFHRIIPGFMCQGGDFTRHNGTGGKSI
YGEKFEDENFILKHTGPGILSMANAGPNTNGSQFFICTAKTEWLDGKHVVFGKVKEGMNIVEAMERFGSRNGKTSKKITI
ADCGQLE
;
_entity_poly.pdbx_strand_id                 A 
_entity_poly.pdbx_target_identifier         ? 
# 
loop_
_entity_poly_seq.entity_id 
_entity_poly_seq.num 
_entity_poly_seq.mon_id 
_entity_poly_seq.hetero 
1 1   GLY n 
1 2   HIS n 
1 3   MET n 
1 4   VAL n 
1 5   ASN n 
1 6   PRO n 
1 7   THR n 
1 8   VAL n 
1 9   PHE n 
1 10  PHE n 
1 11  ASP n 
1 12  ILE n 
1 13  ALA n 
1 14  VAL n 
1 15  ASP n 
1 16  GLY n 
1 17  GLU n 
1 18  PRO n 
1 19  LEU n 
1 20  GLY n 
1 21  ARG n 
1 22  VAL n 
1 23  SER n 
1 24  PHE n 
1 25  GLU n 
1 26  LEU n 
1 27  PHE n 
1 28  ALA n 
1 29  ASP n 
1 30  LYS n 
1 31  VAL n 
1 32  PRO n 
1 33  LYS n 
1 34  THR n 
1 35  ALA n 
1 36  GLU n 
1 37  ASN n 
1 38  PHE n 
1 39  ARG n 
1 40  ALA n 
1 41  LEU n 
1 42  SER n 
1 43  THR n 
1 44  GLY n 
1 45  GLU n 
1 46  LYS n 
1 47  GLY n 
1 48  PHE n 
1 49  GLY n 
1 50  TYR n 
1 51  LYS n 
1 52  GLY n 
1 53  SER n 
1 54  CYS n 
1 55  PHE n 
1 56  HIS n 
1 57  ARG n 
1 58  ILE n 
1 59  ILE n 
1 60  PRO n 
1 61  GLY n 
1 62  PHE n 
1 63  MET n 
1 64  CYS n 
1 65  GLN n 
1 66  GLY n 
1 67  GLY n 
1 68  ASP n 
1 69  PHE n 
1 70  THR n 
1 71  ARG n 
1 72  HIS n 
1 73  ASN n 
1 74  GLY n 
1 75  THR n 
1 76  GLY n 
1 77  GLY n 
1 78  LYS n 
1 79  SER n 
1 80  ILE n 
1 81  TYR n 
1 82  GLY n 
1 83  GLU n 
1 84  LYS n 
1 85  PHE n 
1 86  GLU n 
1 87  ASP n 
1 88  GLU n 
1 89  ASN n 
1 90  PHE n 
1 91  ILE n 
1 92  LEU n 
1 93  LYS n 
1 94  HIS n 
1 95  THR n 
1 96  GLY n 
1 97  PRO n 
1 98  GLY n 
1 99  ILE n 
1 100 LEU n 
1 101 SER n 
1 102 MET n 
1 103 ALA n 
1 104 ASN n 
1 105 ALA n 
1 106 GLY n 
1 107 PRO n 
1 108 ASN n 
1 109 THR n 
1 110 ASN n 
1 111 GLY n 
1 112 SER n 
1 113 GLN n 
1 114 PHE n 
1 115 PHE n 
1 116 ILE n 
1 117 CYS n 
1 118 THR n 
1 119 ALA n 
1 120 LYS n 
1 121 THR n 
1 122 GLU n 
1 123 TRP n 
1 124 LEU n 
1 125 ASP n 
1 126 GLY n 
1 127 LYS n 
1 128 HIS n 
1 129 VAL n 
1 130 VAL n 
1 131 PHE n 
1 132 GLY n 
1 133 LYS n 
1 134 VAL n 
1 135 LYS n 
1 136 GLU n 
1 137 GLY n 
1 138 MET n 
1 139 ASN n 
1 140 ILE n 
1 141 VAL n 
1 142 GLU n 
1 143 ALA n 
1 144 MET n 
1 145 GLU n 
1 146 ARG n 
1 147 PHE n 
1 148 GLY n 
1 149 SER n 
1 150 ARG n 
1 151 ASN n 
1 152 GLY n 
1 153 LYS n 
1 154 THR n 
1 155 SER n 
1 156 LYS n 
1 157 LYS n 
1 158 ILE n 
1 159 THR n 
1 160 ILE n 
1 161 ALA n 
1 162 ASP n 
1 163 CYS n 
1 164 GLY n 
1 165 GLN n 
1 166 LEU n 
1 167 GLU n 
# 
_entity_src_gen.entity_id                          1 
_entity_src_gen.pdbx_src_id                        1 
_entity_src_gen.pdbx_alt_source_flag               sample 
_entity_src_gen.pdbx_seq_type                      'Biological sequence' 
_entity_src_gen.pdbx_beg_seq_num                   1 
_entity_src_gen.pdbx_end_seq_num                   167 
_entity_src_gen.gene_src_common_name               Human 
_entity_src_gen.gene_src_genus                     ? 
_entity_src_gen.pdbx_gene_src_gene                 'PPIA, CYPA' 
_entity_src_gen.gene_src_species                   ? 
_entity_src_gen.gene_src_strain                    ? 
_entity_src_gen.gene_src_tissue                    ? 
_entity_src_gen.gene_src_tissue_fraction           ? 
_entity_src_gen.gene_src_details                   ? 
_entity_src_gen.pdbx_gene_src_fragment             ? 
_entity_src_gen.pdbx_gene_src_scientific_name      'Homo sapiens' 
_entity_src_gen.pdbx_gene_src_ncbi_taxonomy_id     9606 
_entity_src_gen.pdbx_gene_src_variant              ? 
_entity_src_gen.pdbx_gene_src_cell_line            ? 
_entity_src_gen.pdbx_gene_src_atcc                 ? 
_entity_src_gen.pdbx_gene_src_organ                ? 
_entity_src_gen.pdbx_gene_src_organelle            ? 
_entity_src_gen.pdbx_gene_src_cell                 ? 
_entity_src_gen.pdbx_gene_src_cellular_location    ? 
_entity_src_gen.host_org_common_name               ? 
_entity_src_gen.pdbx_host_org_scientific_name      'Escherichia coli' 
_entity_src_gen.pdbx_host_org_ncbi_taxonomy_id     562 
_entity_src_gen.host_org_genus                     ? 
_entity_src_gen.pdbx_host_org_gene                 ? 
_entity_src_gen.pdbx_host_org_organ                ? 
_entity_src_gen.host_org_species                   ? 
_entity_src_gen.pdbx_host_org_tissue               ? 
_entity_src_gen.pdbx_host_org_tissue_fraction      ? 
_entity_src_gen.pdbx_host_org_strain               ? 
_entity_src_gen.pdbx_host_org_variant              ? 
_entity_src_gen.pdbx_host_org_cell_line            ? 
_entity_src_gen.pdbx_host_org_atcc                 ? 
_entity_src_gen.pdbx_host_org_culture_collection   ? 
_entity_src_gen.pdbx_host_org_cell                 ? 
_entity_src_gen.pdbx_host_org_organelle            ? 
_entity_src_gen.pdbx_host_org_cellular_location    ? 
_entity_src_gen.pdbx_host_org_vector_type          ? 
_entity_src_gen.pdbx_host_org_vector               ? 
_entity_src_gen.host_org_details                   ? 
_entity_src_gen.expression_system_id               ? 
_entity_src_gen.plasmid_name                       ? 
_entity_src_gen.plasmid_details                    ? 
_entity_src_gen.pdbx_description                   ? 
# 
_struct_ref.id                         1 
_struct_ref.db_name                    UNP 
_struct_ref.db_code                    PPIA_HUMAN 
_struct_ref.pdbx_db_accession          P62937 
_struct_ref.pdbx_db_isoform            ? 
_struct_ref.entity_id                  1 
_struct_ref.pdbx_seq_one_letter_code   
;MVNPTVFFDIAVDGEPLGRVSFELFADKVPKTAENFRALSTGEKGFGYKGSCFHRIIPGFMCQGGDFTRHNGTGGKSIYG
EKFEDENFILKHTGPGILSMANAGPNTNGSQFFICTAKTEWLDGKHVVFGKVKEGMNIVEAMERFGSRNGKTSKKITIAD
CGQLE
;
_struct_ref.pdbx_align_begin           1 
# 
_struct_ref_seq.align_id                      1 
_struct_ref_seq.ref_id                        1 
_struct_ref_seq.pdbx_PDB_id_code              6X3R 
_struct_ref_seq.pdbx_strand_id                A 
_struct_ref_seq.seq_align_beg                 3 
_struct_ref_seq.pdbx_seq_align_beg_ins_code   ? 
_struct_ref_seq.seq_align_end                 167 
_struct_ref_seq.pdbx_seq_align_end_ins_code   ? 
_struct_ref_seq.pdbx_db_accession             P62937 
_struct_ref_seq.db_align_beg                  1 
_struct_ref_seq.pdbx_db_align_beg_ins_code    ? 
_struct_ref_seq.db_align_end                  165 
_struct_ref_seq.pdbx_db_align_end_ins_code    ? 
_struct_ref_seq.pdbx_auth_seq_align_beg       1 
_struct_ref_seq.pdbx_auth_seq_align_end       165 
# 
loop_
_struct_ref_seq_dif.align_id 
_struct_ref_seq_dif.pdbx_pdb_id_code 
_struct_ref_seq_dif.mon_id 
_struct_ref_seq_dif.pdbx_pdb_strand_id 
_struct_ref_seq_dif.seq_num 
_struct_ref_seq_dif.pdbx_pdb_ins_code 
_struct_ref_seq_dif.pdbx_seq_db_name 
_struct_ref_seq_dif.pdbx_seq_db_accession_code 
_struct_ref_seq_dif.db_mon_id 
_struct_ref_seq_dif.pdbx_seq_db_seq_num 
_struct_ref_seq_dif.details 
_struct_ref_seq_dif.pdbx_auth_seq_num 
_struct_ref_seq_dif.pdbx_ordinal 
1 6X3R GLY A 1 ? UNP P62937 ? ? 'expression tag' -1 1 
1 6X3R HIS A 2 ? UNP P62937 ? ? 'expression tag' 0  2 
# 
loop_
_chem_comp.id 
_chem_comp.type 
_chem_comp.mon_nstd_flag 
_chem_comp.name 
_chem_comp.pdbx_synonyms 
_chem_comp.formula 
_chem_comp.formula_weight 
ALA 'L-peptide linking' y ALANINE ? 'C3 H7 N O2'     89.093  
ARG 'L-peptide linking' y ARGININE ? 'C6 H15 N4 O2 1' 175.209 
ASN 'L-peptide linking' y ASPARAGINE ? 'C4 H8 N2 O3'    132.118 
ASP 'L-peptide linking' y 'ASPARTIC ACID' ? 'C4 H7 N O4'     133.103 
CYS 'L-peptide linking' y CYSTEINE ? 'C3 H7 N O2 S'   121.158 
GLN 'L-peptide linking' y GLUTAMINE ? 'C5 H10 N2 O3'   146.144 
GLU 'L-peptide linking' y 'GLUTAMIC ACID' ? 'C5 H9 N O4'     147.129 
GLY 'peptide linking'   y GLYCINE ? 'C2 H5 N O2'     75.067  
HIS 'L-peptide linking' y HISTIDINE ? 'C6 H10 N3 O2 1' 156.162 
HOH non-polymer         . WATER ? 'H2 O'           18.015  
ILE 'L-peptide linking' y ISOLEUCINE ? 'C6 H13 N O2'    131.173 
LEU 'L-peptide linking' y LEUCINE ? 'C6 H13 N O2'    131.173 
LYS 'L-peptide linking' y LYSINE ? 'C6 H15 N2 O2 1' 147.195 
MET 'L-peptide linking' y METHIONINE ? 'C5 H11 N O2 S'  149.211 
PHE 'L-peptide linking' y PHENYLALANINE ? 'C9 H11 N O2'    165.189 
PRO 'L-peptide linking' y PROLINE ? 'C5 H9 N O2'     115.130 
SER 'L-peptide linking' y SERINE ? 'C3 H7 N O3'     105.093 
THR 'L-peptide linking' y THREONINE ? 'C4 H9 N O3'     119.119 
TRP 'L-peptide linking' y TRYPTOPHAN ? 'C11 H12 N2 O2'  204.225 
TYR 'L-peptide linking' y TYROSINE ? 'C9 H11 N O3'    181.189 
VAL 'L-peptide linking' y VALINE ? 'C5 H11 N O2'    117.146 
ZXX peptide-like        . 
;methyl (3~{S})-1-[(2~{S})-2-[[(2~{S})-2-acetamido-3-methyl-butanoyl]amino]-3-(3-hydroxyphenyl)propanoyl]-1,2-diazinane-3-carboxylate
;
? 'C22 H32 N4 O6'  448.513 
# 
_exptl.absorpt_coefficient_mu     ? 
_exptl.absorpt_correction_T_max   ? 
_exptl.absorpt_correction_T_min   ? 
_exptl.absorpt_correction_type    ? 
_exptl.absorpt_process_details    ? 
_exptl.entry_id                   6X3R 
_exptl.crystals_number            1 
_exptl.details                    ? 
_exptl.method                     'X-RAY DIFFRACTION' 
_exptl.method_details             ? 
# 
_exptl_crystal.colour                      ? 
_exptl_crystal.density_diffrn              ? 
_exptl_crystal.density_Matthews            2.69 
_exptl_crystal.density_method              ? 
_exptl_crystal.density_percent_sol         54.31 
_exptl_crystal.description                 ? 
_exptl_crystal.F_000                       ? 
_exptl_crystal.id                          1 
_exptl_crystal.preparation                 ? 
_exptl_crystal.size_max                    ? 
_exptl_crystal.size_mid                    ? 
_exptl_crystal.size_min                    ? 
_exptl_crystal.size_rad                    ? 
_exptl_crystal.colour_lustre               ? 
_exptl_crystal.colour_modifier             ? 
_exptl_crystal.colour_primary              ? 
_exptl_crystal.density_meas                ? 
_exptl_crystal.density_meas_esd            ? 
_exptl_crystal.density_meas_gt             ? 
_exptl_crystal.density_meas_lt             ? 
_exptl_crystal.density_meas_temp           ? 
_exptl_crystal.density_meas_temp_esd       ? 
_exptl_crystal.density_meas_temp_gt        ? 
_exptl_crystal.density_meas_temp_lt        ? 
_exptl_crystal.pdbx_crystal_image_url      ? 
_exptl_crystal.pdbx_crystal_image_format   ? 
_exptl_crystal.pdbx_mosaicity              ? 
_exptl_crystal.pdbx_mosaicity_esd          ? 
# 
_exptl_crystal_grow.apparatus       ? 
_exptl_crystal_grow.atmosphere      ? 
_exptl_crystal_grow.crystal_id      1 
_exptl_crystal_grow.details         ? 
_exptl_crystal_grow.method          'VAPOR DIFFUSION, HANGING DROP' 
_exptl_crystal_grow.method_ref      ? 
_exptl_crystal_grow.pH              8.5 
_exptl_crystal_grow.pressure        ? 
_exptl_crystal_grow.pressure_esd    ? 
_exptl_crystal_grow.seeding         ? 
_exptl_crystal_grow.seeding_ref     ? 
_exptl_crystal_grow.temp            277 
_exptl_crystal_grow.temp_details    ? 
_exptl_crystal_grow.temp_esd        ? 
_exptl_crystal_grow.time            ? 
_exptl_crystal_grow.pdbx_details    '20 mM Tris-HCl, pH 8.5, 2 mM DTT, 2 mM EDTA, 20-35% PEG3350, 5% ethanol' 
_exptl_crystal_grow.pdbx_pH_range   ? 
# 
_diffrn.ambient_environment              ? 
_diffrn.ambient_temp                     100 
_diffrn.ambient_temp_details             ? 
_diffrn.ambient_temp_esd                 ? 
_diffrn.crystal_id                       1 
_diffrn.crystal_support                  ? 
_diffrn.crystal_treatment                ? 
_diffrn.details                          ? 
_diffrn.id                               1 
_diffrn.ambient_pressure                 ? 
_diffrn.ambient_pressure_esd             ? 
_diffrn.ambient_pressure_gt              ? 
_diffrn.ambient_pressure_lt              ? 
_diffrn.ambient_temp_gt                  ? 
_diffrn.ambient_temp_lt                  ? 
_diffrn.pdbx_serial_crystal_experiment   N 
# 
_diffrn_detector.details                      ? 
_diffrn_detector.detector                     'IMAGE PLATE' 
_diffrn_detector.diffrn_id                    1 
_diffrn_detector.type                         'RIGAKU RAXIS IV++' 
_diffrn_detector.area_resol_mean              ? 
_diffrn_detector.dtime                        ? 
_diffrn_detector.pdbx_frames_total            ? 
_diffrn_detector.pdbx_collection_time_total   ? 
_diffrn_detector.pdbx_collection_date         2010-03-15 
_diffrn_detector.pdbx_frequency               ? 
# 
_diffrn_radiation.collimation                      ? 
_diffrn_radiation.diffrn_id                        1 
_diffrn_radiation.filter_edge                      ? 
_diffrn_radiation.inhomogeneity                    ? 
_diffrn_radiation.monochromator                    ? 
_diffrn_radiation.polarisn_norm                    ? 
_diffrn_radiation.polarisn_ratio                   ? 
_diffrn_radiation.probe                            ? 
_diffrn_radiation.type                             ? 
_diffrn_radiation.xray_symbol                      ? 
_diffrn_radiation.wavelength_id                    1 
_diffrn_radiation.pdbx_monochromatic_or_laue_m_l   M 
_diffrn_radiation.pdbx_wavelength_list             ? 
_diffrn_radiation.pdbx_wavelength                  ? 
_diffrn_radiation.pdbx_diffrn_protocol             'SINGLE WAVELENGTH' 
_diffrn_radiation.pdbx_analyzer                    ? 
_diffrn_radiation.pdbx_scattering_type             x-ray 
# 
_diffrn_radiation_wavelength.id           1 
_diffrn_radiation_wavelength.wavelength   1.54 
_diffrn_radiation_wavelength.wt           1.0 
# 
_diffrn_source.current                     ? 
_diffrn_source.details                     ? 
_diffrn_source.diffrn_id                   1 
_diffrn_source.power                       ? 
_diffrn_source.size                        ? 
_diffrn_source.source                      'ROTATING ANODE' 
_diffrn_source.target                      ? 
_diffrn_source.type                        'RIGAKU MICROMAX-007 HF' 
_diffrn_source.voltage                     ? 
_diffrn_source.take-off_angle              ? 
_diffrn_source.pdbx_wavelength_list        1.54 
_diffrn_source.pdbx_wavelength             ? 
_diffrn_source.pdbx_synchrotron_beamline   ? 
_diffrn_source.pdbx_synchrotron_site       ? 
# 
_reflns.B_iso_Wilson_estimate            19.98 
_reflns.entry_id                         6X3R 
_reflns.data_reduction_details           ? 
_reflns.data_reduction_method            ? 
_reflns.d_resolution_high                1.800 
_reflns.d_resolution_low                 25.13 
_reflns.details                          ? 
_reflns.limit_h_max                      ? 
_reflns.limit_h_min                      ? 
_reflns.limit_k_max                      ? 
_reflns.limit_k_min                      ? 
_reflns.limit_l_max                      ? 
_reflns.limit_l_min                      ? 
_reflns.number_all                       ? 
_reflns.number_obs                       18908 
_reflns.observed_criterion               ? 
_reflns.observed_criterion_F_max         ? 
_reflns.observed_criterion_F_min         ? 
_reflns.observed_criterion_I_max         ? 
_reflns.observed_criterion_I_min         ? 
_reflns.observed_criterion_sigma_F       ? 
_reflns.observed_criterion_sigma_I       ? 
_reflns.percent_possible_obs             87.6 
_reflns.R_free_details                   ? 
_reflns.Rmerge_F_all                     ? 
_reflns.Rmerge_F_obs                     ? 
_reflns.Friedel_coverage                 ? 
_reflns.number_gt                        ? 
_reflns.threshold_expression             ? 
_reflns.pdbx_redundancy                  4.3 
_reflns.pdbx_Rmerge_I_obs                ? 
_reflns.pdbx_Rmerge_I_all                ? 
_reflns.pdbx_Rsym_value                  0.037 
_reflns.pdbx_netI_over_av_sigmaI         ? 
_reflns.pdbx_netI_over_sigmaI            57.56 
_reflns.pdbx_res_netI_over_av_sigmaI_2   ? 
_reflns.pdbx_res_netI_over_sigmaI_2      ? 
_reflns.pdbx_chi_squared                 ? 
_reflns.pdbx_scaling_rejects             ? 
_reflns.pdbx_d_res_high_opt              ? 
_reflns.pdbx_d_res_low_opt               ? 
_reflns.pdbx_d_res_opt_method            ? 
_reflns.phase_calculation_details        ? 
_reflns.pdbx_Rrim_I_all                  ? 
_reflns.pdbx_Rpim_I_all                  ? 
_reflns.pdbx_d_opt                       ? 
_reflns.pdbx_number_measured_all         ? 
_reflns.pdbx_diffrn_id                   1 
_reflns.pdbx_ordinal                     1 
_reflns.pdbx_CC_half                     ? 
_reflns.pdbx_CC_star                     ? 
_reflns.pdbx_R_split                     ? 
# 
_reflns_shell.d_res_high                  1.80 
_reflns_shell.d_res_low                   1.85 
_reflns_shell.meanI_over_sigI_all         ? 
_reflns_shell.meanI_over_sigI_obs         ? 
_reflns_shell.number_measured_all         ? 
_reflns_shell.number_measured_obs         ? 
_reflns_shell.number_possible             ? 
_reflns_shell.number_unique_all           ? 
_reflns_shell.number_unique_obs           1415 
_reflns_shell.percent_possible_all        ? 
_reflns_shell.percent_possible_obs        ? 
_reflns_shell.Rmerge_F_all                ? 
_reflns_shell.Rmerge_F_obs                ? 
_reflns_shell.Rmerge_I_all                ? 
_reflns_shell.Rmerge_I_obs                ? 
_reflns_shell.meanI_over_sigI_gt          ? 
_reflns_shell.meanI_over_uI_all           ? 
_reflns_shell.meanI_over_uI_gt            ? 
_reflns_shell.number_measured_gt          ? 
_reflns_shell.number_unique_gt            ? 
_reflns_shell.percent_possible_gt         ? 
_reflns_shell.Rmerge_F_gt                 ? 
_reflns_shell.Rmerge_I_gt                 ? 
_reflns_shell.pdbx_redundancy             ? 
_reflns_shell.pdbx_Rsym_value             0.08 
_reflns_shell.pdbx_chi_squared            ? 
_reflns_shell.pdbx_netI_over_sigmaI_all   ? 
_reflns_shell.pdbx_netI_over_sigmaI_obs   ? 
_reflns_shell.pdbx_Rrim_I_all             ? 
_reflns_shell.pdbx_Rpim_I_all             ? 
_reflns_shell.pdbx_rejects                ? 
_reflns_shell.pdbx_ordinal                1 
_reflns_shell.pdbx_diffrn_id              1 
_reflns_shell.pdbx_CC_half                ? 
_reflns_shell.pdbx_CC_star                ? 
_reflns_shell.pdbx_R_split                ? 
# 
_refine.aniso_B[1][1]                            ? 
_refine.aniso_B[1][2]                            ? 
_refine.aniso_B[1][3]                            ? 
_refine.aniso_B[2][2]                            ? 
_refine.aniso_B[2][3]                            ? 
_refine.aniso_B[3][3]                            ? 
_refine.B_iso_max                                ? 
_refine.B_iso_mean                               20.08 
_refine.B_iso_min                                ? 
_refine.correlation_coeff_Fo_to_Fc               ? 
_refine.correlation_coeff_Fo_to_Fc_free          ? 
_refine.details                                  ? 
_refine.diff_density_max                         ? 
_refine.diff_density_max_esd                     ? 
_refine.diff_density_min                         ? 
_refine.diff_density_min_esd                     ? 
_refine.diff_density_rms                         ? 
_refine.diff_density_rms_esd                     ? 
_refine.entry_id                                 6X3R 
_refine.pdbx_refine_id                           'X-RAY DIFFRACTION' 
_refine.ls_abs_structure_details                 ? 
_refine.ls_abs_structure_Flack                   ? 
_refine.ls_abs_structure_Flack_esd               ? 
_refine.ls_abs_structure_Rogers                  ? 
_refine.ls_abs_structure_Rogers_esd              ? 
_refine.ls_d_res_high                            1.80 
_refine.ls_d_res_low                             25.13 
_refine.ls_extinction_coef                       ? 
_refine.ls_extinction_coef_esd                   ? 
_refine.ls_extinction_expression                 ? 
_refine.ls_extinction_method                     ? 
_refine.ls_goodness_of_fit_all                   ? 
_refine.ls_goodness_of_fit_all_esd               ? 
_refine.ls_goodness_of_fit_obs                   ? 
_refine.ls_goodness_of_fit_obs_esd               ? 
_refine.ls_hydrogen_treatment                    ? 
_refine.ls_matrix_type                           ? 
_refine.ls_number_constraints                    ? 
_refine.ls_number_parameters                     ? 
_refine.ls_number_reflns_all                     ? 
_refine.ls_number_reflns_obs                     16568 
_refine.ls_number_reflns_R_free                  1658 
_refine.ls_number_reflns_R_work                  14910 
_refine.ls_number_restraints                     ? 
_refine.ls_percent_reflns_obs                    87.76 
_refine.ls_percent_reflns_R_free                 10.01 
_refine.ls_R_factor_all                          ? 
_refine.ls_R_factor_obs                          0.1694 
_refine.ls_R_factor_R_free                       0.1974 
_refine.ls_R_factor_R_free_error                 ? 
_refine.ls_R_factor_R_free_error_details         ? 
_refine.ls_R_factor_R_work                       0.1662 
_refine.ls_R_Fsqd_factor_obs                     ? 
_refine.ls_R_I_factor_obs                        ? 
_refine.ls_redundancy_reflns_all                 ? 
_refine.ls_redundancy_reflns_obs                 ? 
_refine.ls_restrained_S_all                      ? 
_refine.ls_restrained_S_obs                      ? 
_refine.ls_shift_over_esd_max                    ? 
_refine.ls_shift_over_esd_mean                   ? 
_refine.ls_structure_factor_coef                 ? 
_refine.ls_weighting_details                     ? 
_refine.ls_weighting_scheme                      ? 
_refine.ls_wR_factor_all                         ? 
_refine.ls_wR_factor_obs                         ? 
_refine.ls_wR_factor_R_free                      ? 
_refine.ls_wR_factor_R_work                      ? 
_refine.occupancy_max                            ? 
_refine.occupancy_min                            ? 
_refine.solvent_model_details                    'FLAT BULK SOLVENT MODEL' 
_refine.solvent_model_param_bsol                 ? 
_refine.solvent_model_param_ksol                 ? 
_refine.pdbx_R_complete                          ? 
_refine.ls_R_factor_gt                           ? 
_refine.ls_goodness_of_fit_gt                    ? 
_refine.ls_goodness_of_fit_ref                   ? 
_refine.ls_shift_over_su_max                     ? 
_refine.ls_shift_over_su_max_lt                  ? 
_refine.ls_shift_over_su_mean                    ? 
_refine.ls_shift_over_su_mean_lt                 ? 
_refine.pdbx_ls_sigma_I                          ? 
_refine.pdbx_ls_sigma_F                          1.34 
_refine.pdbx_ls_sigma_Fsqd                       ? 
_refine.pdbx_data_cutoff_high_absF               ? 
_refine.pdbx_data_cutoff_high_rms_absF           ? 
_refine.pdbx_data_cutoff_low_absF                ? 
_refine.pdbx_isotropic_thermal_model             ? 
_refine.pdbx_ls_cross_valid_method               'FREE R-VALUE' 
_refine.pdbx_method_to_determine_struct          'MOLECULAR REPLACEMENT' 
_refine.pdbx_starting_model                      'PDB entry 2CPL' 
_refine.pdbx_stereochemistry_target_values       'GeoStd + Monomer Library + CDL v1.2' 
_refine.pdbx_R_Free_selection_details            ? 
_refine.pdbx_stereochem_target_val_spec_case     ? 
_refine.pdbx_overall_ESU_R                       ? 
_refine.pdbx_overall_ESU_R_Free                  ? 
_refine.pdbx_solvent_vdw_probe_radii             1.1100 
_refine.pdbx_solvent_ion_probe_radii             ? 
_refine.pdbx_solvent_shrinkage_radii             0.9000 
_refine.pdbx_real_space_R                        ? 
_refine.pdbx_density_correlation                 ? 
_refine.pdbx_pd_number_of_powder_patterns        ? 
_refine.pdbx_pd_number_of_points                 ? 
_refine.pdbx_pd_meas_number_of_points            ? 
_refine.pdbx_pd_proc_ls_prof_R_factor            ? 
_refine.pdbx_pd_proc_ls_prof_wR_factor           ? 
_refine.pdbx_pd_Marquardt_correlation_coeff      ? 
_refine.pdbx_pd_Fsqrd_R_factor                   ? 
_refine.pdbx_pd_ls_matrix_band_width             ? 
_refine.pdbx_overall_phase_error                 18.1256 
_refine.pdbx_overall_SU_R_free_Cruickshank_DPI   ? 
_refine.pdbx_overall_SU_R_free_Blow_DPI          ? 
_refine.pdbx_overall_SU_R_Blow_DPI               ? 
_refine.pdbx_TLS_residual_ADP_flag               ? 
_refine.pdbx_diffrn_id                           1 
_refine.overall_SU_B                             ? 
_refine.overall_SU_ML                            0.1940 
_refine.overall_SU_R_Cruickshank_DPI             ? 
_refine.overall_SU_R_free                        ? 
_refine.overall_FOM_free_R_set                   ? 
_refine.overall_FOM_work_R_set                   ? 
_refine.pdbx_average_fsc_overall                 ? 
_refine.pdbx_average_fsc_work                    ? 
_refine.pdbx_average_fsc_free                    ? 
# 
_refine_hist.pdbx_refine_id                   'X-RAY DIFFRACTION' 
_refine_hist.cycle_id                         LAST 
_refine_hist.details                          ? 
_refine_hist.d_res_high                       1.80 
_refine_hist.d_res_low                        25.13 
_refine_hist.number_atoms_solvent             167 
_refine_hist.number_atoms_total               1420 
_refine_hist.number_reflns_all                ? 
_refine_hist.number_reflns_obs                ? 
_refine_hist.number_reflns_R_free             ? 
_refine_hist.number_reflns_R_work             ? 
_refine_hist.R_factor_all                     ? 
_refine_hist.R_factor_obs                     ? 
_refine_hist.R_factor_R_free                  ? 
_refine_hist.R_factor_R_work                  ? 
_refine_hist.pdbx_number_residues_total       ? 
_refine_hist.pdbx_B_iso_mean_ligand           ? 
_refine_hist.pdbx_B_iso_mean_solvent          ? 
_refine_hist.pdbx_number_atoms_protein        1221 
_refine_hist.pdbx_number_atoms_nucleic_acid   0 
_refine_hist.pdbx_number_atoms_ligand         32 
_refine_hist.pdbx_number_atoms_lipid          ? 
_refine_hist.pdbx_number_atoms_carb           ? 
_refine_hist.pdbx_pseudo_atom_details         ? 
# 
loop_
_refine_ls_restr.pdbx_refine_id 
_refine_ls_restr.criterion 
_refine_ls_restr.dev_ideal 
_refine_ls_restr.dev_ideal_target 
_refine_ls_restr.number 
_refine_ls_restr.rejects 
_refine_ls_restr.type 
_refine_ls_restr.weight 
_refine_ls_restr.pdbx_restraint_function 
'X-RAY DIFFRACTION' ? 0.0061 ? 1282 ? f_bond_d           ? ? 
'X-RAY DIFFRACTION' ? 0.8462 ? 1728 ? f_angle_d          ? ? 
'X-RAY DIFFRACTION' ? 0.0712 ? 180  ? f_chiral_restr     ? ? 
'X-RAY DIFFRACTION' ? 0.0041 ? 230  ? f_plane_restr      ? ? 
'X-RAY DIFFRACTION' ? 5.9830 ? 170  ? f_dihedral_angle_d ? ? 
# 
loop_
_refine_ls_shell.pdbx_refine_id 
_refine_ls_shell.d_res_high 
_refine_ls_shell.d_res_low 
_refine_ls_shell.number_reflns_all 
_refine_ls_shell.number_reflns_obs 
_refine_ls_shell.number_reflns_R_free 
_refine_ls_shell.number_reflns_R_work 
_refine_ls_shell.percent_reflns_obs 
_refine_ls_shell.percent_reflns_R_free 
_refine_ls_shell.R_factor_all 
_refine_ls_shell.R_factor_obs 
_refine_ls_shell.R_factor_R_free 
_refine_ls_shell.R_factor_R_free_error 
_refine_ls_shell.R_factor_R_work 
_refine_ls_shell.redundancy_reflns_all 
_refine_ls_shell.redundancy_reflns_obs 
_refine_ls_shell.wR_factor_all 
_refine_ls_shell.wR_factor_obs 
_refine_ls_shell.wR_factor_R_free 
_refine_ls_shell.wR_factor_R_work 
_refine_ls_shell.pdbx_R_complete 
_refine_ls_shell.pdbx_total_number_of_bins_used 
_refine_ls_shell.pdbx_phase_error 
_refine_ls_shell.pdbx_fsc_work 
_refine_ls_shell.pdbx_fsc_free 
'X-RAY DIFFRACTION' 1.80 1.85  . . 145 1309 93.75 . . . 0.2887 . 0.2092 . . . . . . . . . . . 
'X-RAY DIFFRACTION' 1.85 1.91  . . 142 1274 91.53 . . . 0.2046 . 0.1800 . . . . . . . . . . . 
'X-RAY DIFFRACTION' 1.91 1.98  . . 139 1247 90.47 . . . 0.2467 . 0.1561 . . . . . . . . . . . 
'X-RAY DIFFRACTION' 1.98 2.06  . . 138 1237 88.88 . . . 0.2266 . 0.1598 . . . . . . . . . . . 
'X-RAY DIFFRACTION' 2.06 2.15  . . 131 1183 85.16 . . . 0.2115 . 0.1643 . . . . . . . . . . . 
'X-RAY DIFFRACTION' 2.15 2.27  . . 129 1160 82.52 . . . 0.1854 . 0.1595 . . . . . . . . . . . 
'X-RAY DIFFRACTION' 2.27 2.41  . . 128 1146 81.67 . . . 0.1989 . 0.1592 . . . . . . . . . . . 
'X-RAY DIFFRACTION' 2.41 2.60  . . 121 1097 77.73 . . . 0.2126 . 0.1711 . . . . . . . . . . . 
'X-RAY DIFFRACTION' 2.60 2.86  . . 123 1102 78.12 . . . 0.2133 . 0.1835 . . . . . . . . . . . 
'X-RAY DIFFRACTION' 2.86 3.27  . . 144 1300 90.31 . . . 0.2028 . 0.1854 . . . . . . . . . . . 
'X-RAY DIFFRACTION' 3.27 4.11  . . 154 1376 95.57 . . . 0.1932 . 0.1634 . . . . . . . . . . . 
'X-RAY DIFFRACTION' 4.12 25.13 . . 164 1479 96.70 . . . 0.1552 . 0.1477 . . . . . . . . . . . 
# 
_struct.entry_id                     6X3R 
_struct.title                        'Human cyclophilin A bound to a series of acylcic and macrocyclic inhibitors' 
_struct.pdbx_model_details           ? 
_struct.pdbx_formula_weight          ? 
_struct.pdbx_formula_weight_method   ? 
_struct.pdbx_model_type_details      ? 
_struct.pdbx_CASP_flag               N 
# 
_struct_keywords.entry_id        6X3R 
_struct_keywords.text            
'Cyclophilin A, Sanglifehrin A, prolyl isomerase, macrocylcic inhibitor, peptidomimetic, ISOMERASE-ISOMERASE INHIBITOR complex' 
_struct_keywords.pdbx_keywords   'ISOMERASE/ISOMERASE INHIBITOR' 
# 
loop_
_struct_asym.id 
_struct_asym.pdbx_blank_PDB_chainid_flag 
_struct_asym.pdbx_modified 
_struct_asym.entity_id 
_struct_asym.details 
A N N 1 ? 
B N N 2 ? 
C N N 3 ? 
# 
loop_
_struct_conf.conf_type_id 
_struct_conf.id 
_struct_conf.pdbx_PDB_helix_id 
_struct_conf.beg_label_comp_id 
_struct_conf.beg_label_asym_id 
_struct_conf.beg_label_seq_id 
_struct_conf.pdbx_beg_PDB_ins_code 
_struct_conf.end_label_comp_id 
_struct_conf.end_label_asym_id 
_struct_conf.end_label_seq_id 
_struct_conf.pdbx_end_PDB_ins_code 
_struct_conf.beg_auth_comp_id 
_struct_conf.beg_auth_asym_id 
_struct_conf.beg_auth_seq_id 
_struct_conf.end_auth_comp_id 
_struct_conf.end_auth_asym_id 
_struct_conf.end_auth_seq_id 
_struct_conf.pdbx_PDB_helix_class 
_struct_conf.details 
_struct_conf.pdbx_PDB_helix_length 
HELX_P HELX_P1 AA1 VAL A 31  ? GLY A 44  ? VAL A 29  GLY A 42  1 ? 14 
HELX_P HELX_P2 AA2 THR A 121 ? ASP A 125 ? THR A 119 ASP A 123 5 ? 5  
HELX_P HELX_P3 AA3 GLY A 137 ? ARG A 146 ? GLY A 135 ARG A 144 1 ? 10 
# 
_struct_conf_type.id          HELX_P 
_struct_conf_type.criteria    ? 
_struct_conf_type.reference   ? 
# 
_struct_sheet.id               AA1 
_struct_sheet.type             ? 
_struct_sheet.number_strands   8 
_struct_sheet.details          ? 
# 
loop_
_struct_sheet_order.sheet_id 
_struct_sheet_order.range_id_1 
_struct_sheet_order.range_id_2 
_struct_sheet_order.offset 
_struct_sheet_order.sense 
AA1 1 2 ? anti-parallel 
AA1 2 3 ? anti-parallel 
AA1 3 4 ? anti-parallel 
AA1 4 5 ? anti-parallel 
AA1 5 6 ? anti-parallel 
AA1 6 7 ? anti-parallel 
AA1 7 8 ? anti-parallel 
# 
loop_
_struct_sheet_range.sheet_id 
_struct_sheet_range.id 
_struct_sheet_range.beg_label_comp_id 
_struct_sheet_range.beg_label_asym_id 
_struct_sheet_range.beg_label_seq_id 
_struct_sheet_range.pdbx_beg_PDB_ins_code 
_struct_sheet_range.end_label_comp_id 
_struct_sheet_range.end_label_asym_id 
_struct_sheet_range.end_label_seq_id 
_struct_sheet_range.pdbx_end_PDB_ins_code 
_struct_sheet_range.beg_auth_comp_id 
_struct_sheet_range.beg_auth_asym_id 
_struct_sheet_range.beg_auth_seq_id 
_struct_sheet_range.end_auth_comp_id 
_struct_sheet_range.end_auth_asym_id 
_struct_sheet_range.end_auth_seq_id 
AA1 1 PHE A 55  ? ILE A 59  ? PHE A 53  ILE A 57  
AA1 2 MET A 63  ? GLY A 66  ? MET A 61  GLY A 64  
AA1 3 PHE A 114 ? CYS A 117 ? PHE A 112 CYS A 115 
AA1 4 ILE A 99  ? MET A 102 ? ILE A 97  MET A 100 
AA1 5 VAL A 130 ? VAL A 134 ? VAL A 128 VAL A 132 
AA1 6 GLU A 17  ? LEU A 26  ? GLU A 15  LEU A 24  
AA1 7 THR A 7   ? VAL A 14  ? THR A 5   VAL A 12  
AA1 8 ILE A 158 ? GLN A 165 ? ILE A 156 GLN A 163 
# 
loop_
_pdbx_struct_sheet_hbond.sheet_id 
_pdbx_struct_sheet_hbond.range_id_1 
_pdbx_struct_sheet_hbond.range_id_2 
_pdbx_struct_sheet_hbond.range_1_label_atom_id 
_pdbx_struct_sheet_hbond.range_1_label_comp_id 
_pdbx_struct_sheet_hbond.range_1_label_asym_id 
_pdbx_struct_sheet_hbond.range_1_label_seq_id 
_pdbx_struct_sheet_hbond.range_1_PDB_ins_code 
_pdbx_struct_sheet_hbond.range_1_auth_atom_id 
_pdbx_struct_sheet_hbond.range_1_auth_comp_id 
_pdbx_struct_sheet_hbond.range_1_auth_asym_id 
_pdbx_struct_sheet_hbond.range_1_auth_seq_id 
_pdbx_struct_sheet_hbond.range_2_label_atom_id 
_pdbx_struct_sheet_hbond.range_2_label_comp_id 
_pdbx_struct_sheet_hbond.range_2_label_asym_id 
_pdbx_struct_sheet_hbond.range_2_label_seq_id 
_pdbx_struct_sheet_hbond.range_2_PDB_ins_code 
_pdbx_struct_sheet_hbond.range_2_auth_atom_id 
_pdbx_struct_sheet_hbond.range_2_auth_comp_id 
_pdbx_struct_sheet_hbond.range_2_auth_asym_id 
_pdbx_struct_sheet_hbond.range_2_auth_seq_id 
AA1 1 2 N ARG A 57  ? N ARG A 55  O GLN A 65  ? O GLN A 63  
AA1 2 3 N CYS A 64  ? N CYS A 62  O ILE A 116 ? O ILE A 114 
AA1 3 4 O CYS A 117 ? O CYS A 115 N ILE A 99  ? N ILE A 97  
AA1 4 5 N LEU A 100 ? N LEU A 98  O GLY A 132 ? O GLY A 130 
AA1 5 6 O LYS A 133 ? O LYS A 131 N GLU A 25  ? N GLU A 23  
AA1 6 7 O GLY A 20  ? O GLY A 18  N ILE A 12  ? N ILE A 10  
AA1 7 8 N ASP A 11  ? N ASP A 9   O ASP A 162 ? O ASP A 160 
# 
_struct_site.id                   AC1 
_struct_site.pdbx_evidence_code   Software 
_struct_site.pdbx_auth_asym_id    A 
_struct_site.pdbx_auth_comp_id    ZXX 
_struct_site.pdbx_auth_seq_id     400 
_struct_site.pdbx_auth_ins_code   ? 
_struct_site.pdbx_num_residues    17 
_struct_site.details              'binding site for residue ZXX A 400' 
# 
loop_
_struct_site_gen.id 
_struct_site_gen.site_id 
_struct_site_gen.pdbx_num_res 
_struct_site_gen.label_comp_id 
_struct_site_gen.label_asym_id 
_struct_site_gen.label_seq_id 
_struct_site_gen.pdbx_auth_ins_code 
_struct_site_gen.auth_comp_id 
_struct_site_gen.auth_asym_id 
_struct_site_gen.auth_seq_id 
_struct_site_gen.label_atom_id 
_struct_site_gen.label_alt_id 
_struct_site_gen.symmetry 
_struct_site_gen.details 
1  AC1 17 ARG A 57  ? ARG A 55  . ? 1_555 ? 
2  AC1 17 ILE A 59  ? ILE A 57  . ? 1_555 ? 
3  AC1 17 PHE A 62  ? PHE A 60  . ? 1_555 ? 
4  AC1 17 GLN A 65  ? GLN A 63  . ? 1_555 ? 
5  AC1 17 GLY A 74  ? GLY A 72  . ? 1_555 ? 
6  AC1 17 GLU A 88  ? GLU A 86  . ? 4_556 ? 
7  AC1 17 ASN A 89  ? ASN A 87  . ? 4_556 ? 
8  AC1 17 ALA A 103 ? ALA A 101 . ? 1_555 ? 
9  AC1 17 ASN A 104 ? ASN A 102 . ? 1_555 ? 
10 AC1 17 ALA A 105 ? ALA A 103 . ? 1_555 ? 
11 AC1 17 GLN A 113 ? GLN A 111 . ? 1_555 ? 
12 AC1 17 PHE A 115 ? PHE A 113 . ? 1_555 ? 
13 AC1 17 HIS A 128 ? HIS A 126 . ? 1_555 ? 
14 AC1 17 HOH C .   ? HOH A 501 . ? 1_555 ? 
15 AC1 17 HOH C .   ? HOH A 527 . ? 1_555 ? 
16 AC1 17 HOH C .   ? HOH A 573 . ? 1_555 ? 
17 AC1 17 HOH C .   ? HOH A 588 . ? 4_556 ? 
# 
_atom_sites.entry_id                    6X3R 
_atom_sites.Cartn_transf_matrix[1][1]   ? 
_atom_sites.Cartn_transf_matrix[1][2]   ? 
_atom_sites.Cartn_transf_matrix[1][3]   ? 
_atom_sites.Cartn_transf_matrix[2][1]   ? 
_atom_sites.Cartn_transf_matrix[2][2]   ? 
_atom_sites.Cartn_transf_matrix[2][3]   ? 
_atom_sites.Cartn_transf_matrix[3][1]   ? 
_atom_sites.Cartn_transf_matrix[3][2]   ? 
_atom_sites.Cartn_transf_matrix[3][3]   ? 
_atom_sites.Cartn_transf_vector[1]      ? 
_atom_sites.Cartn_transf_vector[2]      ? 
_atom_sites.Cartn_transf_vector[3]      ? 
_atom_sites.fract_transf_matrix[1][1]   0.00077157 
_atom_sites.fract_transf_matrix[1][2]   -0.01222741 
_atom_sites.fract_transf_matrix[1][3]   0.02028289 
_atom_sites.fract_transf_matrix[2][1]   -0.01027063 
_atom_sites.fract_transf_matrix[2][2]   0.01359732 
_atom_sites.fract_transf_matrix[2][3]   0.00858776 
_atom_sites.fract_transf_matrix[3][1]   -0.00948698 
_atom_sites.fract_transf_matrix[3][2]   -0.00535498 
_atom_sites.fract_transf_matrix[3][3]   -0.00286733 
_atom_sites.fract_transf_vector[1]      0.404946 
_atom_sites.fract_transf_vector[2]      0.302452 
_atom_sites.fract_transf_vector[3]      0.656302 
_atom_sites.solution_primary            ? 
_atom_sites.solution_secondary          ? 
_atom_sites.solution_hydrogens          ? 
_atom_sites.special_details             ? 
# 
loop_
_atom_type.symbol 
_atom_type.scat_dispersion_real 
_atom_type.scat_dispersion_imag 
_atom_type.scat_Cromer_Mann_a1 
_atom_type.scat_Cromer_Mann_a2 
_atom_type.scat_Cromer_Mann_a3 
_atom_type.scat_Cromer_Mann_a4 
_atom_type.scat_Cromer_Mann_b1 
_atom_type.scat_Cromer_Mann_b2 
_atom_type.scat_Cromer_Mann_b3 
_atom_type.scat_Cromer_Mann_b4 
_atom_type.scat_Cromer_Mann_c 
_atom_type.scat_source 
_atom_type.scat_dispersion_source 
C ? ? 3.54356 2.42580 ? ? 25.62398 1.50364  ? ? 0.0 
;2-Gaussian fit: Grosse-Kunstleve RW, Sauter NK, Adams PD: Newsletter of the IUCr Commission on Crystallographic Computing 2004, 3, 22-31.
;
? 
N ? ? 4.01032 2.96436 ? ? 19.97189 1.75589  ? ? 0.0 
;2-Gaussian fit: Grosse-Kunstleve RW, Sauter NK, Adams PD: Newsletter of the IUCr Commission on Crystallographic Computing 2004, 3, 22-31.
;
? 
O ? ? 4.49882 3.47563 ? ? 15.80542 1.70748  ? ? 0.0 
;2-Gaussian fit: Grosse-Kunstleve RW, Sauter NK, Adams PD: Newsletter of the IUCr Commission on Crystallographic Computing 2004, 3, 22-31.
;
? 
S ? ? 9.55732 6.39887 ? ? 1.23737  29.19336 ? ? 0.0 
;2-Gaussian fit: Grosse-Kunstleve RW, Sauter NK, Adams PD: Newsletter of the IUCr Commission on Crystallographic Computing 2004, 3, 22-31.
;
? 
# 
loop_
_atom_site.group_PDB 
_atom_site.id 
_atom_site.type_symbol 
_atom_site.label_atom_id 
_atom_site.label_alt_id 
_atom_site.label_comp_id 
_atom_site.label_asym_id 
_atom_site.label_entity_id 
_atom_site.label_seq_id 
_atom_site.pdbx_PDB_ins_code 
_atom_site.Cartn_x 
_atom_site.Cartn_y 
_atom_site.Cartn_z 
_atom_site.occupancy 
_atom_site.B_iso_or_equiv 
_atom_site.pdbx_formal_charge 
_atom_site.auth_seq_id 
_atom_site.auth_comp_id 
_atom_site.auth_asym_id 
_atom_site.auth_atom_id 
_atom_site.pdbx_PDB_model_num 
ATOM   1    N N   . VAL A 1 4   ? -10.58189 14.90834  -9.54984  1.000 47.76847 ? 2   VAL A N   1 
ATOM   2    C CA  . VAL A 1 4   ? -9.92433  14.11999  -10.58275 1.000 35.30972 ? 2   VAL A CA  1 
ATOM   3    C C   . VAL A 1 4   ? -9.09396  12.99755  -9.94621  1.000 30.79721 ? 2   VAL A C   1 
ATOM   4    O O   . VAL A 1 4   ? -8.89904  11.95074  -10.56533 1.000 31.83129 ? 2   VAL A O   1 
ATOM   5    C CB  . VAL A 1 4   ? -9.04086  15.01469  -11.50004 1.000 34.93726 ? 2   VAL A CB  1 
ATOM   6    C CG1 . VAL A 1 4   ? -8.79574  14.34522  -12.84014 1.000 38.78881 ? 2   VAL A CG1 1 
ATOM   7    C CG2 . VAL A 1 4   ? -9.68495  16.37093  -11.69900 1.000 45.61299 ? 2   VAL A CG2 1 
ATOM   8    N N   . ASN A 1 5   ? -8.61448  13.20195  -8.71838  1.000 22.67048 ? 3   ASN A N   1 
ATOM   9    C CA  . ASN A 1 5   ? -7.75564  12.20225  -8.09251  1.000 19.52221 ? 3   ASN A CA  1 
ATOM   10   C C   . ASN A 1 5   ? -8.54063  10.90660  -7.88882  1.000 24.71766 ? 3   ASN A C   1 
ATOM   11   O O   . ASN A 1 5   ? -9.63774  10.93633  -7.31418  1.000 23.20160 ? 3   ASN A O   1 
ATOM   12   C CB  . ASN A 1 5   ? -7.20429  12.71594  -6.75741  1.000 21.39745 ? 3   ASN A CB  1 
ATOM   13   C CG  . ASN A 1 5   ? -5.94440  13.58551  -6.92212  1.000 20.58098 ? 3   ASN A CG  1 
ATOM   14   O OD1 . ASN A 1 5   ? -5.36661  13.68048  -8.00759  1.000 22.48904 ? 3   ASN A OD1 1 
ATOM   15   N ND2 . ASN A 1 5   ? -5.51975  14.21265  -5.83818  1.000 19.86524 ? 3   ASN A ND2 1 
ATOM   16   N N   . PRO A 1 6   ? -8.03271  9.76451   -8.35363  1.000 20.94696 ? 4   PRO A N   1 
ATOM   17   C CA  . PRO A 1 6   ? -8.77464  8.50587   -8.21199  1.000 20.32814 ? 4   PRO A CA  1 
ATOM   18   C C   . PRO A 1 6   ? -8.95925  8.09933   -6.75879  1.000 20.21228 ? 4   PRO A C   1 
ATOM   19   O O   . PRO A 1 6   ? -8.11494  8.36648   -5.89686  1.000 20.52384 ? 4   PRO A O   1 
ATOM   20   C CB  . PRO A 1 6   ? -7.89436  7.48139   -8.94177  1.000 23.47031 ? 4   PRO A CB  1 
ATOM   21   C CG  . PRO A 1 6   ? -6.87337  8.25317   -9.68941  1.000 21.39701 ? 4   PRO A CG  1 
ATOM   22   C CD  . PRO A 1 6   ? -6.72914  9.58101   -9.01409  1.000 19.08920 ? 4   PRO A CD  1 
ATOM   23   N N   . THR A 1 7   ? -10.08007 7.42724   -6.49517  1.000 18.21720 ? 5   THR A N   1 
ATOM   24   C CA  . THR A 1 7   ? -10.29957 6.74117   -5.22519  1.000 19.93079 ? 5   THR A CA  1 
ATOM   25   C C   . THR A 1 7   ? -10.32444 5.23907   -5.47372  1.000 21.83904 ? 5   THR A C   1 
ATOM   26   O O   . THR A 1 7   ? -11.07587 4.75828   -6.33262  1.000 22.54514 ? 5   THR A O   1 
ATOM   27   C CB  . THR A 1 7   ? -11.60966 7.16978   -4.55624  1.000 22.67596 ? 5   THR A CB  1 
ATOM   28   O OG1 . THR A 1 7   ? -11.60809 8.58821   -4.33850  1.000 21.73299 ? 5   THR A OG1 1 
ATOM   29   C CG2 . THR A 1 7   ? -11.76543 6.45662   -3.23758  1.000 21.58888 ? 5   THR A CG2 1 
ATOM   30   N N   . VAL A 1 8   ? -9.49826  4.50255   -4.73786  1.000 15.95997 ? 6   VAL A N   1 
ATOM   31   C CA  . VAL A 1 8   ? -9.50425  3.04940   -4.82756  1.000 12.62810 ? 6   VAL A CA  1 
ATOM   32   C C   . VAL A 1 8   ? -9.82077  2.49474   -3.44607  1.000 17.05576 ? 6   VAL A C   1 
ATOM   33   O O   . VAL A 1 8   ? -9.65611  3.17003   -2.43240  1.000 16.51249 ? 6   VAL A O   1 
ATOM   34   C CB  . VAL A 1 8   ? -8.16470  2.49348   -5.35234  1.000 23.07328 ? 6   VAL A CB  1 
ATOM   35   C CG1 . VAL A 1 8   ? -7.93110  2.93576   -6.78427  1.000 22.43904 ? 6   VAL A CG1 1 
ATOM   36   C CG2 . VAL A 1 8   ? -7.04201  2.96335   -4.48205  1.000 18.64855 ? 6   VAL A CG2 1 
ATOM   37   N N   . PHE A 1 9   ? -10.28912 1.24915   -3.41038  1.000 18.21999 ? 7   PHE A N   1 
ATOM   38   C CA  . PHE A 1 9   ? -10.65588 0.62124   -2.15219  1.000 17.17233 ? 7   PHE A CA  1 
ATOM   39   C C   . PHE A 1 9   ? -10.01049 -0.75344  -2.04350  1.000 16.08207 ? 7   PHE A C   1 
ATOM   40   O O   . PHE A 1 9   ? -9.76555  -1.42670  -3.04796  1.000 16.08314 ? 7   PHE A O   1 
ATOM   41   C CB  . PHE A 1 9   ? -12.18610 0.49611   -2.00636  1.000 16.80137 ? 7   PHE A CB  1 
ATOM   42   C CG  . PHE A 1 9   ? -12.78690 -0.57232  -2.86910  1.000 18.48723 ? 7   PHE A CG  1 
ATOM   43   C CD1 . PHE A 1 9   ? -13.21537 -0.28020  -4.14864  1.000 19.23350 ? 7   PHE A CD1 1 
ATOM   44   C CD2 . PHE A 1 9   ? -12.91706 -1.87921  -2.40149  1.000 21.30181 ? 7   PHE A CD2 1 
ATOM   45   C CE1 . PHE A 1 9   ? -13.75827 -1.27318  -4.95275  1.000 24.99797 ? 7   PHE A CE1 1 
ATOM   46   C CE2 . PHE A 1 9   ? -13.45386 -2.86564  -3.19920  1.000 18.25611 ? 7   PHE A CE2 1 
ATOM   47   C CZ  . PHE A 1 9   ? -13.87386 -2.56520  -4.47374  1.000 18.42550 ? 7   PHE A CZ  1 
ATOM   48   N N   . PHE A 1 10  ? -9.73447  -1.15060  -0.80405  1.000 16.42707 ? 8   PHE A N   1 
ATOM   49   C CA  . PHE A 1 10  ? -9.37477  -2.51169  -0.43639  1.000 14.55795 ? 8   PHE A CA  1 
ATOM   50   C C   . PHE A 1 10  ? -10.44437 -3.03129  0.51106   1.000 17.59943 ? 8   PHE A C   1 
ATOM   51   O O   . PHE A 1 10  ? -10.76558 -2.36448  1.49939   1.000 19.28689 ? 8   PHE A O   1 
ATOM   52   C CB  . PHE A 1 10  ? -8.03752  -2.59120  0.32178   1.000 13.38645 ? 8   PHE A CB  1 
ATOM   53   C CG  . PHE A 1 10  ? -6.80415  -2.29147  -0.48778  1.000 16.35779 ? 8   PHE A CG  1 
ATOM   54   C CD1 . PHE A 1 10  ? -6.83242  -2.15401  -1.86142  1.000 16.39326 ? 8   PHE A CD1 1 
ATOM   55   C CD2 . PHE A 1 10  ? -5.58187  -2.16139  0.17331   1.000 17.44320 ? 8   PHE A CD2 1 
ATOM   56   C CE1 . PHE A 1 10  ? -5.66330  -1.88165  -2.57932  1.000 18.12737 ? 8   PHE A CE1 1 
ATOM   57   C CE2 . PHE A 1 10  ? -4.41542  -1.89781  -0.53731  1.000 15.92925 ? 8   PHE A CE2 1 
ATOM   58   C CZ  . PHE A 1 10  ? -4.46436  -1.76485  -1.91575  1.000 15.45880 ? 8   PHE A CZ  1 
ATOM   59   N N   . ASP A 1 11  ? -10.96521 -4.23008  0.24811   1.000 16.04834 ? 9   ASP A N   1 
ATOM   60   C CA  . ASP A 1 11  ? -11.79370 -4.93520  1.21854   1.000 17.99996 ? 9   ASP A CA  1 
ATOM   61   C C   . ASP A 1 11  ? -10.88876 -5.93602  1.92834   1.000 18.06091 ? 9   ASP A C   1 
ATOM   62   O O   . ASP A 1 11  ? -10.37495 -6.86919  1.30255   1.000 16.20367 ? 9   ASP A O   1 
ATOM   63   C CB  . ASP A 1 11  ? -12.98145 -5.61588  0.54060   1.000 14.79669 ? 9   ASP A CB  1 
ATOM   64   C CG  . ASP A 1 11  ? -14.06917 -4.62963  0.15105   1.000 20.78268 ? 9   ASP A CG  1 
ATOM   65   O OD1 . ASP A 1 11  ? -14.17148 -3.55716  0.78724   1.000 22.34642 ? 9   ASP A OD1 1 
ATOM   66   O OD2 . ASP A 1 11  ? -14.82824 -4.92183  -0.79390  1.000 23.08924 ? 9   ASP A OD2 1 
ATOM   67   N N   . ILE A 1 12  ? -10.65797 -5.71143  3.22273   1.000 14.78046 ? 10  ILE A N   1 
ATOM   68   C CA  . ILE A 1 12  ? -9.67937  -6.46845  4.00321   1.000 15.09529 ? 10  ILE A CA  1 
ATOM   69   C C   . ILE A 1 12  ? -10.36678 -7.65125  4.67106   1.000 18.25213 ? 10  ILE A C   1 
ATOM   70   O O   . ILE A 1 12  ? -11.51403 -7.54528  5.11753   1.000 15.97376 ? 10  ILE A O   1 
ATOM   71   C CB  . ILE A 1 12  ? -9.00453  -5.55639  5.04961   1.000 17.73565 ? 10  ILE A CB  1 
ATOM   72   C CG1 . ILE A 1 12  ? -8.33335  -4.36485  4.36133   1.000 17.65264 ? 10  ILE A CG1 1 
ATOM   73   C CG2 . ILE A 1 12  ? -7.98743  -6.32618  5.90613   1.000 14.60172 ? 10  ILE A CG2 1 
ATOM   74   C CD1 . ILE A 1 12  ? -7.19252  -4.74204  3.45749   1.000 16.92153 ? 10  ILE A CD1 1 
ATOM   75   N N   . ALA A 1 13  ? -9.66692  -8.78749  4.72955   1.000 16.48375 ? 11  ALA A N   1 
ATOM   76   C CA  . ALA A 1 13  ? -10.14328 -9.97638  5.42271   1.000 17.79357 ? 11  ALA A CA  1 
ATOM   77   C C   . ALA A 1 13  ? -9.05223  -10.49049 6.34815   1.000 21.05451 ? 11  ALA A C   1 
ATOM   78   O O   . ALA A 1 13  ? -7.85944  -10.29163 6.09758   1.000 17.54110 ? 11  ALA A O   1 
ATOM   79   C CB  . ALA A 1 13  ? -10.56185 -11.07204 4.45457   1.000 19.62621 ? 11  ALA A CB  1 
ATOM   80   N N   . VAL A 1 14  ? -9.47623  -11.14345 7.42723   1.000 15.88513 ? 12  VAL A N   1 
ATOM   81   C CA  . VAL A 1 14  ? -8.58585  -11.62641 8.48362   1.000 21.00758 ? 12  VAL A CA  1 
ATOM   82   C C   . VAL A 1 14  ? -8.83907  -13.11458 8.62983   1.000 25.81382 ? 12  VAL A C   1 
ATOM   83   O O   . VAL A 1 14  ? -9.92363  -13.51839 9.06696   1.000 21.76468 ? 12  VAL A O   1 
ATOM   84   C CB  . VAL A 1 14  ? -8.82330  -10.89763 9.81143   1.000 19.96862 ? 12  VAL A CB  1 
ATOM   85   C CG1 . VAL A 1 14  ? -7.94486  -11.49255 10.92524  1.000 18.79753 ? 12  VAL A CG1 1 
ATOM   86   C CG2 . VAL A 1 14  ? -8.56518  -9.39943  9.64073   1.000 22.67164 ? 12  VAL A CG2 1 
ATOM   87   N N   . ASP A 1 15  ? -7.84772  -13.93104 8.26914   1.000 19.52205 ? 13  ASP A N   1 
ATOM   88   C CA  . ASP A 1 15  ? -8.04481  -15.38105 8.14074   1.000 23.43265 ? 13  ASP A CA  1 
ATOM   89   C C   . ASP A 1 15  ? -9.32296  -15.69824 7.35661   1.000 25.54687 ? 13  ASP A C   1 
ATOM   90   O O   . ASP A 1 15  ? -10.10735 -16.58259 7.71686   1.000 23.71544 ? 13  ASP A O   1 
ATOM   91   C CB  . ASP A 1 15  ? -8.05463  -16.05784 9.51078   1.000 22.25227 ? 13  ASP A CB  1 
ATOM   92   C CG  . ASP A 1 15  ? -6.65697  -16.32749 10.02659  1.000 30.75841 ? 13  ASP A CG  1 
ATOM   93   O OD1 . ASP A 1 15  ? -5.70842  -16.24249 9.22007   1.000 23.96475 ? 13  ASP A OD1 1 
ATOM   94   O OD2 . ASP A 1 15  ? -6.49993  -16.61525 11.22979  1.000 35.62901 ? 13  ASP A OD2 1 
ATOM   95   N N   . GLY A 1 16  ? -9.54079  -14.95805 6.27317   1.000 20.08827 ? 14  GLY A N   1 
ATOM   96   C CA  . GLY A 1 16  ? -10.69681 -15.16721 5.42505   1.000 25.59850 ? 14  GLY A CA  1 
ATOM   97   C C   . GLY A 1 16  ? -11.98214 -14.51761 5.89131   1.000 26.08557 ? 14  GLY A C   1 
ATOM   98   O O   . GLY A 1 16  ? -12.96351 -14.51858 5.13473   1.000 27.58580 ? 14  GLY A O   1 
ATOM   99   N N   . GLU A 1 17  ? -12.02404 -13.96811 7.10290   1.000 23.23363 ? 15  GLU A N   1 
ATOM   100  C CA  . GLU A 1 17  ? -13.25840 -13.34648 7.58847   1.000 25.01898 ? 15  GLU A CA  1 
ATOM   101  C C   . GLU A 1 17  ? -13.25072 -11.85963 7.27101   1.000 24.94860 ? 15  GLU A C   1 
ATOM   102  O O   . GLU A 1 17  ? -12.24228 -11.18785 7.51724   1.000 22.31913 ? 15  GLU A O   1 
ATOM   103  C CB  . GLU A 1 17  ? -13.41749 -13.54267 9.09029   1.000 28.16244 ? 15  GLU A CB  1 
ATOM   104  C CG  . GLU A 1 17  ? -13.77118 -14.96569 9.49133   1.000 38.24536 ? 15  GLU A CG  1 
ATOM   105  C CD  . GLU A 1 17  ? -15.15155 -15.38373 8.99606   1.000 50.28043 ? 15  GLU A CD  1 
ATOM   106  O OE1 . GLU A 1 17  ? -16.03660 -14.50520 8.86740   1.000 49.51364 ? 15  GLU A OE1 1 
ATOM   107  O OE2 . GLU A 1 17  ? -15.34713 -16.58908 8.72826   1.000 53.12364 ? 15  GLU A OE2 1 
ATOM   108  N N   . PRO A 1 18  ? -14.33605 -11.31173 6.73326   1.000 20.94403 ? 16  PRO A N   1 
ATOM   109  C CA  . PRO A 1 18  ? -14.31628 -9.89750  6.34565   1.000 20.53440 ? 16  PRO A CA  1 
ATOM   110  C C   . PRO A 1 18  ? -14.12722 -9.00349  7.55867   1.000 18.68480 ? 16  PRO A C   1 
ATOM   111  O O   . PRO A 1 18  ? -14.70854 -9.22791  8.62375   1.000 22.56719 ? 16  PRO A O   1 
ATOM   112  C CB  . PRO A 1 18  ? -15.68224 -9.68964  5.67793   1.000 22.57365 ? 16  PRO A CB  1 
ATOM   113  C CG  . PRO A 1 18  ? -16.08690 -11.05141 5.24316   1.000 24.19681 ? 16  PRO A CG  1 
ATOM   114  C CD  . PRO A 1 18  ? -15.56916 -11.98572 6.28922   1.000 22.88411 ? 16  PRO A CD  1 
ATOM   115  N N   . LEU A 1 19  ? -13.25577 -8.01040  7.40296   1.000 16.10019 ? 17  LEU A N   1 
ATOM   116  C CA  . LEU A 1 19  ? -12.98540 -7.02917  8.44269   1.000 17.10187 ? 17  LEU A CA  1 
ATOM   117  C C   . LEU A 1 19  ? -13.58262 -5.67712  8.09586   1.000 19.28433 ? 17  LEU A C   1 
ATOM   118  O O   . LEU A 1 19  ? -14.32731 -5.10643  8.89148   1.000 18.52895 ? 17  LEU A O   1 
ATOM   119  C CB  . LEU A 1 19  ? -11.46775 -6.88973  8.66808   1.000 18.61791 ? 17  LEU A CB  1 
ATOM   120  C CG  . LEU A 1 19  ? -10.99677 -5.84384  9.67965   1.000 17.15053 ? 17  LEU A CG  1 
ATOM   121  C CD1 . LEU A 1 19  ? -11.44003 -6.23832  11.07566  1.000 21.59109 ? 17  LEU A CD1 1 
ATOM   122  C CD2 . LEU A 1 19  ? -9.47098  -5.66489  9.65378   1.000 19.43099 ? 17  LEU A CD2 1 
ATOM   123  N N   . GLY A 1 20  ? -13.30291 -5.16998  6.90392   1.000 16.51990 ? 18  GLY A N   1 
ATOM   124  C CA  . GLY A 1 20  ? -13.87652 -3.90863  6.48453   1.000 17.89865 ? 18  GLY A CA  1 
ATOM   125  C C   . GLY A 1 20  ? -13.13764 -3.36743  5.28001   1.000 18.68961 ? 18  GLY A C   1 
ATOM   126  O O   . GLY A 1 20  ? -12.26150 -4.02773  4.71608   1.000 18.98424 ? 18  GLY A O   1 
ATOM   127  N N   . ARG A 1 21  ? -13.50568 -2.14689  4.90294   1.000 17.64767 ? 19  ARG A N   1 
ATOM   128  C CA  . ARG A 1 21  ? -13.02545 -1.52084  3.68037   1.000 15.96810 ? 19  ARG A CA  1 
ATOM   129  C C   . ARG A 1 21  ? -12.15999 -0.30555  3.99597   1.000 18.39625 ? 19  ARG A C   1 
ATOM   130  O O   . ARG A 1 21  ? -12.50717 0.51774   4.85369   1.000 16.23018 ? 19  ARG A O   1 
ATOM   131  C CB  . ARG A 1 21  ? -14.19910 -1.10122  2.79469   1.000 16.02457 ? 19  ARG A CB  1 
ATOM   132  C CG  . ARG A 1 21  ? -13.79970 -0.23638  1.61342   1.000 16.23781 ? 19  ARG A CG  1 
ATOM   133  C CD  . ARG A 1 21  ? -14.99845 -0.00442  0.70744   1.000 18.83724 ? 19  ARG A CD  1 
ATOM   134  N NE  . ARG A 1 21  ? -15.30957 -1.18583  -0.09225  1.000 22.41559 ? 19  ARG A NE  1 
ATOM   135  C CZ  . ARG A 1 21  ? -16.20891 -1.20745  -1.07081  1.000 22.17359 ? 19  ARG A CZ  1 
ATOM   136  N NH1 . ARG A 1 21  ? -16.89361 -0.10852  -1.36343  1.000 22.26606 ? 19  ARG A NH1 1 
ATOM   137  N NH2 . ARG A 1 21  ? -16.41783 -2.32188  -1.76217  1.000 23.61843 ? 19  ARG A NH2 1 
ATOM   138  N N   . VAL A 1 22  ? -11.02994 -0.19595  3.29404   1.000 17.03106 ? 20  VAL A N   1 
ATOM   139  C CA  . VAL A 1 22  ? -10.18288 0.98708   3.33164   1.000 16.72632 ? 20  VAL A CA  1 
ATOM   140  C C   . VAL A 1 22  ? -10.22281 1.61298   1.94935   1.000 15.88304 ? 20  VAL A C   1 
ATOM   141  O O   . VAL A 1 22  ? -10.03244 0.91557   0.94886   1.000 17.29047 ? 20  VAL A O   1 
ATOM   142  C CB  . VAL A 1 22  ? -8.73477  0.64169   3.72354   1.000 14.33899 ? 20  VAL A CB  1 
ATOM   143  C CG1 . VAL A 1 22  ? -7.89694  1.93037   3.84128   1.000 17.37755 ? 20  VAL A CG1 1 
ATOM   144  C CG2 . VAL A 1 22  ? -8.70196  -0.17380  5.01511   1.000 20.59403 ? 20  VAL A CG2 1 
ATOM   145  N N   . SER A 1 23  ? -10.46642 2.91651   1.88318   1.000 14.60546 ? 21  SER A N   1 
ATOM   146  C CA  . SER A 1 23  ? -10.37202 3.61382   0.61009   1.000 14.94635 ? 21  SER A CA  1 
ATOM   147  C C   . SER A 1 23  ? -9.23508  4.62386   0.65668   1.000 14.17414 ? 21  SER A C   1 
ATOM   148  O O   . SER A 1 23  ? -8.89837  5.15488   1.71903   1.000 19.02858 ? 21  SER A O   1 
ATOM   149  C CB  . SER A 1 23  ? -11.68172 4.31351   0.24731   1.000 20.36995 ? 21  SER A CB  1 
ATOM   150  O OG  . SER A 1 23  ? -11.94886 5.37349   1.13735   1.000 23.49319 ? 21  SER A OG  1 
ATOM   151  N N   . PHE A 1 24  ? -8.64569  4.87779   -0.50896  1.000 15.95338 ? 22  PHE A N   1 
ATOM   152  C CA  . PHE A 1 24  ? -7.50271  5.77424   -0.63468  1.000 16.10505 ? 22  PHE A CA  1 
ATOM   153  C C   . PHE A 1 24  ? -7.75853  6.81805   -1.70636  1.000 14.62516 ? 22  PHE A C   1 
ATOM   154  O O   . PHE A 1 24  ? -8.27058  6.49830   -2.78159  1.000 17.53166 ? 22  PHE A O   1 
ATOM   155  C CB  . PHE A 1 24  ? -6.22033  5.01883   -1.02577  1.000 14.60232 ? 22  PHE A CB  1 
ATOM   156  C CG  . PHE A 1 24  ? -5.94192  3.80066   -0.20005  1.000 15.98024 ? 22  PHE A CG  1 
ATOM   157  C CD1 . PHE A 1 24  ? -6.45739  2.56186   -0.56031  1.000 18.08758 ? 22  PHE A CD1 1 
ATOM   158  C CD2 . PHE A 1 24  ? -5.12242  3.88151   0.92209   1.000 18.36757 ? 22  PHE A CD2 1 
ATOM   159  C CE1 . PHE A 1 24  ? -6.18368  1.42994   0.19596   1.000 16.68895 ? 22  PHE A CE1 1 
ATOM   160  C CE2 . PHE A 1 24  ? -4.85100  2.74974   1.69230   1.000 16.02809 ? 22  PHE A CE2 1 
ATOM   161  C CZ  . PHE A 1 24  ? -5.37463  1.52659   1.32784   1.000 15.56579 ? 22  PHE A CZ  1 
ATOM   162  N N   . GLU A 1 25  ? -7.35832  8.05909   -1.42978  1.000 17.57784 ? 23  GLU A N   1 
ATOM   163  C CA  . GLU A 1 25  ? -7.18527  9.05371   -2.47906  1.000 17.39506 ? 23  GLU A CA  1 
ATOM   164  C C   . GLU A 1 25  ? -5.77321  8.92717   -3.03555  1.000 14.75292 ? 23  GLU A C   1 
ATOM   165  O O   . GLU A 1 25  ? -4.80850  8.90473   -2.27253  1.000 17.08435 ? 23  GLU A O   1 
ATOM   166  C CB  . GLU A 1 25  ? -7.40410  10.46953  -1.95202  1.000 20.99051 ? 23  GLU A CB  1 
ATOM   167  C CG  . GLU A 1 25  ? -7.14123  11.54519  -3.00599  1.000 21.82948 ? 23  GLU A CG  1 
ATOM   168  C CD  . GLU A 1 25  ? -7.22460  12.95307  -2.45542  1.000 22.44826 ? 23  GLU A CD  1 
ATOM   169  O OE1 . GLU A 1 25  ? -7.49846  13.11375  -1.24496  1.000 26.17147 ? 23  GLU A OE1 1 
ATOM   170  O OE2 . GLU A 1 25  ? -7.01559  13.89984  -3.24005  1.000 23.12293 ? 23  GLU A OE2 1 
ATOM   171  N N   . LEU A 1 26  ? -5.65478  8.83460   -4.35579  1.000 14.27983 ? 24  LEU A N   1 
ATOM   172  C CA  . LEU A 1 26  ? -4.35748  8.75769   -5.02017  1.000 17.59661 ? 24  LEU A CA  1 
ATOM   173  C C   . LEU A 1 26  ? -4.03961  10.12086  -5.62358  1.000 19.48322 ? 24  LEU A C   1 
ATOM   174  O O   . LEU A 1 26  ? -4.84320  10.66713  -6.38554  1.000 17.99732 ? 24  LEU A O   1 
ATOM   175  C CB  . LEU A 1 26  ? -4.36079  7.67041   -6.10270  1.000 16.02849 ? 24  LEU A CB  1 
ATOM   176  C CG  . LEU A 1 26  ? -4.87202  6.28754   -5.67408  1.000 18.11770 ? 24  LEU A CG  1 
ATOM   177  C CD1 . LEU A 1 26  ? -4.77494  5.26866   -6.82083  1.000 16.00622 ? 24  LEU A CD1 1 
ATOM   178  C CD2 . LEU A 1 26  ? -4.11739  5.78322   -4.45946  1.000 18.16729 ? 24  LEU A CD2 1 
ATOM   179  N N   . PHE A 1 27  ? -2.87417  10.66769  -5.27525  1.000 15.66163 ? 25  PHE A N   1 
ATOM   180  C CA  . PHE A 1 27  ? -2.49503  12.02500  -5.67509  1.000 17.51274 ? 25  PHE A CA  1 
ATOM   181  C C   . PHE A 1 27  ? -1.93063  12.06018  -7.09781  1.000 16.49220 ? 25  PHE A C   1 
ATOM   182  O O   . PHE A 1 27  ? -0.78904  12.44522  -7.34301  1.000 17.95341 ? 25  PHE A O   1 
ATOM   183  C CB  . PHE A 1 27  ? -1.51422  12.60468  -4.66595  1.000 16.89945 ? 25  PHE A CB  1 
ATOM   184  C CG  . PHE A 1 27  ? -2.05241  12.63883  -3.25575  1.000 19.25151 ? 25  PHE A CG  1 
ATOM   185  C CD1 . PHE A 1 27  ? -3.27626  13.23634  -2.97746  1.000 23.42345 ? 25  PHE A CD1 1 
ATOM   186  C CD2 . PHE A 1 27  ? -1.34211  12.07185  -2.21259  1.000 21.99828 ? 25  PHE A CD2 1 
ATOM   187  C CE1 . PHE A 1 27  ? -3.77863  13.26347  -1.68345  1.000 24.19690 ? 25  PHE A CE1 1 
ATOM   188  C CE2 . PHE A 1 27  ? -1.84602  12.09027  -0.91277  1.000 23.18837 ? 25  PHE A CE2 1 
ATOM   189  C CZ  . PHE A 1 27  ? -3.06664  12.68473  -0.65416  1.000 19.52451 ? 25  PHE A CZ  1 
ATOM   190  N N   . ALA A 1 28  ? -2.78756  11.69300  -8.06009  1.000 14.31331 ? 26  ALA A N   1 
ATOM   191  C CA  . ALA A 1 28  ? -2.39743  11.74867  -9.46672  1.000 19.22488 ? 26  ALA A CA  1 
ATOM   192  C C   . ALA A 1 28  ? -2.03954  13.15869  -9.91365  1.000 19.25639 ? 26  ALA A C   1 
ATOM   193  O O   . ALA A 1 28  ? -1.29771  13.32095  -10.89090 1.000 20.06582 ? 26  ALA A O   1 
ATOM   194  C CB  . ALA A 1 28  ? -3.51690  11.20272  -10.35752 1.000 17.66021 ? 26  ALA A CB  1 
ATOM   195  N N   . ASP A 1 29  ? -2.53928  14.17847  -9.21587  1.000 21.74991 ? 27  ASP A N   1 
ATOM   196  C CA  . ASP A 1 29  ? -2.18334  15.54808  -9.55471  1.000 21.15409 ? 27  ASP A CA  1 
ATOM   197  C C   . ASP A 1 29  ? -0.74025  15.87291  -9.20214  1.000 26.67159 ? 27  ASP A C   1 
ATOM   198  O O   . ASP A 1 29  ? -0.17143  16.79395  -9.79224  1.000 27.21192 ? 27  ASP A O   1 
ATOM   199  C CB  . ASP A 1 29  ? -3.13122  16.53370  -8.86768  1.000 22.91432 ? 27  ASP A CB  1 
ATOM   200  C CG  . ASP A 1 29  ? -3.16064  16.38261  -7.35623  1.000 27.80635 ? 27  ASP A CG  1 
ATOM   201  O OD1 . ASP A 1 29  ? -2.72091  15.34307  -6.82454  1.000 30.89679 ? 27  ASP A OD1 1 
ATOM   202  O OD2 . ASP A 1 29  ? -3.64991  17.31230  -6.69003  1.000 34.62416 ? 27  ASP A OD2 1 
ATOM   203  N N   . LYS A 1 30  ? -0.12800  15.13118  -8.27918  1.000 21.51642 ? 28  LYS A N   1 
ATOM   204  C CA  . LYS A 1 30  ? 1.26991   15.34109  -7.91265  1.000 19.81147 ? 28  LYS A CA  1 
ATOM   205  C C   . LYS A 1 30  ? 2.20083   14.24055  -8.40450  1.000 22.22438 ? 28  LYS A C   1 
ATOM   206  O O   . LYS A 1 30  ? 3.34566   14.52998  -8.77384  1.000 19.32494 ? 28  LYS A O   1 
ATOM   207  C CB  . LYS A 1 30  ? 1.41350   15.46951  -6.39027  1.000 21.81168 ? 28  LYS A CB  1 
ATOM   208  C CG  . LYS A 1 30  ? 0.49264   16.48677  -5.72658  1.000 31.50373 ? 28  LYS A CG  1 
ATOM   209  C CD  . LYS A 1 30  ? 0.84827   17.90211  -6.12312  1.000 30.56756 ? 28  LYS A CD  1 
ATOM   210  N N   . VAL A 1 31  ? 1.75151   12.98439  -8.41173  1.000 15.58281 ? 29  VAL A N   1 
ATOM   211  C CA  . VAL A 1 31  ? 2.59386   11.85401  -8.80371  1.000 14.73566 ? 29  VAL A CA  1 
ATOM   212  C C   . VAL A 1 31  ? 1.79019   10.97058  -9.75019  1.000 16.66489 ? 29  VAL A C   1 
ATOM   213  O O   . VAL A 1 31  ? 1.36603   9.87376   -9.35376  1.000 17.87523 ? 29  VAL A O   1 
ATOM   214  C CB  . VAL A 1 31  ? 3.08160   11.04743  -7.58548  1.000 16.98616 ? 29  VAL A CB  1 
ATOM   215  C CG1 . VAL A 1 31  ? 4.29613   11.71456  -6.93386  1.000 18.18110 ? 29  VAL A CG1 1 
ATOM   216  C CG2 . VAL A 1 31  ? 1.96305   10.87027  -6.56879  1.000 17.96220 ? 29  VAL A CG2 1 
ATOM   217  N N   . PRO A 1 32  ? 1.54412   11.41143  -10.98960 1.000 18.04174 ? 30  PRO A N   1 
ATOM   218  C CA  . PRO A 1 32  ? 0.61171   10.66585  -11.86181 1.000 17.73432 ? 30  PRO A CA  1 
ATOM   219  C C   . PRO A 1 32  ? 1.06895   9.25599   -12.20043 1.000 20.35880 ? 30  PRO A C   1 
ATOM   220  O O   . PRO A 1 32  ? 0.24533   8.33290   -12.23946 1.000 18.43974 ? 30  PRO A O   1 
ATOM   221  C CB  . PRO A 1 32  ? 0.53326   11.55077  -13.11424 1.000 18.71504 ? 30  PRO A CB  1 
ATOM   222  C CG  . PRO A 1 32  ? 1.81755   12.37807  -13.08216 1.000 19.65410 ? 30  PRO A CG  1 
ATOM   223  C CD  . PRO A 1 32  ? 2.02467   12.65458  -11.62566 1.000 19.95092 ? 30  PRO A CD  1 
ATOM   224  N N   . LYS A 1 33  ? 2.35644   9.06553   -12.48282 1.000 16.94259 ? 31  LYS A N   1 
ATOM   225  C CA  . LYS A 1 33  ? 2.83331   7.73564   -12.84429 1.000 14.73871 ? 31  LYS A CA  1 
ATOM   226  C C   . LYS A 1 33  ? 2.71091   6.75869   -11.67512 1.000 15.69315 ? 31  LYS A C   1 
ATOM   227  O O   . LYS A 1 33  ? 2.33042   5.59663   -11.86496 1.000 16.89936 ? 31  LYS A O   1 
ATOM   228  C CB  . LYS A 1 33  ? 4.28288   7.82374   -13.32008 1.000 16.30594 ? 31  LYS A CB  1 
ATOM   229  C CG  . LYS A 1 33  ? 4.85548   6.49971   -13.79783 1.000 19.57644 ? 31  LYS A CG  1 
ATOM   230  C CD  . LYS A 1 33  ? 6.12781   6.72866   -14.61130 1.000 21.85647 ? 31  LYS A CD  1 
ATOM   231  C CE  . LYS A 1 33  ? 6.58934   5.43504   -15.25971 1.000 21.36606 ? 31  LYS A CE  1 
ATOM   232  N NZ  . LYS A 1 33  ? 7.84598   5.61169   -16.04995 1.000 25.72218 ? 31  LYS A NZ  1 
ATOM   233  N N   . THR A 1 34  ? 3.05883   7.20676   -10.46657 1.000 15.55140 ? 32  THR A N   1 
ATOM   234  C CA  . THR A 1 34  ? 2.96833   6.35758   -9.28189  1.000 12.68385 ? 32  THR A CA  1 
ATOM   235  C C   . THR A 1 34  ? 1.51555   6.09052   -8.91152  1.000 17.31512 ? 32  THR A C   1 
ATOM   236  O O   . THR A 1 34  ? 1.14786   4.95938   -8.55638  1.000 13.99036 ? 32  THR A O   1 
ATOM   237  C CB  . THR A 1 34  ? 3.72329   7.03954   -8.13161  1.000 14.06032 ? 32  THR A CB  1 
ATOM   238  O OG1 . THR A 1 34  ? 5.03826   7.39339   -8.58558  1.000 13.97107 ? 32  THR A OG1 1 
ATOM   239  C CG2 . THR A 1 34  ? 3.84861   6.13236   -6.93054  1.000 13.41815 ? 32  THR A CG2 1 
ATOM   240  N N   . ALA A 1 35  ? 0.67251   7.12103   -8.99425  1.000 13.19016 ? 33  ALA A N   1 
ATOM   241  C CA  . ALA A 1 35  ? -0.75323  6.93058   -8.74539  1.000 16.44755 ? 33  ALA A CA  1 
ATOM   242  C C   . ALA A 1 35  ? -1.35975  5.95463   -9.73836  1.000 15.15356 ? 33  ALA A C   1 
ATOM   243  O O   . ALA A 1 35  ? -2.18663  5.11307   -9.37108  1.000 16.29917 ? 33  ALA A O   1 
ATOM   244  C CB  . ALA A 1 35  ? -1.48706  8.26765   -8.82801  1.000 15.21374 ? 33  ALA A CB  1 
ATOM   245  N N   . GLU A 1 36  ? -0.97300  6.06033   -11.00462 1.000 15.67458 ? 34  GLU A N   1 
ATOM   246  C CA  . GLU A 1 36  ? -1.57399  5.21401   -12.02795 1.000 17.23454 ? 34  GLU A CA  1 
ATOM   247  C C   . GLU A 1 36  ? -1.20000  3.75408   -11.82554 1.000 14.83623 ? 34  GLU A C   1 
ATOM   248  O O   . GLU A 1 36  ? -2.03036  2.86101   -12.03331 1.000 16.05410 ? 34  GLU A O   1 
ATOM   249  C CB  . GLU A 1 36  ? -1.15340  5.69660   -13.41590 1.000 15.22604 ? 34  GLU A CB  1 
ATOM   250  C CG  . GLU A 1 36  ? -1.56836  4.75218   -14.54715 1.000 16.24224 ? 34  GLU A CG  1 
ATOM   251  C CD  . GLU A 1 36  ? -3.08680  4.58659   -14.68260 1.000 25.02116 ? 34  GLU A CD  1 
ATOM   252  O OE1 . GLU A 1 36  ? -3.86691  5.36960   -14.08549 1.000 18.38888 ? 34  GLU A OE1 1 
ATOM   253  O OE2 . GLU A 1 36  ? -3.50163  3.66565   -15.41997 1.000 25.98557 ? 34  GLU A OE2 1 
ATOM   254  N N   . ASN A 1 37  ? 0.04476   3.49924   -11.42594 1.000 14.50213 ? 35  ASN A N   1 
ATOM   255  C CA  . ASN A 1 37  ? 0.47242   2.14542   -11.08423 1.000 13.10266 ? 35  ASN A CA  1 
ATOM   256  C C   . ASN A 1 37  ? -0.43403  1.53687   -10.02154 1.000 16.09966 ? 35  ASN A C   1 
ATOM   257  O O   . ASN A 1 37  ? -1.01253  0.45980   -10.21912 1.000 15.43264 ? 35  ASN A O   1 
ATOM   258  C CB  . ASN A 1 37  ? 1.92557   2.18004   -10.60084 1.000 13.82417 ? 35  ASN A CB  1 
ATOM   259  C CG  . ASN A 1 37  ? 2.47735   0.79980   -10.28825 1.000 15.78960 ? 35  ASN A CG  1 
ATOM   260  O OD1 . ASN A 1 37  ? 2.47968   -0.08944  -11.14081 1.000 17.88645 ? 35  ASN A OD1 1 
ATOM   261  N ND2 . ASN A 1 37  ? 2.97917   0.62490   -9.06917  1.000 12.16374 ? 35  ASN A ND2 1 
ATOM   262  N N   . PHE A 1 38  ? -0.58317  2.22621   -8.88666  1.000 14.00710 ? 36  PHE A N   1 
ATOM   263  C CA  . PHE A 1 38  ? -1.41410  1.70344   -7.80286  1.000 14.11972 ? 36  PHE A CA  1 
ATOM   264  C C   . PHE A 1 38  ? -2.87460  1.57312   -8.23086  1.000 17.00437 ? 36  PHE A C   1 
ATOM   265  O O   . PHE A 1 38  ? -3.54150  0.58774   -7.89266  1.000 14.77820 ? 36  PHE A O   1 
ATOM   266  C CB  . PHE A 1 38  ? -1.27869  2.61248   -6.58079  1.000 12.79020 ? 36  PHE A CB  1 
ATOM   267  C CG  . PHE A 1 38  ? -1.85550  2.04297   -5.30907  1.000 12.75312 ? 36  PHE A CG  1 
ATOM   268  C CD1 . PHE A 1 38  ? -3.18188  2.27151   -4.97122  1.000 16.45044 ? 36  PHE A CD1 1 
ATOM   269  C CD2 . PHE A 1 38  ? -1.05526  1.33409   -4.42563  1.000 13.42294 ? 36  PHE A CD2 1 
ATOM   270  C CE1 . PHE A 1 38  ? -3.70922  1.76650   -3.79132  1.000 16.25272 ? 36  PHE A CE1 1 
ATOM   271  C CE2 . PHE A 1 38  ? -1.57649  0.83277   -3.24359  1.000 16.04512 ? 36  PHE A CE2 1 
ATOM   272  C CZ  . PHE A 1 38  ? -2.90215  1.05193   -2.92823  1.000 17.56124 ? 36  PHE A CZ  1 
ATOM   273  N N   . ARG A 1 39  ? -3.38320  2.54620   -8.99160  1.000 13.30606 ? 37  ARG A N   1 
ATOM   274  C CA  . ARG A 1 39  ? -4.76746  2.47838   -9.45129  1.000 13.82192 ? 37  ARG A CA  1 
ATOM   275  C C   . ARG A 1 39  ? -4.99952  1.24720   -10.32115 1.000 14.07852 ? 37  ARG A C   1 
ATOM   276  O O   . ARG A 1 39  ? -5.97534  0.51442   -10.12951 1.000 15.90168 ? 37  ARG A O   1 
ATOM   277  C CB  . ARG A 1 39  ? -5.13270  3.75565   -10.21384 1.000 14.16320 ? 37  ARG A CB  1 
ATOM   278  C CG  . ARG A 1 39  ? -6.63841  3.82925   -10.57887 1.000 16.45869 ? 37  ARG A CG  1 
ATOM   279  C CD  . ARG A 1 39  ? -6.87937  4.71498   -11.80914 1.000 16.91680 ? 37  ARG A CD  1 
ATOM   280  N NE  . ARG A 1 39  ? -6.27214  4.16802   -13.02510 1.000 19.36557 ? 37  ARG A NE  1 
ATOM   281  C CZ  . ARG A 1 39  ? -6.74122  3.12683   -13.71333 1.000 20.21863 ? 37  ARG A CZ  1 
ATOM   282  N NH1 . ARG A 1 39  ? -7.83702  2.48972   -13.31925 1.000 18.75127 ? 37  ARG A NH1 1 
ATOM   283  N NH2 . ARG A 1 39  ? -6.10077  2.71122   -14.79595 1.000 19.97534 ? 37  ARG A NH2 1 
ATOM   284  N N   . ALA A 1 40  ? -4.10277  1.00064   -11.28129 1.000 15.16092 ? 38  ALA A N   1 
ATOM   285  C CA  . ALA A 1 40  ? -4.28264  -0.13011  -12.18992 1.000 14.63395 ? 38  ALA A CA  1 
ATOM   286  C C   . ALA A 1 40  ? -4.08981  -1.46476  -11.47261 1.000 16.38238 ? 38  ALA A C   1 
ATOM   287  O O   . ALA A 1 40  ? -4.79086  -2.43992  -11.76723 1.000 16.59545 ? 38  ALA A O   1 
ATOM   288  C CB  . ALA A 1 40  ? -3.32886  -0.00466  -13.37875 1.000 16.32458 ? 38  ALA A CB  1 
ATOM   289  N N   . LEU A 1 41  ? -3.15048  -1.54009  -10.52896 1.000 13.04935 ? 39  LEU A N   1 
ATOM   290  C CA  . LEU A 1 41  ? -3.01555  -2.77404  -9.76193  1.000 13.49297 ? 39  LEU A CA  1 
ATOM   291  C C   . LEU A 1 41  ? -4.23891  -3.02283  -8.88632  1.000 14.35271 ? 39  LEU A C   1 
ATOM   292  O O   . LEU A 1 41  ? -4.55760  -4.18222  -8.58423  1.000 17.59615 ? 39  LEU A O   1 
ATOM   293  C CB  . LEU A 1 41  ? -1.75229  -2.74228  -8.90115  1.000 12.32579 ? 39  LEU A CB  1 
ATOM   294  C CG  . LEU A 1 41  ? -0.42721  -2.74793  -9.66746  1.000 15.54155 ? 39  LEU A CG  1 
ATOM   295  C CD1 . LEU A 1 41  ? 0.74918   -2.45305  -8.72081  1.000 13.90856 ? 39  LEU A CD1 1 
ATOM   296  C CD2 . LEU A 1 41  ? -0.21019  -4.06747  -10.38262 1.000 18.73363 ? 39  LEU A CD2 1 
ATOM   297  N N   . SER A 1 42  ? -4.94589  -1.95698  -8.48657  1.000 13.89405 ? 40  SER A N   1 
ATOM   298  C CA  . SER A 1 42  ? -6.13630  -2.13210  -7.66211  1.000 14.02652 ? 40  SER A CA  1 
ATOM   299  C C   . SER A 1 42  ? -7.35074  -2.55647  -8.48503  1.000 17.78434 ? 40  SER A C   1 
ATOM   300  O O   . SER A 1 42  ? -8.24215  -3.22296  -7.95560  1.000 17.82887 ? 40  SER A O   1 
ATOM   301  C CB  . SER A 1 42  ? -6.43975  -0.84439  -6.89268  1.000 16.93016 ? 40  SER A CB  1 
ATOM   302  O OG  . SER A 1 42  ? -5.40021  -0.55513  -5.96226  1.000 17.49382 ? 40  SER A OG  1 
ATOM   303  N N   . THR A 1 43  ? -7.42013  -2.18382  -9.76325  1.000 16.91913 ? 41  THR A N   1 
ATOM   304  C CA  . THR A 1 43  ? -8.51297  -2.67185  -10.60157 1.000 19.48967 ? 41  THR A CA  1 
ATOM   305  C C   . THR A 1 43  ? -8.21355  -4.01748  -11.23077 1.000 20.04335 ? 41  THR A C   1 
ATOM   306  O O   . THR A 1 43  ? -9.14814  -4.71481  -11.63942 1.000 22.01425 ? 41  THR A O   1 
ATOM   307  C CB  . THR A 1 43  ? -8.83854  -1.68599  -11.73036 1.000 19.73935 ? 41  THR A CB  1 
ATOM   308  O OG1 . THR A 1 43  ? -7.73768  -1.64117  -12.64378 1.000 19.40162 ? 41  THR A OG1 1 
ATOM   309  C CG2 . THR A 1 43  ? -9.12221  -0.28800  -11.17348 1.000 19.00467 ? 41  THR A CG2 1 
ATOM   310  N N   . GLY A 1 44  ? -6.94099  -4.38683  -11.33584 1.000 16.78585 ? 42  GLY A N   1 
ATOM   311  C CA  . GLY A 1 44  ? -6.57385  -5.62209  -11.99772 1.000 21.41510 ? 42  GLY A CA  1 
ATOM   312  C C   . GLY A 1 44  ? -6.62865  -5.56098  -13.50312 1.000 19.78350 ? 42  GLY A C   1 
ATOM   313  O O   . GLY A 1 44  ? -6.50121  -6.59992  -14.15755 1.000 23.17233 ? 42  GLY A O   1 
ATOM   314  N N   . GLU A 1 45  ? -6.79074  -4.36300  -14.07390 1.000 21.86976 ? 43  GLU A N   1 
ATOM   315  C CA  . GLU A 1 45  ? -7.11666  -4.23674  -15.48703 1.000 19.90288 ? 43  GLU A CA  1 
ATOM   316  C C   . GLU A 1 45  ? -5.97260  -4.65878  -16.39993 1.000 24.89927 ? 43  GLU A C   1 
ATOM   317  O O   . GLU A 1 45  ? -6.21489  -4.95080  -17.57332 1.000 28.22103 ? 43  GLU A O   1 
ATOM   318  C CB  . GLU A 1 45  ? -7.54939  -2.79854  -15.79733 1.000 19.25112 ? 43  GLU A CB  1 
ATOM   319  C CG  . GLU A 1 45  ? -6.46781  -1.74386  -15.60014 1.000 24.14157 ? 43  GLU A CG  1 
ATOM   320  C CD  . GLU A 1 45  ? -7.05486  -0.34268  -15.56765 1.000 20.69292 ? 43  GLU A CD  1 
ATOM   321  O OE1 . GLU A 1 45  ? -7.82067  -0.03580  -14.62458 1.000 23.46244 ? 43  GLU A OE1 1 
ATOM   322  O OE2 . GLU A 1 45  ? -6.77027  0.44048   -16.49318 1.000 26.58190 ? 43  GLU A OE2 1 
ATOM   323  N N   . LYS A 1 46  ? -4.74110  -4.71506  -15.90367 1.000 21.32364 ? 44  LYS A N   1 
ATOM   324  C CA  . LYS A 1 46  ? -3.64570  -5.23470  -16.71276 1.000 21.80616 ? 44  LYS A CA  1 
ATOM   325  C C   . LYS A 1 46  ? -3.51135  -6.75010  -16.62866 1.000 21.79333 ? 44  LYS A C   1 
ATOM   326  O O   . LYS A 1 46  ? -2.61850  -7.31255  -17.26902 1.000 25.40001 ? 44  LYS A O   1 
ATOM   327  C CB  . LYS A 1 46  ? -2.32165  -4.58859  -16.30629 1.000 23.02813 ? 44  LYS A CB  1 
ATOM   328  C CG  . LYS A 1 46  ? -2.39120  -3.08492  -16.19472 1.000 25.35146 ? 44  LYS A CG  1 
ATOM   329  C CD  . LYS A 1 46  ? -2.51834  -2.40544  -17.54668 1.000 28.90868 ? 44  LYS A CD  1 
ATOM   330  C CE  . LYS A 1 46  ? -2.45802  -0.89246  -17.35810 1.000 28.75887 ? 44  LYS A CE  1 
ATOM   331  N NZ  . LYS A 1 46  ? -2.57556  -0.13834  -18.62825 1.000 35.15852 ? 44  LYS A NZ  1 
ATOM   332  N N   . GLY A 1 47  ? -4.35882  -7.41724  -15.85599 1.000 21.80622 ? 45  GLY A N   1 
ATOM   333  C CA  . GLY A 1 47  ? -4.30294  -8.85712  -15.70913 1.000 27.83784 ? 45  GLY A CA  1 
ATOM   334  C C   . GLY A 1 47  ? -3.59955  -9.34242  -14.46325 1.000 25.94251 ? 45  GLY A C   1 
ATOM   335  O O   . GLY A 1 47  ? -3.52748  -10.55728 -14.24659 1.000 20.26714 ? 45  GLY A O   1 
ATOM   336  N N   . PHE A 1 48  ? -3.07419  -8.43339  -13.64481 1.000 22.19650 ? 46  PHE A N   1 
ATOM   337  C CA  . PHE A 1 48  ? -2.44130  -8.77243  -12.37947 1.000 19.20149 ? 46  PHE A CA  1 
ATOM   338  C C   . PHE A 1 48  ? -2.63771  -7.59612  -11.43298 1.000 18.27855 ? 46  PHE A C   1 
ATOM   339  O O   . PHE A 1 48  ? -3.00534  -6.49824  -11.85146 1.000 19.04498 ? 46  PHE A O   1 
ATOM   340  C CB  . PHE A 1 48  ? -0.95212  -9.08671  -12.55822 1.000 20.11587 ? 46  PHE A CB  1 
ATOM   341  C CG  . PHE A 1 48  ? -0.17145  -7.98581  -13.24037 1.000 20.41063 ? 46  PHE A CG  1 
ATOM   342  C CD1 . PHE A 1 48  ? 0.40046   -6.95551  -12.50573 1.000 19.52300 ? 46  PHE A CD1 1 
ATOM   343  C CD2 . PHE A 1 48  ? -0.00480  -7.99036  -14.61847 1.000 26.38445 ? 46  PHE A CD2 1 
ATOM   344  C CE1 . PHE A 1 48  ? 1.12006   -5.94709  -13.13226 1.000 23.86295 ? 46  PHE A CE1 1 
ATOM   345  C CE2 . PHE A 1 48  ? 0.71416   -6.99285  -15.24932 1.000 29.74877 ? 46  PHE A CE2 1 
ATOM   346  C CZ  . PHE A 1 48  ? 1.27589   -5.96462  -14.50499 1.000 22.12434 ? 46  PHE A CZ  1 
ATOM   347  N N   . GLY A 1 49  ? -2.38612  -7.82654  -10.15251 1.000 16.94241 ? 47  GLY A N   1 
ATOM   348  C CA  . GLY A 1 49  ? -2.56059  -6.75367  -9.19260  1.000 14.36479 ? 47  GLY A CA  1 
ATOM   349  C C   . GLY A 1 49  ? -2.83148  -7.29975  -7.80363  1.000 16.73867 ? 47  GLY A C   1 
ATOM   350  O O   . GLY A 1 49  ? -2.48466  -8.43436  -7.48970  1.000 18.30313 ? 47  GLY A O   1 
ATOM   351  N N   . TYR A 1 50  ? -3.47831  -6.45854  -6.99597  1.000 13.35466 ? 48  TYR A N   1 
ATOM   352  C CA  . TYR A 1 50  ? -3.51885  -6.66619  -5.55762  1.000 11.01292 ? 48  TYR A CA  1 
ATOM   353  C C   . TYR A 1 50  ? -4.59332  -7.64039  -5.09735  1.000 12.64151 ? 48  TYR A C   1 
ATOM   354  O O   . TYR A 1 50  ? -4.51449  -8.10896  -3.96094  1.000 16.97227 ? 48  TYR A O   1 
ATOM   355  C CB  . TYR A 1 50  ? -3.73351  -5.33340  -4.84189  1.000 13.41933 ? 48  TYR A CB  1 
ATOM   356  C CG  . TYR A 1 50  ? -2.59103  -4.35183  -4.99061  1.000 15.72199 ? 48  TYR A CG  1 
ATOM   357  C CD1 . TYR A 1 50  ? -1.26236  -4.75223  -4.83237  1.000 15.25518 ? 48  TYR A CD1 1 
ATOM   358  C CD2 . TYR A 1 50  ? -2.84745  -3.01652  -5.27892  1.000 15.76160 ? 48  TYR A CD2 1 
ATOM   359  C CE1 . TYR A 1 50  ? -0.21293  -3.82678  -4.97136  1.000 15.83600 ? 48  TYR A CE1 1 
ATOM   360  C CE2 . TYR A 1 50  ? -1.81463  -2.08653  -5.41731  1.000 15.17478 ? 48  TYR A CE2 1 
ATOM   361  C CZ  . TYR A 1 50  ? -0.50754  -2.49506  -5.25732  1.000 14.35268 ? 48  TYR A CZ  1 
ATOM   362  O OH  . TYR A 1 50  ? 0.49355   -1.54159  -5.40180  1.000 12.59776 ? 48  TYR A OH  1 
ATOM   363  N N   . LYS A 1 51  ? -5.59548  -7.94865  -5.92486  1.000 10.75316 ? 49  LYS A N   1 
ATOM   364  C CA  . LYS A 1 51  ? -6.68922  -8.77746  -5.42978  1.000 14.42944 ? 49  LYS A CA  1 
ATOM   365  C C   . LYS A 1 51  ? -6.17851  -10.15005 -5.00432  1.000 18.40805 ? 49  LYS A C   1 
ATOM   366  O O   . LYS A 1 51  ? -5.52442  -10.86026 -5.78261  1.000 17.31282 ? 49  LYS A O   1 
ATOM   367  C CB  . LYS A 1 51  ? -7.78776  -8.93006  -6.48080  1.000 13.97570 ? 49  LYS A CB  1 
ATOM   368  C CG  . LYS A 1 51  ? -9.01626  -9.62095  -5.89371  1.000 19.50641 ? 49  LYS A CG  1 
ATOM   369  C CD  . LYS A 1 51  ? -10.15316 -9.70324  -6.88292  1.000 20.50678 ? 49  LYS A CD  1 
ATOM   370  C CE  . LYS A 1 51  ? -11.38962 -10.31880 -6.24566  1.000 24.15956 ? 49  LYS A CE  1 
ATOM   371  N NZ  . LYS A 1 51  ? -12.40355 -10.62940 -7.29538  1.000 29.26551 ? 49  LYS A NZ  1 
ATOM   372  N N   . GLY A 1 52  ? -6.48337  -10.51371 -3.75567  1.000 17.00202 ? 50  GLY A N   1 
ATOM   373  C CA  . GLY A 1 52  ? -6.07178  -11.77025 -3.17668  1.000 17.71763 ? 50  GLY A CA  1 
ATOM   374  C C   . GLY A 1 52  ? -4.71310  -11.76787 -2.50860  1.000 18.07089 ? 50  GLY A C   1 
ATOM   375  O O   . GLY A 1 52  ? -4.33656  -12.79023 -1.91934  1.000 19.47397 ? 50  GLY A O   1 
ATOM   376  N N   . SER A 1 53  ? -3.95996  -10.66399 -2.58152  1.000 13.63825 ? 51  SER A N   1 
ATOM   377  C CA  . SER A 1 53  ? -2.64611  -10.59945 -1.96252  1.000 15.77689 ? 51  SER A CA  1 
ATOM   378  C C   . SER A 1 53  ? -2.78026  -10.31422 -0.46796  1.000 25.68122 ? 51  SER A C   1 
ATOM   379  O O   . SER A 1 53  ? -3.86232  -10.00906 0.04193   1.000 16.53837 ? 51  SER A O   1 
ATOM   380  C CB  . SER A 1 53  ? -1.77426  -9.53821  -2.65290  1.000 18.29162 ? 51  SER A CB  1 
ATOM   381  O OG  . SER A 1 53  ? -2.26768  -8.22457  -2.42776  1.000 17.89957 ? 51  SER A OG  1 
ATOM   382  N N   . CYS A 1 54  ? -1.66241  -10.42574 0.24616   1.000 18.99212 ? 52  CYS A N   1 
ATOM   383  C CA  . CYS A 1 54  ? -1.67556  -10.30415 1.69594   1.000 19.07191 ? 52  CYS A CA  1 
ATOM   384  C C   . CYS A 1 54  ? -0.79161  -9.14929  2.14716   1.000 21.48067 ? 52  CYS A C   1 
ATOM   385  O O   . CYS A 1 54  ? 0.03403   -8.63862  1.38762   1.000 24.21790 ? 52  CYS A O   1 
ATOM   386  C CB  . CYS A 1 54  ? -1.21721  -11.61183 2.36840   1.000 26.00576 ? 52  CYS A CB  1 
ATOM   387  S SG  . CYS A 1 54  ? 0.57594   -11.92569 2.31042   1.000 37.56217 ? 52  CYS A SG  1 
ATOM   388  N N   . PHE A 1 55  ? -0.99557  -8.72416  3.39266   1.000 15.75826 ? 53  PHE A N   1 
ATOM   389  C CA  . PHE A 1 55  ? -0.09019  -7.78996  4.06019   1.000 15.44852 ? 53  PHE A CA  1 
ATOM   390  C C   . PHE A 1 55  ? 0.92437   -8.61674  4.83727   1.000 20.17275 ? 53  PHE A C   1 
ATOM   391  O O   . PHE A 1 55  ? 0.57512   -9.25128  5.83906   1.000 20.16201 ? 53  PHE A O   1 
ATOM   392  C CB  . PHE A 1 55  ? -0.85721  -6.85634  4.99041   1.000 18.28421 ? 53  PHE A CB  1 
ATOM   393  C CG  . PHE A 1 55  ? -1.52949  -5.71663  4.28403   1.000 17.28533 ? 53  PHE A CG  1 
ATOM   394  C CD1 . PHE A 1 55  ? -2.74891  -5.89460  3.65486   1.000 14.99924 ? 53  PHE A CD1 1 
ATOM   395  C CD2 . PHE A 1 55  ? -0.94534  -4.45351  4.27525   1.000 17.19790 ? 53  PHE A CD2 1 
ATOM   396  C CE1 . PHE A 1 55  ? -3.35897  -4.83832  3.00924   1.000 17.11300 ? 53  PHE A CE1 1 
ATOM   397  C CE2 . PHE A 1 55  ? -1.54067  -3.40365  3.63103   1.000 17.94869 ? 53  PHE A CE2 1 
ATOM   398  C CZ  . PHE A 1 55  ? -2.75470  -3.59090  2.99807   1.000 19.61998 ? 53  PHE A CZ  1 
ATOM   399  N N   . HIS A 1 56  ? 2.17880   -8.61044  4.38502   1.000 16.01029 ? 54  HIS A N   1 
ATOM   400  C CA  . HIS A 1 56  ? 3.16360   -9.53670  4.92976   1.000 18.23087 ? 54  HIS A CA  1 
ATOM   401  C C   . HIS A 1 56  ? 3.90936   -8.99660  6.13958   1.000 20.48026 ? 54  HIS A C   1 
ATOM   402  O O   . HIS A 1 56  ? 4.49325   -9.79004  6.88665   1.000 19.77207 ? 54  HIS A O   1 
ATOM   403  C CB  . HIS A 1 56  ? 4.18437   -9.94684  3.85962   1.000 16.70479 ? 54  HIS A CB  1 
ATOM   404  C CG  . HIS A 1 56  ? 4.99757   -8.81195  3.31559   1.000 18.46773 ? 54  HIS A CG  1 
ATOM   405  N ND1 . HIS A 1 56  ? 4.55922   -8.01501  2.27710   1.000 17.90813 ? 54  HIS A ND1 1 
ATOM   406  C CD2 . HIS A 1 56  ? 6.23509   -8.36740  3.63538   1.000 19.12871 ? 54  HIS A CD2 1 
ATOM   407  C CE1 . HIS A 1 56  ? 5.48310   -7.11317  1.99711   1.000 18.50423 ? 54  HIS A CE1 1 
ATOM   408  N NE2 . HIS A 1 56  ? 6.51356   -7.30818  2.80277   1.000 18.82812 ? 54  HIS A NE2 1 
ATOM   409  N N   . ARG A 1 57  ? 3.90210   -7.68569  6.36942   1.000 15.48592 ? 55  ARG A N   1 
ATOM   410  C CA  . ARG A 1 57  ? 4.59710   -7.12521  7.52235   1.000 13.38184 ? 55  ARG A CA  1 
ATOM   411  C C   . ARG A 1 57  ? 3.75847   -6.01126  8.12179   1.000 16.08390 ? 55  ARG A C   1 
ATOM   412  O O   . ARG A 1 57  ? 3.42034   -5.04938  7.43131   1.000 15.66185 ? 55  ARG A O   1 
ATOM   413  C CB  . ARG A 1 57  ? 5.98172   -6.59390  7.13117   1.000 14.49419 ? 55  ARG A CB  1 
ATOM   414  C CG  . ARG A 1 57  ? 6.76835   -6.01703  8.30885   1.000 13.63917 ? 55  ARG A CG  1 
ATOM   415  C CD  . ARG A 1 57  ? 8.21717   -5.69682  7.90809   1.000 19.78254 ? 55  ARG A CD  1 
ATOM   416  N NE  . ARG A 1 57  ? 8.88287   -6.91084  7.44262   1.000 24.55894 ? 55  ARG A NE  1 
ATOM   417  C CZ  . ARG A 1 57  ? 9.18590   -7.14439  6.17111   1.000 26.58340 ? 55  ARG A CZ  1 
ATOM   418  N NH1 . ARG A 1 57  ? 8.90853   -6.22676  5.25643   1.000 25.03733 ? 55  ARG A NH1 1 
ATOM   419  N NH2 . ARG A 1 57  ? 9.76424   -8.28902  5.81427   1.000 28.83307 ? 55  ARG A NH2 1 
ATOM   420  N N   . ILE A 1 58  ? 3.43771   -6.12410  9.40734   1.000 12.93631 ? 56  ILE A N   1 
ATOM   421  C CA  . ILE A 1 58  ? 2.63058   -5.12023  10.09543  1.000 13.77261 ? 56  ILE A CA  1 
ATOM   422  C C   . ILE A 1 58  ? 3.30809   -4.83554  11.42060  1.000 14.15434 ? 56  ILE A C   1 
ATOM   423  O O   . ILE A 1 58  ? 3.45344   -5.74190  12.24891  1.000 15.28908 ? 56  ILE A O   1 
ATOM   424  C CB  . ILE A 1 58  ? 1.18629   -5.59192  10.32259  1.000 15.69953 ? 56  ILE A CB  1 
ATOM   425  C CG1 . ILE A 1 58  ? 0.48512   -5.76137  8.97519   1.000 15.28639 ? 56  ILE A CG1 1 
ATOM   426  C CG2 . ILE A 1 58  ? 0.43039   -4.61351  11.21455  1.000 15.54450 ? 56  ILE A CG2 1 
ATOM   427  C CD1 . ILE A 1 58  ? -0.97539  -6.24734  9.10853   1.000 20.88874 ? 56  ILE A CD1 1 
ATOM   428  N N   . ILE A 1 59  ? 3.72802   -3.59429  11.61446  1.000 12.69217 ? 57  ILE A N   1 
ATOM   429  C CA  . ILE A 1 59  ? 4.41912   -3.20701  12.84328  1.000 14.49771 ? 57  ILE A CA  1 
ATOM   430  C C   . ILE A 1 59  ? 3.56919   -2.15084  13.52407  1.000 17.73934 ? 57  ILE A C   1 
ATOM   431  O O   . ILE A 1 59  ? 3.54255   -1.00416  13.06419  1.000 14.90423 ? 57  ILE A O   1 
ATOM   432  C CB  . ILE A 1 59  ? 5.84074   -2.68895  12.56409  1.000 14.95771 ? 57  ILE A CB  1 
ATOM   433  C CG1 . ILE A 1 59  ? 6.67573   -3.80537  11.95721  1.000 16.09044 ? 57  ILE A CG1 1 
ATOM   434  C CG2 . ILE A 1 59  ? 6.49363   -2.19597  13.85880  1.000 12.91143 ? 57  ILE A CG2 1 
ATOM   435  C CD1 . ILE A 1 59  ? 7.99295   -3.33027  11.40346  1.000 18.15661 ? 57  ILE A CD1 1 
ATOM   436  N N   . PRO A 1 60  ? 2.86383   -2.49826  14.60359  1.000 17.94183 ? 58  PRO A N   1 
ATOM   437  C CA  . PRO A 1 60  ? 2.07285   -1.50221  15.33417  1.000 17.87938 ? 58  PRO A CA  1 
ATOM   438  C C   . PRO A 1 60  ? 2.90268   -0.28156  15.70005  1.000 18.98984 ? 58  PRO A C   1 
ATOM   439  O O   . PRO A 1 60  ? 4.05098   -0.39066  16.13873  1.000 19.21026 ? 58  PRO A O   1 
ATOM   440  C CB  . PRO A 1 60  ? 1.61553   -2.26496  16.58321  1.000 16.97228 ? 58  PRO A CB  1 
ATOM   441  C CG  . PRO A 1 60  ? 1.62918   -3.71452  16.17595  1.000 21.60786 ? 58  PRO A CG  1 
ATOM   442  C CD  . PRO A 1 60  ? 2.78222   -3.84075  15.20971  1.000 17.58255 ? 58  PRO A CD  1 
ATOM   443  N N   . GLY A 1 61  ? 2.30784   0.89296   15.52342  1.000 16.81158 ? 59  GLY A N   1 
ATOM   444  C CA  . GLY A 1 61  ? 3.01642   2.11630   15.81331  1.000 19.09927 ? 59  GLY A CA  1 
ATOM   445  C C   . GLY A 1 61  ? 3.93922   2.57899   14.71321  1.000 18.65249 ? 59  GLY A C   1 
ATOM   446  O O   . GLY A 1 61  ? 4.68390   3.54542   14.91910  1.000 19.18031 ? 59  GLY A O   1 
ATOM   447  N N   . PHE A 1 62  ? 3.91261   1.91868   13.55352  1.000 16.66543 ? 60  PHE A N   1 
ATOM   448  C CA  . PHE A 1 62  ? 4.77705   2.25227   12.42570  1.000 14.36447 ? 60  PHE A CA  1 
ATOM   449  C C   . PHE A 1 62  ? 3.97605   2.15944   11.12853  1.000 12.59707 ? 60  PHE A C   1 
ATOM   450  O O   . PHE A 1 62  ? 3.54715   3.18960   10.60352  1.000 16.16386 ? 60  PHE A O   1 
ATOM   451  C CB  . PHE A 1 62  ? 6.00051   1.33024   12.41153  1.000 14.58029 ? 60  PHE A CB  1 
ATOM   452  C CG  . PHE A 1 62  ? 7.00349   1.63458   11.32766  1.000 14.64983 ? 60  PHE A CG  1 
ATOM   453  C CD1 . PHE A 1 62  ? 7.00360   2.84391   10.65163  1.000 13.57041 ? 60  PHE A CD1 1 
ATOM   454  C CD2 . PHE A 1 62  ? 7.94521   0.67813   10.97730  1.000 19.66239 ? 60  PHE A CD2 1 
ATOM   455  C CE1 . PHE A 1 62  ? 7.93166   3.09555   9.64978   1.000 18.52253 ? 60  PHE A CE1 1 
ATOM   456  C CE2 . PHE A 1 62  ? 8.87882   0.92017   9.98727   1.000 21.00991 ? 60  PHE A CE2 1 
ATOM   457  C CZ  . PHE A 1 62  ? 8.87027   2.13490   9.31823   1.000 21.06823 ? 60  PHE A CZ  1 
ATOM   458  N N   . MET A 1 63  ? 3.74384   0.95391   10.61395  1.000 13.63894 ? 61  MET A N   1 
ATOM   459  C CA  . MET A 1 63  ? 3.16073   0.86186   9.28088   1.000 15.20422 ? 61  MET A CA  1 
ATOM   460  C C   . MET A 1 63  ? 2.66566   -0.55373  9.00651   1.000 15.64777 ? 61  MET A C   1 
ATOM   461  O O   . MET A 1 63  ? 3.05220   -1.51554  9.68396   1.000 12.93693 ? 61  MET A O   1 
ATOM   462  C CB  . MET A 1 63  ? 4.17777   1.29950   8.20990   1.000 15.18406 ? 61  MET A CB  1 
ATOM   463  C CG  . MET A 1 63  ? 5.42603   0.42962   8.12889   1.000 16.37169 ? 61  MET A CG  1 
ATOM   464  S SD  . MET A 1 63  ? 5.18741   -1.02994  7.08066   1.000 16.40809 ? 61  MET A SD  1 
ATOM   465  C CE  . MET A 1 63  ? 5.98421   -2.27738  8.11271   1.000 17.55932 ? 61  MET A CE  1 
ATOM   466  N N   . CYS A 1 64  ? 1.80871   -0.65776  7.98607   1.000 14.19654 ? 62  CYS A N   1 
ATOM   467  C CA  . CYS A 1 64  ? 1.35953   -1.91541  7.40184   1.000 12.08070 ? 62  CYS A CA  1 
ATOM   468  C C   . CYS A 1 64  ? 1.92700   -1.99210  5.98909   1.000 16.11003 ? 62  CYS A C   1 
ATOM   469  O O   . CYS A 1 64  ? 1.76088   -1.04958  5.21322   1.000 14.90307 ? 62  CYS A O   1 
ATOM   470  C CB  . CYS A 1 64  ? -0.16978  -1.96423  7.32149   1.000 15.74743 ? 62  CYS A CB  1 
ATOM   471  S SG  . CYS A 1 64  ? -0.99276  -1.88510  8.91798   1.000 19.80429 ? 62  CYS A SG  1 
ATOM   472  N N   . GLN A 1 65  ? 2.57070   -3.10445  5.63826   1.000 13.37047 ? 63  GLN A N   1 
ATOM   473  C CA  . GLN A 1 65  ? 3.20102   -3.24246  4.32890   1.000 10.71525 ? 63  GLN A CA  1 
ATOM   474  C C   . GLN A 1 65  ? 2.56346   -4.38111  3.54952   1.000 13.83919 ? 63  GLN A C   1 
ATOM   475  O O   . GLN A 1 65  ? 2.41280   -5.49337  4.07112   1.000 16.24795 ? 63  GLN A O   1 
ATOM   476  C CB  . GLN A 1 65  ? 4.70857   -3.48858  4.45351   1.000 14.35187 ? 63  GLN A CB  1 
ATOM   477  C CG  . GLN A 1 65  ? 5.43779   -3.54658  3.10261   1.000 11.73918 ? 63  GLN A CG  1 
ATOM   478  C CD  . GLN A 1 65  ? 6.93850   -3.70658  3.30461   1.000 17.42112 ? 63  GLN A CD  1 
ATOM   479  O OE1 . GLN A 1 65  ? 7.42699   -3.54436  4.41544   1.000 16.21827 ? 63  GLN A OE1 1 
ATOM   480  N NE2 . GLN A 1 65  ? 7.66664   -4.04611  2.24175   1.000 13.67227 ? 63  GLN A NE2 1 
ATOM   481  N N   . GLY A 1 66  ? 2.20291   -4.10204  2.29727   1.000 13.79297 ? 64  GLY A N   1 
ATOM   482  C CA  . GLY A 1 66  ? 1.64473   -5.12277  1.43496   1.000 15.86069 ? 64  GLY A CA  1 
ATOM   483  C C   . GLY A 1 66  ? 2.08707   -4.94890  -0.00208  1.000 18.29712 ? 64  GLY A C   1 
ATOM   484  O O   . GLY A 1 66  ? 3.08037   -4.26258  -0.27798  1.000 14.98157 ? 64  GLY A O   1 
ATOM   485  N N   . GLY A 1 67  ? 1.36859   -5.59316  -0.91969  1.000 13.97004 ? 65  GLY A N   1 
ATOM   486  C CA  . GLY A 1 67  ? 1.57298   -5.40478  -2.33618  1.000 14.25438 ? 65  GLY A CA  1 
ATOM   487  C C   . GLY A 1 67  ? 2.47529   -6.40945  -3.01779  1.000 17.38105 ? 65  GLY A C   1 
ATOM   488  O O   . GLY A 1 67  ? 2.67143   -6.30397  -4.23226  1.000 14.07865 ? 65  GLY A O   1 
ATOM   489  N N   . ASP A 1 68  ? 3.04192   -7.37400  -2.29103  1.000 12.51073 ? 66  ASP A N   1 
ATOM   490  C CA  . ASP A 1 68  ? 3.83730   -8.41353  -2.94516  1.000 12.71630 ? 66  ASP A CA  1 
ATOM   491  C C   . ASP A 1 68  ? 2.89158   -9.51810  -3.41210  1.000 13.35319 ? 66  ASP A C   1 
ATOM   492  O O   . ASP A 1 68  ? 2.71917   -10.55113 -2.76333  1.000 16.48987 ? 66  ASP A O   1 
ATOM   493  C CB  . ASP A 1 68  ? 4.90875   -8.95911  -2.01510  1.000 14.77235 ? 66  ASP A CB  1 
ATOM   494  C CG  . ASP A 1 68  ? 5.70797   -10.08338 -2.65189  1.000 15.53618 ? 66  ASP A CG  1 
ATOM   495  O OD1 . ASP A 1 68  ? 5.47700   -10.38425 -3.84151  1.000 16.55504 ? 66  ASP A OD1 1 
ATOM   496  O OD2 . ASP A 1 68  ? 6.57152   -10.66644 -1.96485  1.000 18.83993 ? 66  ASP A OD2 1 
ATOM   497  N N   . PHE A 1 69  ? 2.28940   -9.30076  -4.57354  1.000 15.97545 ? 67  PHE A N   1 
ATOM   498  C CA  . PHE A 1 69  ? 1.32826   -10.26385 -5.09464  1.000 15.53599 ? 67  PHE A CA  1 
ATOM   499  C C   . PHE A 1 69  ? 1.97585   -11.38453 -5.90525  1.000 20.75565 ? 67  PHE A C   1 
ATOM   500  O O   . PHE A 1 69  ? 1.25760   -12.27797 -6.38391  1.000 16.92512 ? 67  PHE A O   1 
ATOM   501  C CB  . PHE A 1 69  ? 0.25717   -9.54684  -5.93204  1.000 14.83493 ? 67  PHE A CB  1 
ATOM   502  C CG  . PHE A 1 69  ? 0.79678   -8.76970  -7.09657  1.000 19.10161 ? 67  PHE A CG  1 
ATOM   503  C CD1 . PHE A 1 69  ? 1.09572   -9.39651  -8.29540  1.000 15.38299 ? 67  PHE A CD1 1 
ATOM   504  C CD2 . PHE A 1 69  ? 0.97235   -7.39531  -7.00422  1.000 18.16612 ? 67  PHE A CD2 1 
ATOM   505  C CE1 . PHE A 1 69  ? 1.57993   -8.67478  -9.37326  1.000 15.90588 ? 67  PHE A CE1 1 
ATOM   506  C CE2 . PHE A 1 69  ? 1.45214   -6.66746  -8.08057  1.000 16.09943 ? 67  PHE A CE2 1 
ATOM   507  C CZ  . PHE A 1 69  ? 1.76348   -7.31176  -9.26986  1.000 18.16178 ? 67  PHE A CZ  1 
ATOM   508  N N   . THR A 1 70  ? 3.30203   -11.38232 -6.07083  1.000 15.46373 ? 68  THR A N   1 
ATOM   509  C CA  . THR A 1 70  ? 3.93680   -12.48883 -6.78552  1.000 17.21391 ? 68  THR A CA  1 
ATOM   510  C C   . THR A 1 70  ? 4.64072   -13.48589 -5.86979  1.000 20.97709 ? 68  THR A C   1 
ATOM   511  O O   . THR A 1 70  ? 4.64939   -14.67896 -6.18234  1.000 21.37697 ? 68  THR A O   1 
ATOM   512  C CB  . THR A 1 70  ? 4.92377   -11.98009 -7.84990  1.000 18.87711 ? 68  THR A CB  1 
ATOM   513  O OG1 . THR A 1 70  ? 6.08066   -11.38783 -7.24182  1.000 18.46858 ? 68  THR A OG1 1 
ATOM   514  C CG2 . THR A 1 70  ? 4.25329   -10.97248 -8.75877  1.000 18.48258 ? 68  THR A CG2 1 
ATOM   515  N N   . ARG A 1 71  ? 5.19812   -13.05654 -4.73512  1.000 16.73921 ? 69  ARG A N   1 
ATOM   516  C CA  . ARG A 1 71  ? 5.87453   -13.97489 -3.83001  1.000 16.07880 ? 69  ARG A CA  1 
ATOM   517  C C   . ARG A 1 71  ? 5.32904   -13.96533 -2.40730  1.000 20.37233 ? 69  ARG A C   1 
ATOM   518  O O   . ARG A 1 71  ? 5.71225   -14.83424 -1.61464  1.000 18.99859 ? 69  ARG A O   1 
ATOM   519  C CB  . ARG A 1 71  ? 7.38638   -13.68889 -3.81303  1.000 16.04572 ? 69  ARG A CB  1 
ATOM   520  C CG  . ARG A 1 71  ? 8.00559   -13.76217 -5.22976  1.000 16.92535 ? 69  ARG A CG  1 
ATOM   521  C CD  . ARG A 1 71  ? 9.55066   -13.72117 -5.21814  1.000 18.78108 ? 69  ARG A CD  1 
ATOM   522  N NE  . ARG A 1 71  ? 10.10912  -14.76625 -4.36187  1.000 22.50604 ? 69  ARG A NE  1 
ATOM   523  C CZ  . ARG A 1 71  ? 10.10679  -16.06563 -4.66139  1.000 21.29810 ? 69  ARG A CZ  1 
ATOM   524  N NH1 . ARG A 1 71  ? 9.58402   -16.48918 -5.80594  1.000 26.21933 ? 69  ARG A NH1 1 
ATOM   525  N NH2 . ARG A 1 71  ? 10.62301  -16.94072 -3.80805  1.000 22.38565 ? 69  ARG A NH2 1 
ATOM   526  N N   . HIS A 1 72  ? 4.42009   -13.04465 -2.07493  1.000 15.99000 ? 70  HIS A N   1 
ATOM   527  C CA  . HIS A 1 72  ? 3.63555   -13.05235 -0.83314  1.000 14.72781 ? 70  HIS A CA  1 
ATOM   528  C C   . HIS A 1 72  ? 4.48449   -12.90353 0.42718   1.000 20.16001 ? 70  HIS A C   1 
ATOM   529  O O   . HIS A 1 72  ? 4.01419   -13.20410 1.53317   1.000 24.44699 ? 70  HIS A O   1 
ATOM   530  C CB  . HIS A 1 72  ? 2.77442   -14.31888 -0.74763  1.000 17.80094 ? 70  HIS A CB  1 
ATOM   531  C CG  . HIS A 1 72  ? 2.39282   -14.84495 -2.09120  1.000 17.16428 ? 70  HIS A CG  1 
ATOM   532  N ND1 . HIS A 1 72  ? 1.53857   -14.16471 -2.93212  1.000 19.49155 ? 70  HIS A ND1 1 
ATOM   533  C CD2 . HIS A 1 72  ? 2.81170   -15.93251 -2.77794  1.000 18.24976 ? 70  HIS A CD2 1 
ATOM   534  C CE1 . HIS A 1 72  ? 1.41971   -14.82950 -4.06779  1.000 21.93372 ? 70  HIS A CE1 1 
ATOM   535  N NE2 . HIS A 1 72  ? 2.18001   -15.90834 -3.99866  1.000 18.71866 ? 70  HIS A NE2 1 
ATOM   536  N N   . ASN A 1 73  ? 5.72490   -12.43032 0.30470   1.000 18.74307 ? 71  ASN A N   1 
ATOM   537  C CA  . ASN A 1 73  ? 6.58844   -12.37949 1.47617   1.000 20.02419 ? 71  ASN A CA  1 
ATOM   538  C C   . ASN A 1 73  ? 7.52059   -11.17821 1.51017   1.000 17.97534 ? 71  ASN A C   1 
ATOM   539  O O   . ASN A 1 73  ? 8.43921   -11.15456 2.33980   1.000 20.35675 ? 71  ASN A O   1 
ATOM   540  C CB  . ASN A 1 73  ? 7.41366   -13.67021 1.59403   1.000 19.30778 ? 71  ASN A CB  1 
ATOM   541  C CG  . ASN A 1 73  ? 8.39009   -13.86699 0.44357   1.000 19.90762 ? 71  ASN A CG  1 
ATOM   542  O OD1 . ASN A 1 73  ? 8.56427   -13.00422 -0.42541  1.000 17.55401 ? 71  ASN A OD1 1 
ATOM   543  N ND2 . ASN A 1 73  ? 9.04770   -15.02056 0.44255   1.000 21.63415 ? 71  ASN A ND2 1 
ATOM   544  N N   . GLY A 1 74  ? 7.32369   -10.18095 0.66372   1.000 17.54144 ? 72  GLY A N   1 
ATOM   545  C CA  . GLY A 1 74  ? 8.20015   -9.03482  0.64830   1.000 18.41717 ? 72  GLY A CA  1 
ATOM   546  C C   . GLY A 1 74  ? 9.32254   -9.09534  -0.36226  1.000 19.15272 ? 72  GLY A C   1 
ATOM   547  O O   . GLY A 1 74  ? 10.04162  -8.09845  -0.52763  1.000 18.47086 ? 72  GLY A O   1 
ATOM   548  N N   . THR A 1 75  ? 9.50326   -10.21687 -1.05174  1.000 16.91972 ? 73  THR A N   1 
ATOM   549  C CA  . THR A 1 75  ? 10.59041  -10.33391 -2.01823  1.000 15.92701 ? 73  THR A CA  1 
ATOM   550  C C   . THR A 1 75  ? 10.14194  -10.14208 -3.46171  1.000 21.84514 ? 73  THR A C   1 
ATOM   551  O O   . THR A 1 75  ? 10.98919  -10.16230 -4.35928  1.000 22.57803 ? 73  THR A O   1 
ATOM   552  C CB  . THR A 1 75  ? 11.27506  -11.69617 -1.87812  1.000 20.51644 ? 73  THR A CB  1 
ATOM   553  O OG1 . THR A 1 75  ? 10.35747  -12.73655 -2.25037  1.000 20.36361 ? 73  THR A OG1 1 
ATOM   554  C CG2 . THR A 1 75  ? 11.76025  -11.91296 -0.43924  1.000 22.45312 ? 73  THR A CG2 1 
ATOM   555  N N   . GLY A 1 76  ? 8.84196   -9.96376  -3.71368  1.000 19.83132 ? 74  GLY A N   1 
ATOM   556  C CA  . GLY A 1 76  ? 8.33891   -9.93165  -5.07494  1.000 15.76379 ? 74  GLY A CA  1 
ATOM   557  C C   . GLY A 1 76  ? 7.54511   -8.67411  -5.37313  1.000 20.37977 ? 74  GLY A C   1 
ATOM   558  O O   . GLY A 1 76  ? 7.70328   -7.63576  -4.73394  1.000 20.14204 ? 74  GLY A O   1 
ATOM   559  N N   . GLY A 1 77  ? 6.67045   -8.79775  -6.36804  1.000 20.22969 ? 75  GLY A N   1 
ATOM   560  C CA  . GLY A 1 77  ? 5.84352   -7.72861  -6.88659  1.000 21.09658 ? 75  GLY A CA  1 
ATOM   561  C C   . GLY A 1 77  ? 6.43471   -7.12249  -8.14905  1.000 17.66727 ? 75  GLY A C   1 
ATOM   562  O O   . GLY A 1 77  ? 7.62261   -7.24296  -8.44287  1.000 18.98803 ? 75  GLY A O   1 
ATOM   563  N N   . LYS A 1 78  ? 5.57578   -6.47363  -8.93019  1.000 16.77306 ? 76  LYS A N   1 
ATOM   564  C CA  . LYS A 1 78  ? 6.03136   -5.80975  -10.14043 1.000 19.49791 ? 76  LYS A CA  1 
ATOM   565  C C   . LYS A 1 78  ? 5.07544   -4.67861  -10.46655 1.000 17.45914 ? 76  LYS A C   1 
ATOM   566  O O   . LYS A 1 78  ? 3.90185   -4.71133  -10.08461 1.000 17.18765 ? 76  LYS A O   1 
ATOM   567  C CB  . LYS A 1 78  ? 6.13125   -6.77208  -11.32757 1.000 20.27093 ? 76  LYS A CB  1 
ATOM   568  C CG  . LYS A 1 78  ? 4.79787   -7.36808  -11.75774 1.000 19.81972 ? 76  LYS A CG  1 
ATOM   569  C CD  . LYS A 1 78  ? 4.99300   -8.31147  -12.92854 1.000 25.50203 ? 76  LYS A CD  1 
ATOM   570  C CE  . LYS A 1 78  ? 3.68261   -8.93213  -13.37358 1.000 34.76744 ? 76  LYS A CE  1 
ATOM   571  N NZ  . LYS A 1 78  ? 3.87508   -9.85464  -14.52984 1.000 31.48021 ? 76  LYS A NZ  1 
ATOM   572  N N   . SER A 1 79  ? 5.59158   -3.66496  -11.15724 1.000 15.11204 ? 77  SER A N   1 
ATOM   573  C CA  . SER A 1 79  ? 4.76531   -2.53327  -11.54464 1.000 13.81882 ? 77  SER A CA  1 
ATOM   574  C C   . SER A 1 79  ? 4.05669   -2.82054  -12.86366 1.000 18.49394 ? 77  SER A C   1 
ATOM   575  O O   . SER A 1 79  ? 4.30051   -3.83180  -13.52516 1.000 21.90957 ? 77  SER A O   1 
ATOM   576  C CB  . SER A 1 79  ? 5.61150   -1.26147  -11.66901 1.000 18.43590 ? 77  SER A CB  1 
ATOM   577  O OG  . SER A 1 79  ? 6.24082   -1.19955  -12.93726 1.000 21.70923 ? 77  SER A OG  1 
ATOM   578  N N   . ILE A 1 80  ? 3.17018   -1.90207  -13.25694 1.000 15.91728 ? 78  ILE A N   1 
ATOM   579  C CA  . ILE A 1 80  ? 2.53676   -2.02700  -14.56975 1.000 17.19830 ? 78  ILE A CA  1 
ATOM   580  C C   . ILE A 1 80  ? 3.46789   -1.61428  -15.69678 1.000 21.97698 ? 78  ILE A C   1 
ATOM   581  O O   . ILE A 1 80  ? 3.10947   -1.76725  -16.87213 1.000 21.51388 ? 78  ILE A O   1 
ATOM   582  C CB  . ILE A 1 80  ? 1.23476   -1.20592  -14.64427 1.000 15.08519 ? 78  ILE A CB  1 
ATOM   583  C CG1 . ILE A 1 80  ? 1.53045   0.28949   -14.47663 1.000 16.51072 ? 78  ILE A CG1 1 
ATOM   584  C CG2 . ILE A 1 80  ? 0.24807   -1.70448  -13.59662 1.000 16.62394 ? 78  ILE A CG2 1 
ATOM   585  C CD1 . ILE A 1 80  ? 0.36086   1.19926   -14.79889 1.000 16.76768 ? 78  ILE A CD1 1 
ATOM   586  N N   . TYR A 1 81  ? 4.65776   -1.10976  -15.37572 1.000 17.08165 ? 79  TYR A N   1 
ATOM   587  C CA  . TYR A 1 81  ? 5.58329   -0.58405  -16.37511 1.000 20.37889 ? 79  TYR A CA  1 
ATOM   588  C C   . TYR A 1 81  ? 6.73039   -1.53023  -16.67782 1.000 29.93117 ? 79  TYR A C   1 
ATOM   589  O O   . TYR A 1 81  ? 7.55660   -1.23024  -17.54731 1.000 33.58735 ? 79  TYR A O   1 
ATOM   590  C CB  . TYR A 1 81  ? 6.16249   0.75997   -15.91270 1.000 22.49337 ? 79  TYR A CB  1 
ATOM   591  C CG  . TYR A 1 81  ? 5.12355   1.75159   -15.45281 1.000 18.61168 ? 79  TYR A CG  1 
ATOM   592  C CD1 . TYR A 1 81  ? 4.21314   2.29118   -16.35048 1.000 16.90789 ? 79  TYR A CD1 1 
ATOM   593  C CD2 . TYR A 1 81  ? 5.03947   2.13776   -14.12042 1.000 17.86070 ? 79  TYR A CD2 1 
ATOM   594  C CE1 . TYR A 1 81  ? 3.24741   3.18241   -15.94036 1.000 20.15210 ? 79  TYR A CE1 1 
ATOM   595  C CE2 . TYR A 1 81  ? 4.09092   3.04002   -13.70271 1.000 17.00131 ? 79  TYR A CE2 1 
ATOM   596  C CZ  . TYR A 1 81  ? 3.19340   3.55563   -14.61054 1.000 18.57827 ? 79  TYR A CZ  1 
ATOM   597  O OH  . TYR A 1 81  ? 2.23569   4.45441   -14.19837 1.000 17.43422 ? 79  TYR A OH  1 
ATOM   598  N N   . GLY A 1 82  ? 6.79518   -2.66118  -15.99386 1.000 33.98413 ? 80  GLY A N   1 
ATOM   599  C CA  . GLY A 1 82  ? 8.00569   -3.44214  -15.87861 1.000 33.78767 ? 80  GLY A CA  1 
ATOM   600  C C   . GLY A 1 82  ? 8.28324   -3.77124  -14.43088 1.000 35.36694 ? 80  GLY A C   1 
ATOM   601  O O   . GLY A 1 82  ? 7.54255   -3.38525  -13.52549 1.000 33.91678 ? 80  GLY A O   1 
ATOM   602  N N   . GLU A 1 83  ? 9.38347   -4.49998  -14.21557 1.000 32.65226 ? 81  GLU A N   1 
ATOM   603  C CA  . GLU A 1 83  ? 9.73225   -4.90611  -12.85891 1.000 31.57546 ? 81  GLU A CA  1 
ATOM   604  C C   . GLU A 1 83  ? 9.82605   -3.69514  -11.92997 1.000 32.80216 ? 81  GLU A C   1 
ATOM   605  O O   . GLU A 1 83  ? 9.25534   -3.71093  -10.82947 1.000 30.71786 ? 81  GLU A O   1 
ATOM   606  C CB  . GLU A 1 83  ? 11.04006  -5.70150  -12.87099 1.000 36.55557 ? 81  GLU A CB  1 
ATOM   607  N N   . LYS A 1 84  ? 10.51494  -2.62416  -12.36091 1.000 21.53442 ? 82  LYS A N   1 
ATOM   608  C CA  . LYS A 1 84  ? 10.74184  -1.48166  -11.47767 1.000 15.90625 ? 82  LYS A CA  1 
ATOM   609  C C   . LYS A 1 84  ? 10.63603  -0.17353  -12.25120 1.000 20.31174 ? 82  LYS A C   1 
ATOM   610  O O   . LYS A 1 84  ? 10.90906  -0.13021  -13.45350 1.000 27.27041 ? 82  LYS A O   1 
ATOM   611  C CB  . LYS A 1 84  ? 12.11899  -1.57149  -10.79193 1.000 18.76952 ? 82  LYS A CB  1 
ATOM   612  N N   . PHE A 1 85  ? 10.22868  0.89768   -11.55434 1.000 16.03803 ? 83  PHE A N   1 
ATOM   613  C CA  . PHE A 1 85  ? 10.20261  2.22997   -12.14294 1.000 14.62043 ? 83  PHE A CA  1 
ATOM   614  C C   . PHE A 1 85  ? 10.76579  3.25630   -11.17053 1.000 14.12617 ? 83  PHE A C   1 
ATOM   615  O O   . PHE A 1 85  ? 10.99712  2.98347   -9.99209  1.000 14.31671 ? 83  PHE A O   1 
ATOM   616  C CB  . PHE A 1 85  ? 8.78864   2.63509   -12.63172 1.000 15.77166 ? 83  PHE A CB  1 
ATOM   617  C CG  . PHE A 1 85  ? 7.75333   2.83459   -11.55085 1.000 14.57847 ? 83  PHE A CG  1 
ATOM   618  C CD1 . PHE A 1 85  ? 7.14497   1.74855   -10.93528 1.000 16.87461 ? 83  PHE A CD1 1 
ATOM   619  C CD2 . PHE A 1 85  ? 7.33425   4.11711   -11.20526 1.000 12.70599 ? 83  PHE A CD2 1 
ATOM   620  C CE1 . PHE A 1 85  ? 6.15944   1.93062   -9.95799  1.000 17.85247 ? 83  PHE A CE1 1 
ATOM   621  C CE2 . PHE A 1 85  ? 6.34258   4.31242   -10.22502 1.000 13.70868 ? 83  PHE A CE2 1 
ATOM   622  C CZ  . PHE A 1 85  ? 5.75882   3.20948   -9.59125  1.000 13.45411 ? 83  PHE A CZ  1 
ATOM   623  N N   . GLU A 1 86  ? 10.99028  4.45413   -11.70394 1.000 15.14388 ? 84  GLU A N   1 
ATOM   624  C CA  . GLU A 1 86  ? 11.71931  5.50308   -11.01143 1.000 16.84870 ? 84  GLU A CA  1 
ATOM   625  C C   . GLU A 1 86  ? 10.95224  6.03478   -9.79981  1.000 16.47339 ? 84  GLU A C   1 
ATOM   626  O O   . GLU A 1 86  ? 9.73570   5.87284   -9.67233  1.000 17.51481 ? 84  GLU A O   1 
ATOM   627  C CB  . GLU A 1 86  ? 12.00593  6.64721   -11.98309 1.000 16.26579 ? 84  GLU A CB  1 
ATOM   628  C CG  . GLU A 1 86  ? 10.74872  7.38516   -12.48411 1.000 16.41169 ? 84  GLU A CG  1 
ATOM   629  C CD  . GLU A 1 86  ? 10.18119  6.82523   -13.78354 1.000 22.43979 ? 84  GLU A CD  1 
ATOM   630  O OE1 . GLU A 1 86  ? 10.43772  5.63941   -14.10490 1.000 18.41935 ? 84  GLU A OE1 1 
ATOM   631  O OE2 . GLU A 1 86  ? 9.46631   7.58576   -14.48754 1.000 17.86487 ? 84  GLU A OE2 1 
ATOM   632  N N   . ASP A 1 87  ? 11.69412  6.66432   -8.88611  1.000 14.70513 ? 85  ASP A N   1 
ATOM   633  C CA  . ASP A 1 87  ? 11.09160  7.55542   -7.90016  1.000 14.26945 ? 85  ASP A CA  1 
ATOM   634  C C   . ASP A 1 87  ? 10.61253  8.79374   -8.64088  1.000 18.43243 ? 85  ASP A C   1 
ATOM   635  O O   . ASP A 1 87  ? 11.43212  9.58259   -9.12940  1.000 17.41502 ? 85  ASP A O   1 
ATOM   636  C CB  . ASP A 1 87  ? 12.09875  7.93802   -6.81897  1.000 15.52862 ? 85  ASP A CB  1 
ATOM   637  C CG  . ASP A 1 87  ? 12.56708  6.75199   -5.99074  1.000 18.54863 ? 85  ASP A CG  1 
ATOM   638  O OD1 . ASP A 1 87  ? 11.70784  5.94746   -5.56139  1.000 15.56142 ? 85  ASP A OD1 1 
ATOM   639  O OD2 . ASP A 1 87  ? 13.79477  6.64031   -5.74028  1.000 14.45797 ? 85  ASP A OD2 1 
ATOM   640  N N   . GLU A 1 88  ? 9.29467   8.96379   -8.73648  1.000 14.38936 ? 86  GLU A N   1 
ATOM   641  C CA  . GLU A 1 88  ? 8.74990   10.00144  -9.60572  1.000 16.13660 ? 86  GLU A CA  1 
ATOM   642  C C   . GLU A 1 88  ? 9.11908   11.38934  -9.10306  1.000 14.47331 ? 86  GLU A C   1 
ATOM   643  O O   . GLU A 1 88  ? 9.61791   12.22629  -9.86158  1.000 19.83697 ? 86  GLU A O   1 
ATOM   644  C CB  . GLU A 1 88  ? 7.24040   9.84606   -9.70002  1.000 18.18234 ? 86  GLU A CB  1 
ATOM   645  C CG  . GLU A 1 88  ? 6.60171   10.74466  -10.71830 1.000 20.21778 ? 86  GLU A CG  1 
ATOM   646  C CD  . GLU A 1 88  ? 5.14722   10.37496  -10.95606 1.000 20.71477 ? 86  GLU A CD  1 
ATOM   647  O OE1 . GLU A 1 88  ? 4.60151   9.54253   -10.19069 1.000 17.14554 ? 86  GLU A OE1 1 
ATOM   648  O OE2 . GLU A 1 88  ? 4.55396   10.91356  -11.91639 1.000 20.35863 ? 86  GLU A OE2 1 
ATOM   649  N N   . ASN A 1 89  ? 8.86379   11.64812  -7.83042  1.000 17.26739 ? 87  ASN A N   1 
ATOM   650  C CA  . ASN A 1 89  ? 9.30663   12.85129  -7.13947  1.000 16.04699 ? 87  ASN A CA  1 
ATOM   651  C C   . ASN A 1 89  ? 9.06694   12.61533  -5.66088  1.000 12.85705 ? 87  ASN A C   1 
ATOM   652  O O   . ASN A 1 89  ? 8.46973   11.61167  -5.26997  1.000 17.02511 ? 87  ASN A O   1 
ATOM   653  C CB  . ASN A 1 89  ? 8.57275   14.10245  -7.62231  1.000 17.01503 ? 87  ASN A CB  1 
ATOM   654  C CG  . ASN A 1 89  ? 7.09208   14.05507  -7.34246  1.000 15.90229 ? 87  ASN A CG  1 
ATOM   655  O OD1 . ASN A 1 89  ? 6.65728   14.03102  -6.18480  1.000 15.98608 ? 87  ASN A OD1 1 
ATOM   656  N ND2 . ASN A 1 89  ? 6.29498   14.06415  -8.40789  1.000 15.83993 ? 87  ASN A ND2 1 
ATOM   657  N N   . PHE A 1 90  ? 9.55299   13.54256  -4.83763  1.000 17.56927 ? 88  PHE A N   1 
ATOM   658  C CA  . PHE A 1 90  ? 9.36377   13.47436  -3.39497  1.000 15.24749 ? 88  PHE A CA  1 
ATOM   659  C C   . PHE A 1 90  ? 8.65934   14.72333  -2.88268  1.000 16.68802 ? 88  PHE A C   1 
ATOM   660  O O   . PHE A 1 90  ? 8.94714   15.22847  -1.78826  1.000 21.04733 ? 88  PHE A O   1 
ATOM   661  C CB  . PHE A 1 90  ? 10.70151  13.26979  -2.68792  1.000 16.47463 ? 88  PHE A CB  1 
ATOM   662  C CG  . PHE A 1 90  ? 11.38389  11.97870  -3.05636  1.000 13.83377 ? 88  PHE A CG  1 
ATOM   663  C CD1 . PHE A 1 90  ? 10.90841  10.75760  -2.58072  1.000 16.12675 ? 88  PHE A CD1 1 
ATOM   664  C CD2 . PHE A 1 90  ? 12.49898  11.98325  -3.87265  1.000 14.63442 ? 88  PHE A CD2 1 
ATOM   665  C CE1 . PHE A 1 90  ? 11.54018  9.56909   -2.90700  1.000 14.38083 ? 88  PHE A CE1 1 
ATOM   666  C CE2 . PHE A 1 90  ? 13.13595  10.79935  -4.20875  1.000 14.72572 ? 88  PHE A CE2 1 
ATOM   667  C CZ  . PHE A 1 90  ? 12.65569  9.58445   -3.72046  1.000 14.98494 ? 88  PHE A CZ  1 
ATOM   668  N N   . ILE A 1 91  ? 7.71526   15.22917  -3.67943  1.000 14.61971 ? 89  ILE A N   1 
ATOM   669  C CA  . ILE A 1 91  ? 6.98805   16.44175  -3.31325  1.000 17.64810 ? 89  ILE A CA  1 
ATOM   670  C C   . ILE A 1 91  ? 6.23052   16.23803  -2.01139  1.000 21.31611 ? 89  ILE A C   1 
ATOM   671  O O   . ILE A 1 91  ? 6.25797   17.09120  -1.11657  1.000 20.79246 ? 89  ILE A O   1 
ATOM   672  C CB  . ILE A 1 91  ? 6.03847   16.85193  -4.45162  1.000 18.80147 ? 89  ILE A CB  1 
ATOM   673  C CG1 . ILE A 1 91  ? 6.82975   17.36244  -5.65227  1.000 17.19666 ? 89  ILE A CG1 1 
ATOM   674  C CG2 . ILE A 1 91  ? 5.03399   17.89401  -3.97084  1.000 21.46413 ? 89  ILE A CG2 1 
ATOM   675  C CD1 . ILE A 1 91  ? 5.93818   17.56448  -6.88428  1.000 23.33511 ? 89  ILE A CD1 1 
ATOM   676  N N   . LEU A 1 92  ? 5.53107   15.11241  -1.89378  1.000 17.23996 ? 90  LEU A N   1 
ATOM   677  C CA  . LEU A 1 92  ? 4.71126   14.82046  -0.72628  1.000 16.81439 ? 90  LEU A CA  1 
ATOM   678  C C   . LEU A 1 92  ? 5.53191   14.14382  0.36225   1.000 18.87401 ? 90  LEU A C   1 
ATOM   679  O O   . LEU A 1 92  ? 6.42091   13.33402  0.07748   1.000 18.16539 ? 90  LEU A O   1 
ATOM   680  C CB  . LEU A 1 92  ? 3.53440   13.93204  -1.11604  1.000 17.97983 ? 90  LEU A CB  1 
ATOM   681  C CG  . LEU A 1 92  ? 2.66435   14.61433  -2.16583  1.000 18.33827 ? 90  LEU A CG  1 
ATOM   682  C CD1 . LEU A 1 92  ? 1.55381   13.68866  -2.59523  1.000 18.22190 ? 90  LEU A CD1 1 
ATOM   683  C CD2 . LEU A 1 92  ? 2.10558   15.92484  -1.61510  1.000 25.66223 ? 90  LEU A CD2 1 
ATOM   684  N N   . LYS A 1 93  ? 5.20519   14.46731  1.61240   1.000 19.66496 ? 91  LYS A N   1 
ATOM   685  C CA  . LYS A 1 93  ? 5.96396   14.04432  2.77920   1.000 18.14482 ? 91  LYS A CA  1 
ATOM   686  C C   . LYS A 1 93  ? 5.13615   13.08748  3.62868   1.000 17.11226 ? 91  LYS A C   1 
ATOM   687  O O   . LYS A 1 93  ? 3.91278   13.00714  3.50144   1.000 18.67736 ? 91  LYS A O   1 
ATOM   688  C CB  . LYS A 1 93  ? 6.39059   15.25196  3.62343   1.000 17.10151 ? 91  LYS A CB  1 
ATOM   689  C CG  . LYS A 1 93  ? 7.00211   16.40392  2.80863   1.000 19.03019 ? 91  LYS A CG  1 
ATOM   690  C CD  . LYS A 1 93  ? 8.21306   15.95331  2.00979   1.000 24.89859 ? 91  LYS A CD  1 
ATOM   691  C CE  . LYS A 1 93  ? 8.88033   17.12909  1.27750   1.000 27.59611 ? 91  LYS A CE  1 
ATOM   692  N NZ  . LYS A 1 93  ? 9.86784   16.66773  0.25047   1.000 27.78492 ? 91  LYS A NZ  1 
ATOM   693  N N   . HIS A 1 94  ? 5.82512   12.35472  4.50463   1.000 14.34419 ? 92  HIS A N   1 
ATOM   694  C CA  . HIS A 1 94  ? 5.17682   11.37419  5.38432   1.000 14.99953 ? 92  HIS A CA  1 
ATOM   695  C C   . HIS A 1 94  ? 4.72631   12.14246  6.61656   1.000 18.53239 ? 92  HIS A C   1 
ATOM   696  O O   . HIS A 1 94  ? 5.47186   12.27755  7.58717   1.000 20.07719 ? 92  HIS A O   1 
ATOM   697  C CB  . HIS A 1 94  ? 6.13344   10.24981  5.76981   1.000 13.42996 ? 92  HIS A CB  1 
ATOM   698  C CG  . HIS A 1 94  ? 6.63335   9.43725   4.61606   1.000 12.14160 ? 92  HIS A CG  1 
ATOM   699  N ND1 . HIS A 1 94  ? 7.66163   9.85663   3.79748   1.000 14.57164 ? 92  HIS A ND1 1 
ATOM   700  C CD2 . HIS A 1 94  ? 6.27838   8.20725   4.17388   1.000 15.85362 ? 92  HIS A CD2 1 
ATOM   701  C CE1 . HIS A 1 94  ? 7.88586   8.93851   2.87165   1.000 11.42880 ? 92  HIS A CE1 1 
ATOM   702  N NE2 . HIS A 1 94  ? 7.06620   7.92440   3.08365   1.000 12.10907 ? 92  HIS A NE2 1 
ATOM   703  N N   . THR A 1 95  ? 3.49934   12.66795  6.57415   1.000 16.96354 ? 93  THR A N   1 
ATOM   704  C CA  . THR A 1 95  ? 3.05596   13.64026  7.56664   1.000 19.16854 ? 93  THR A CA  1 
ATOM   705  C C   . THR A 1 95  ? 2.32604   13.01777  8.74975   1.000 24.04448 ? 93  THR A C   1 
ATOM   706  O O   . THR A 1 95  ? 2.13647   13.69538  9.76674   1.000 21.08609 ? 93  THR A O   1 
ATOM   707  C CB  . THR A 1 95  ? 2.14985   14.68061  6.90732   1.000 19.00032 ? 93  THR A CB  1 
ATOM   708  O OG1 . THR A 1 95  ? 1.08581   14.01119  6.22277   1.000 19.22433 ? 93  THR A OG1 1 
ATOM   709  C CG2 . THR A 1 95  ? 2.94447   15.49585  5.90787   1.000 23.50624 ? 93  THR A CG2 1 
ATOM   710  N N   . GLY A 1 96  ? 1.91500   11.75905  8.65084   1.000 17.44983 ? 94  GLY A N   1 
ATOM   711  C CA  . GLY A 1 96  ? 1.25139   11.10578  9.74915   1.000 21.24191 ? 94  GLY A CA  1 
ATOM   712  C C   . GLY A 1 96  ? 0.50290   9.86228   9.32327   1.000 22.52834 ? 94  GLY A C   1 
ATOM   713  O O   . GLY A 1 96  ? 0.68324   9.33960   8.21785   1.000 19.59535 ? 94  GLY A O   1 
ATOM   714  N N   . PRO A 1 97  ? -0.35596  9.36653   10.21319  1.000 20.04195 ? 95  PRO A N   1 
ATOM   715  C CA  . PRO A 1 97  ? -1.12207  8.14853   9.91829   1.000 20.28633 ? 95  PRO A CA  1 
ATOM   716  C C   . PRO A 1 97  ? -1.96708  8.31431   8.66886   1.000 18.70289 ? 95  PRO A C   1 
ATOM   717  O O   . PRO A 1 97  ? -2.49910  9.39253   8.39376   1.000 21.58221 ? 95  PRO A O   1 
ATOM   718  C CB  . PRO A 1 97  ? -2.00501  7.96975   11.16356  1.000 20.42559 ? 95  PRO A CB  1 
ATOM   719  C CG  . PRO A 1 97  ? -1.30357  8.76755   12.24868  1.000 22.10614 ? 95  PRO A CG  1 
ATOM   720  C CD  . PRO A 1 97  ? -0.67045  9.92725   11.53948  1.000 18.94911 ? 95  PRO A CD  1 
ATOM   721  N N   . GLY A 1 98  ? -2.07752  7.22650   7.90284   1.000 15.37478 ? 96  GLY A N   1 
ATOM   722  C CA  . GLY A 1 98  ? -2.90220  7.19893   6.71297   1.000 16.87436 ? 96  GLY A CA  1 
ATOM   723  C C   . GLY A 1 98  ? -2.14846  7.44669   5.42580   1.000 17.23668 ? 96  GLY A C   1 
ATOM   724  O O   . GLY A 1 98  ? -2.68733  7.16247   4.35032   1.000 15.61305 ? 96  GLY A O   1 
ATOM   725  N N   . ILE A 1 99  ? -0.91955  7.96579   5.51637   1.000 16.73877 ? 97  ILE A N   1 
ATOM   726  C CA  . ILE A 1 99  ? -0.09543  8.20409   4.33838   1.000 14.54207 ? 97  ILE A CA  1 
ATOM   727  C C   . ILE A 1 99  ? 0.19247   6.88154   3.64816   1.000 16.15640 ? 97  ILE A C   1 
ATOM   728  O O   . ILE A 1 99  ? 0.55843   5.88695   4.28967   1.000 14.19153 ? 97  ILE A O   1 
ATOM   729  C CB  . ILE A 1 99  ? 1.20614   8.91805   4.73519   1.000 17.30332 ? 97  ILE A CB  1 
ATOM   730  C CG1 . ILE A 1 99  ? 0.93646   10.38905  5.05252   1.000 17.34527 ? 97  ILE A CG1 1 
ATOM   731  C CG2 . ILE A 1 99  ? 2.22916   8.82538   3.60417   1.000 15.76731 ? 97  ILE A CG2 1 
ATOM   732  C CD1 . ILE A 1 99  ? 0.57991   11.22018  3.82801   1.000 20.95289 ? 97  ILE A CD1 1 
ATOM   733  N N   . LEU A 1 100 ? 0.02705   6.87045   2.33038   1.000 11.99881 ? 98  LEU A N   1 
ATOM   734  C CA  . LEU A 1 100 ? 0.32125   5.72413   1.48812   1.000 11.95141 ? 98  LEU A CA  1 
ATOM   735  C C   . LEU A 1 100 ? 1.58555   6.03133   0.68967   1.000 15.22481 ? 98  LEU A C   1 
ATOM   736  O O   . LEU A 1 100 ? 1.65971   7.06980   0.02189   1.000 14.50967 ? 98  LEU A O   1 
ATOM   737  C CB  . LEU A 1 100 ? -0.87043  5.45177   0.56205   1.000 15.17774 ? 98  LEU A CB  1 
ATOM   738  C CG  . LEU A 1 100 ? -0.77716  4.33651   -0.45925  1.000 15.05656 ? 98  LEU A CG  1 
ATOM   739  C CD1 . LEU A 1 100 ? -0.71438  2.99828   0.22595   1.000 17.07795 ? 98  LEU A CD1 1 
ATOM   740  C CD2 . LEU A 1 100 ? -2.01210  4.40910   -1.37408  1.000 17.18956 ? 98  LEU A CD2 1 
ATOM   741  N N   . SER A 1 101 ? 2.58200   5.14882   0.76485   1.000 12.92839 ? 99  SER A N   1 
ATOM   742  C CA  . SER A 1 101 ? 3.89799   5.46752   0.21487   1.000 10.57102 ? 99  SER A CA  1 
ATOM   743  C C   . SER A 1 101 ? 4.50778   4.18814   -0.35321  1.000 13.09532 ? 99  SER A C   1 
ATOM   744  O O   . SER A 1 101 ? 4.11883   3.07845   0.02105   1.000 12.94133 ? 99  SER A O   1 
ATOM   745  C CB  . SER A 1 101 ? 4.78705   6.13065   1.29773   1.000 14.86483 ? 99  SER A CB  1 
ATOM   746  O OG  . SER A 1 101 ? 6.17346   6.22836   0.93332   1.000 15.37513 ? 99  SER A OG  1 
ATOM   747  N N   . MET A 1 102 ? 5.45399   4.33732   -1.28653  1.000 14.24170 ? 100 MET A N   1 
ATOM   748  C CA  . MET A 1 102 ? 6.01284   3.17907   -1.99039  1.000 13.12775 ? 100 MET A CA  1 
ATOM   749  C C   . MET A 1 102 ? 7.14276   2.53842   -1.18786  1.000 12.53500 ? 100 MET A C   1 
ATOM   750  O O   . MET A 1 102 ? 8.03150   3.23054   -0.69503  1.000 13.52213 ? 100 MET A O   1 
ATOM   751  C CB  . MET A 1 102 ? 6.53433   3.58404   -3.37374  1.000 13.92666 ? 100 MET A CB  1 
ATOM   752  C CG  . MET A 1 102 ? 5.41920   3.90500   -4.38535  1.000 9.06449  ? 100 MET A CG  1 
ATOM   753  S SD  . MET A 1 102 ? 4.29156   2.52362   -4.63804  1.000 14.62693 ? 100 MET A SD  1 
ATOM   754  C CE  . MET A 1 102 ? 5.26723   1.41477   -5.66703  1.000 14.49319 ? 100 MET A CE  1 
ATOM   755  N N   . ALA A 1 103 ? 7.11888   1.21356   -1.07463  1.000 11.68489 ? 101 ALA A N   1 
ATOM   756  C CA  . ALA A 1 103 ? 8.29159   0.49949   -0.57798  1.000 10.37371 ? 101 ALA A CA  1 
ATOM   757  C C   . ALA A 1 103 ? 9.32442   0.36864   -1.69642  1.000 12.06272 ? 101 ALA A C   1 
ATOM   758  O O   . ALA A 1 103 ? 8.98812   0.42155   -2.88357  1.000 15.09901 ? 101 ALA A O   1 
ATOM   759  C CB  . ALA A 1 103 ? 7.88096   -0.88883  -0.06292  1.000 14.36898 ? 101 ALA A CB  1 
ATOM   760  N N   . ASN A 1 104 ? 10.59629  0.19581   -1.32470  1.000 13.60474 ? 102 ASN A N   1 
ATOM   761  C CA  . ASN A 1 104 ? 11.59711  0.02048   -2.36999  1.000 15.54496 ? 102 ASN A CA  1 
ATOM   762  C C   . ASN A 1 104 ? 12.86126  -0.61229  -1.80476  1.000 14.74816 ? 102 ASN A C   1 
ATOM   763  O O   . ASN A 1 104 ? 13.00898  -0.79785  -0.59586  1.000 15.66210 ? 102 ASN A O   1 
ATOM   764  C CB  . ASN A 1 104 ? 11.91722  1.35030   -3.05544  1.000 15.43347 ? 102 ASN A CB  1 
ATOM   765  C CG  . ASN A 1 104 ? 12.54635  2.35184   -2.10998  1.000 15.71564 ? 102 ASN A CG  1 
ATOM   766  O OD1 . ASN A 1 104 ? 13.53657  2.05556   -1.44620  1.000 15.01159 ? 102 ASN A OD1 1 
ATOM   767  N ND2 . ASN A 1 104 ? 11.97760  3.54793   -2.05202  1.000 13.92826 ? 102 ASN A ND2 1 
ATOM   768  N N   . ALA A 1 105 ? 13.78945  -0.91585  -2.71209  1.000 16.49920 ? 103 ALA A N   1 
ATOM   769  C CA  . ALA A 1 105 ? 15.04381  -1.57620  -2.36717  1.000 18.49085 ? 103 ALA A CA  1 
ATOM   770  C C   . ALA A 1 105 ? 16.24825  -0.73799  -2.77691  1.000 27.15929 ? 103 ALA A C   1 
ATOM   771  O O   . ALA A 1 105 ? 17.33185  -1.27574  -3.01454  1.000 22.11437 ? 103 ALA A O   1 
ATOM   772  C CB  . ALA A 1 105 ? 15.11558  -2.95909  -3.01620  1.000 22.02892 ? 103 ALA A CB  1 
ATOM   773  N N   . GLY A 1 106 ? 16.07371  0.57793   -2.86169  1.000 17.11750 ? 104 GLY A N   1 
ATOM   774  C CA  . GLY A 1 106 ? 17.11625  1.45288   -3.35818  1.000 19.89640 ? 104 GLY A CA  1 
ATOM   775  C C   . GLY A 1 106 ? 16.53939  2.51523   -4.27095  1.000 18.41513 ? 104 GLY A C   1 
ATOM   776  O O   . GLY A 1 106 ? 15.32404  2.55273   -4.52478  1.000 16.76966 ? 104 GLY A O   1 
ATOM   777  N N   . PRO A 1 107 ? 17.39234  3.39449   -4.79866  1.000 15.13428 ? 105 PRO A N   1 
ATOM   778  C CA  . PRO A 1 107 ? 16.88496  4.46431   -5.66571  1.000 14.68346 ? 105 PRO A CA  1 
ATOM   779  C C   . PRO A 1 107 ? 16.24702  3.89323   -6.91914  1.000 15.47039 ? 105 PRO A C   1 
ATOM   780  O O   . PRO A 1 107 ? 16.81336  3.02378   -7.58155  1.000 16.29572 ? 105 PRO A O   1 
ATOM   781  C CB  . PRO A 1 107 ? 18.14022  5.28496   -6.00550  1.000 18.03389 ? 105 PRO A CB  1 
ATOM   782  C CG  . PRO A 1 107 ? 19.16358  4.87865   -5.01416  1.000 25.67761 ? 105 PRO A CG  1 
ATOM   783  C CD  . PRO A 1 107 ? 18.85508  3.46670   -4.62432  1.000 14.19716 ? 105 PRO A CD  1 
ATOM   784  N N   . ASN A 1 108 ? 15.06469  4.39781   -7.24576  1.000 13.84274 ? 106 ASN A N   1 
ATOM   785  C CA  . ASN A 1 108 ? 14.41235  4.10438   -8.52743  1.000 13.85103 ? 106 ASN A CA  1 
ATOM   786  C C   . ASN A 1 108 ? 14.15973  2.60558   -8.70614  1.000 15.35894 ? 106 ASN A C   1 
ATOM   787  O O   . ASN A 1 108 ? 14.47170  2.01746   -9.74782  1.000 16.66129 ? 106 ASN A O   1 
ATOM   788  C CB  . ASN A 1 108 ? 15.23631  4.67451   -9.68688  1.000 16.31641 ? 106 ASN A CB  1 
ATOM   789  C CG  . ASN A 1 108 ? 15.41828  6.16296   -9.57340  1.000 15.21194 ? 106 ASN A CG  1 
ATOM   790  O OD1 . ASN A 1 108 ? 14.44057  6.89264   -9.44017  1.000 15.69882 ? 106 ASN A OD1 1 
ATOM   791  N ND2 . ASN A 1 108 ? 16.66948  6.62644   -9.58991  1.000 15.12795 ? 106 ASN A ND2 1 
ATOM   792  N N   . THR A 1 109 ? 13.58690  1.98191   -7.66872  1.000 15.00839 ? 107 THR A N   1 
ATOM   793  C CA  . THR A 1 109 ? 13.27633  0.55336   -7.70282  1.000 13.73367 ? 107 THR A CA  1 
ATOM   794  C C   . THR A 1 109 ? 11.83113  0.25742   -7.29592  1.000 15.74524 ? 107 THR A C   1 
ATOM   795  O O   . THR A 1 109 ? 11.54054  -0.81674  -6.75714  1.000 19.43860 ? 107 THR A O   1 
ATOM   796  C CB  . THR A 1 109 ? 14.24288  -0.24350  -6.82640  1.000 18.59553 ? 107 THR A CB  1 
ATOM   797  O OG1 . THR A 1 109 ? 14.15629  0.19912   -5.47018  1.000 17.54441 ? 107 THR A OG1 1 
ATOM   798  C CG2 . THR A 1 109 ? 15.67952  -0.08793  -7.32074  1.000 21.15248 ? 107 THR A CG2 1 
ATOM   799  N N   . ASN A 1 110 ? 10.90313  1.16160   -7.58929  1.000 16.31510 ? 108 ASN A N   1 
ATOM   800  C CA  . ASN A 1 110 ? 9.50827   0.93834   -7.21626  1.000 11.75214 ? 108 ASN A CA  1 
ATOM   801  C C   . ASN A 1 110 ? 8.89426   -0.20348  -8.01696  1.000 12.34368 ? 108 ASN A C   1 
ATOM   802  O O   . ASN A 1 110 ? 9.11901   -0.32959  -9.22057  1.000 16.15034 ? 108 ASN A O   1 
ATOM   803  C CB  . ASN A 1 110 ? 8.70620   2.21184   -7.44170  1.000 12.98689 ? 108 ASN A CB  1 
ATOM   804  C CG  . ASN A 1 110 ? 9.19422   3.33251   -6.57339  1.000 16.12944 ? 108 ASN A CG  1 
ATOM   805  O OD1 . ASN A 1 110 ? 8.95524   3.33506   -5.36519  1.000 16.69727 ? 108 ASN A OD1 1 
ATOM   806  N ND2 . ASN A 1 110 ? 9.90856   4.27423   -7.16926  1.000 16.25320 ? 108 ASN A ND2 1 
ATOM   807  N N   . GLY A 1 111 ? 8.09342   -1.02696  -7.34563  1.000 15.02143 ? 109 GLY A N   1 
ATOM   808  C CA  . GLY A 1 111 ? 7.38545   -2.08994  -8.03887  1.000 12.01624 ? 109 GLY A CA  1 
ATOM   809  C C   . GLY A 1 111 ? 5.90296   -2.02437  -7.75298  1.000 10.65468 ? 109 GLY A C   1 
ATOM   810  O O   . GLY A 1 111 ? 5.19472   -1.17347  -8.29308  1.000 16.31536 ? 109 GLY A O   1 
ATOM   811  N N   . SER A 1 112 ? 5.42332   -2.90782  -6.89143  1.000 12.62697 ? 110 SER A N   1 
ATOM   812  C CA  . SER A 1 112 ? 4.04792   -2.83804  -6.43453  1.000 11.81814 ? 110 SER A CA  1 
ATOM   813  C C   . SER A 1 112 ? 3.92160   -2.74706  -4.92313  1.000 12.79791 ? 110 SER A C   1 
ATOM   814  O O   . SER A 1 112 ? 2.82242   -2.45436  -4.43054  1.000 14.89301 ? 110 SER A O   1 
ATOM   815  C CB  . SER A 1 112 ? 3.25949   -4.06870  -6.90612  1.000 13.69160 ? 110 SER A CB  1 
ATOM   816  O OG  . SER A 1 112 ? 3.95055   -5.26025  -6.55030  1.000 13.58712 ? 110 SER A OG  1 
ATOM   817  N N   . GLN A 1 113 ? 4.98757   -3.01600  -4.17090  1.000 11.36832 ? 111 GLN A N   1 
ATOM   818  C CA  . GLN A 1 113 ? 4.86925   -3.01338  -2.71816  1.000 10.51296 ? 111 GLN A CA  1 
ATOM   819  C C   . GLN A 1 113 ? 4.72030   -1.58986  -2.20032  1.000 14.51979 ? 111 GLN A C   1 
ATOM   820  O O   . GLN A 1 113 ? 5.31172   -0.64801  -2.73573  1.000 13.94418 ? 111 GLN A O   1 
ATOM   821  C CB  . GLN A 1 113 ? 6.07752   -3.69256  -2.07837  1.000 12.79776 ? 111 GLN A CB  1 
ATOM   822  C CG  . GLN A 1 113 ? 6.06990   -5.20993  -2.26085  1.000 11.82393 ? 111 GLN A CG  1 
ATOM   823  C CD  . GLN A 1 113 ? 7.14445   -5.88557  -1.42992  1.000 14.01735 ? 111 GLN A CD  1 
ATOM   824  O OE1 . GLN A 1 113 ? 7.23713   -5.65931  -0.22943  1.000 16.54295 ? 111 GLN A OE1 1 
ATOM   825  N NE2 . GLN A 1 113 ? 7.98124   -6.69822  -2.07850  1.000 13.88096 ? 111 GLN A NE2 1 
ATOM   826  N N   . PHE A 1 114 ? 3.90049   -1.43856  -1.16046  1.000 14.40415 ? 112 PHE A N   1 
ATOM   827  C CA  . PHE A 1 114 ? 3.54325   -0.13641  -0.61803  1.000 13.79189 ? 112 PHE A CA  1 
ATOM   828  C C   . PHE A 1 114 ? 3.43177   -0.27701  0.89031   1.000 12.72842 ? 112 PHE A C   1 
ATOM   829  O O   . PHE A 1 114 ? 3.41899   -1.38734  1.43334   1.000 13.11755 ? 112 PHE A O   1 
ATOM   830  C CB  . PHE A 1 114 ? 2.20459   0.35064   -1.18425  1.000 11.35256 ? 112 PHE A CB  1 
ATOM   831  C CG  . PHE A 1 114 ? 1.06820   -0.57897  -0.86674  1.000 12.20767 ? 112 PHE A CG  1 
ATOM   832  C CD1 . PHE A 1 114 ? 0.37797   -0.47070  0.32921   1.000 15.83286 ? 112 PHE A CD1 1 
ATOM   833  C CD2 . PHE A 1 114 ? 0.72240   -1.59370  -1.74518  1.000 12.21111 ? 112 PHE A CD2 1 
ATOM   834  C CE1 . PHE A 1 114 ? -0.64233  -1.34915  0.64050   1.000 17.60066 ? 112 PHE A CE1 1 
ATOM   835  C CE2 . PHE A 1 114 ? -0.29848  -2.47874  -1.43282  1.000 14.47523 ? 112 PHE A CE2 1 
ATOM   836  C CZ  . PHE A 1 114 ? -0.98079  -2.35620  -0.25015  1.000 15.52956 ? 112 PHE A CZ  1 
ATOM   837  N N   . PHE A 1 115 ? 3.30658   0.84811   1.57924   1.000 12.51335 ? 113 PHE A N   1 
ATOM   838  C CA  . PHE A 1 115 ? 2.98123   0.75111   2.98805   1.000 11.18539 ? 113 PHE A CA  1 
ATOM   839  C C   . PHE A 1 115 ? 2.01897   1.85876   3.36556   1.000 12.96880 ? 113 PHE A C   1 
ATOM   840  O O   . PHE A 1 115 ? 2.00155   2.93437   2.75819   1.000 14.49671 ? 113 PHE A O   1 
ATOM   841  C CB  . PHE A 1 115 ? 4.23556   0.76017   3.89341   1.000 11.84024 ? 113 PHE A CB  1 
ATOM   842  C CG  . PHE A 1 115 ? 5.12471   1.97754   3.74337   1.000 10.10632 ? 113 PHE A CG  1 
ATOM   843  C CD1 . PHE A 1 115 ? 5.99882   2.09106   2.67029   1.000 14.97099 ? 113 PHE A CD1 1 
ATOM   844  C CD2 . PHE A 1 115 ? 5.13020   2.96692   4.71805   1.000 12.32833 ? 113 PHE A CD2 1 
ATOM   845  C CE1 . PHE A 1 115 ? 6.84747   3.19946   2.55797   1.000 12.75490 ? 113 PHE A CE1 1 
ATOM   846  C CE2 . PHE A 1 115 ? 5.96758   4.07669   4.61227   1.000 14.55962 ? 113 PHE A CE2 1 
ATOM   847  C CZ  . PHE A 1 115 ? 6.82180   4.19059   3.52479   1.000 16.74857 ? 113 PHE A CZ  1 
ATOM   848  N N   . ILE A 1 116 ? 1.20710   1.56238   4.37535   1.000 12.62470 ? 114 ILE A N   1 
ATOM   849  C CA  . ILE A 1 116 ? 0.26771   2.50496   4.97301   1.000 13.68422 ? 114 ILE A CA  1 
ATOM   850  C C   . ILE A 1 116 ? 0.80834   2.87007   6.34317   1.000 14.90110 ? 114 ILE A C   1 
ATOM   851  O O   . ILE A 1 116 ? 0.92581   1.99859   7.21524   1.000 14.38787 ? 114 ILE A O   1 
ATOM   852  C CB  . ILE A 1 116 ? -1.13560  1.89339   5.11738   1.000 17.05240 ? 114 ILE A CB  1 
ATOM   853  C CG1 . ILE A 1 116 ? -1.62627  1.29625   3.79174   1.000 15.77244 ? 114 ILE A CG1 1 
ATOM   854  C CG2 . ILE A 1 116 ? -2.10157  2.93544   5.65649   1.000 14.94409 ? 114 ILE A CG2 1 
ATOM   855  C CD1 . ILE A 1 116 ? -2.80950  0.34282   3.95236   1.000 15.21267 ? 114 ILE A CD1 1 
ATOM   856  N N   . CYS A 1 117 ? 1.12102   4.14794   6.54280   1.000 15.37145 ? 115 CYS A N   1 
ATOM   857  C CA  . CYS A 1 117 ? 1.65103   4.59663   7.82283   1.000 13.94710 ? 115 CYS A CA  1 
ATOM   858  C C   . CYS A 1 117 ? 0.56921   4.60753   8.89506   1.000 18.66714 ? 115 CYS A C   1 
ATOM   859  O O   . CYS A 1 117 ? -0.57127  5.01693   8.65037   1.000 18.17774 ? 115 CYS A O   1 
ATOM   860  C CB  . CYS A 1 117 ? 2.23274   5.99614   7.67727   1.000 17.57637 ? 115 CYS A CB  1 
ATOM   861  S SG  . CYS A 1 117 ? 3.56978   6.05732   6.48557   1.000 19.20639 ? 115 CYS A SG  1 
ATOM   862  N N   . THR A 1 118 ? 0.93205   4.17138   10.10383  1.000 16.49379 ? 116 THR A N   1 
ATOM   863  C CA  . THR A 1 118 ? 0.06368   4.35589   11.26111  1.000 17.45156 ? 116 THR A CA  1 
ATOM   864  C C   . THR A 1 118 ? 0.65207   5.38114   12.22039  1.000 22.17045 ? 116 THR A C   1 
ATOM   865  O O   . THR A 1 118 ? 0.13583   5.55896   13.32806  1.000 22.18108 ? 116 THR A O   1 
ATOM   866  C CB  . THR A 1 118 ? -0.19033  3.02952   11.99396  1.000 17.01934 ? 116 THR A CB  1 
ATOM   867  O OG1 . THR A 1 118 ? 1.05701   2.39304   12.30965  1.000 17.78173 ? 116 THR A OG1 1 
ATOM   868  C CG2 . THR A 1 118 ? -1.04632  2.07530   11.13428  1.000 20.86858 ? 116 THR A CG2 1 
ATOM   869  N N   . ALA A 1 119 ? 1.71872   6.05856   11.80343  1.000 18.91889 ? 117 ALA A N   1 
ATOM   870  C CA  . ALA A 1 119 ? 2.39713   7.08352   12.58154  1.000 18.67477 ? 117 ALA A CA  1 
ATOM   871  C C   . ALA A 1 119 ? 3.07263   8.02875   11.59877  1.000 22.64888 ? 117 ALA A C   1 
ATOM   872  O O   . ALA A 1 119 ? 3.19804   7.72512   10.41009  1.000 21.57072 ? 117 ALA A O   1 
ATOM   873  C CB  . ALA A 1 119 ? 3.41064   6.46682   13.54845  1.000 18.97752 ? 117 ALA A CB  1 
ATOM   874  N N   . LYS A 1 120 ? 3.49860   9.18870   12.10158  1.000 19.00894 ? 118 LYS A N   1 
ATOM   875  C CA  . LYS A 1 120 ? 4.32231   10.08343  11.29552  1.000 18.03700 ? 118 LYS A CA  1 
ATOM   876  C C   . LYS A 1 120 ? 5.69800   9.45749   11.08634  1.000 20.37814 ? 118 LYS A C   1 
ATOM   877  O O   . LYS A 1 120 ? 6.36546   9.07082   12.05260  1.000 19.50199 ? 118 LYS A O   1 
ATOM   878  C CB  . LYS A 1 120 ? 4.44550   11.44810  11.96718  1.000 19.19888 ? 118 LYS A CB  1 
ATOM   879  C CG  . LYS A 1 120 ? 5.22771   12.48332  11.14781  1.000 19.32355 ? 118 LYS A CG  1 
ATOM   880  C CD  . LYS A 1 120 ? 5.26346   13.82799  11.85705  1.000 26.26179 ? 118 LYS A CD  1 
ATOM   881  C CE  . LYS A 1 120 ? 5.96108   14.88231  11.01504  1.000 33.97894 ? 118 LYS A CE  1 
ATOM   882  N NZ  . LYS A 1 120 ? 5.90822   16.22206  11.66331  1.000 49.10198 ? 118 LYS A NZ  1 
ATOM   883  N N   . THR A 1 121 ? 6.11341   9.31872   9.82535   1.000 19.52163 ? 119 THR A N   1 
ATOM   884  C CA  . THR A 1 121 ? 7.39051   8.67168   9.53750   1.000 14.54729 ? 119 THR A CA  1 
ATOM   885  C C   . THR A 1 121 ? 8.29008   9.59620   8.72678   1.000 15.20959 ? 119 THR A C   1 
ATOM   886  O O   . THR A 1 121 ? 8.71191   9.25130   7.62175   1.000 15.26042 ? 119 THR A O   1 
ATOM   887  C CB  . THR A 1 121 ? 7.17284   7.33425   8.81149   1.000 16.49729 ? 119 THR A CB  1 
ATOM   888  O OG1 . THR A 1 121 ? 6.51940   7.54727   7.55580   1.000 17.26455 ? 119 THR A OG1 1 
ATOM   889  C CG2 . THR A 1 121 ? 6.29086   6.40213   9.64341   1.000 16.48802 ? 119 THR A CG2 1 
ATOM   890  N N   . GLU A 1 122 ? 8.61915   10.76451  9.28715   1.000 17.87978 ? 120 GLU A N   1 
ATOM   891  C CA  . GLU A 1 122 ? 9.28500   11.79548  8.50064   1.000 16.38035 ? 120 GLU A CA  1 
ATOM   892  C C   . GLU A 1 122 ? 10.68398  11.39208  8.05069   1.000 17.20863 ? 120 GLU A C   1 
ATOM   893  O O   . GLU A 1 122 ? 11.16712  11.92828  7.04603   1.000 17.33944 ? 120 GLU A O   1 
ATOM   894  C CB  . GLU A 1 122 ? 9.33703   13.09790  9.29610   1.000 23.90904 ? 120 GLU A CB  1 
ATOM   895  C CG  . GLU A 1 122 ? 10.33333  13.08604  10.43324  1.000 26.03978 ? 120 GLU A CG  1 
ATOM   896  C CD  . GLU A 1 122 ? 9.81623   12.40502  11.70779  1.000 32.00660 ? 120 GLU A CD  1 
ATOM   897  O OE1 . GLU A 1 122 ? 8.63961   11.94642  11.76824  1.000 23.78930 ? 120 GLU A OE1 1 
ATOM   898  O OE2 . GLU A 1 122 ? 10.61428  12.33295  12.66451  1.000 32.23893 ? 120 GLU A OE2 1 
ATOM   899  N N   . TRP A 1 123 ? 11.34186  10.45647  8.74885   1.000 16.99392 ? 121 TRP A N   1 
ATOM   900  C CA  . TRP A 1 123 ? 12.67416  10.01961  8.32987   1.000 16.92791 ? 121 TRP A CA  1 
ATOM   901  C C   . TRP A 1 123 ? 12.66338  9.32480   6.97314   1.000 17.89830 ? 121 TRP A C   1 
ATOM   902  O O   . TRP A 1 123 ? 13.73317  9.11346   6.39654   1.000 17.05950 ? 121 TRP A O   1 
ATOM   903  C CB  . TRP A 1 123 ? 13.30660  9.09472   9.38468   1.000 18.66526 ? 121 TRP A CB  1 
ATOM   904  C CG  . TRP A 1 123 ? 12.51817  7.85382   9.64984   1.000 14.85122 ? 121 TRP A CG  1 
ATOM   905  C CD1 . TRP A 1 123 ? 12.65646  6.64653   9.03464   1.000 16.85978 ? 121 TRP A CD1 1 
ATOM   906  C CD2 . TRP A 1 123 ? 11.45451  7.70780   10.59147  1.000 15.91235 ? 121 TRP A CD2 1 
ATOM   907  N NE1 . TRP A 1 123 ? 11.73820  5.75480   9.53149   1.000 15.98479 ? 121 TRP A NE1 1 
ATOM   908  C CE2 . TRP A 1 123 ? 10.98404  6.38298   10.48646  1.000 13.78772 ? 121 TRP A CE2 1 
ATOM   909  C CE3 . TRP A 1 123 ? 10.84391  8.57374   11.50023  1.000 16.08501 ? 121 TRP A CE3 1 
ATOM   910  C CZ2 . TRP A 1 123 ? 9.93819   5.90060   11.26031  1.000 16.66936 ? 121 TRP A CZ2 1 
ATOM   911  C CZ3 . TRP A 1 123 ? 9.80429   8.09615   12.27389  1.000 16.74456 ? 121 TRP A CZ3 1 
ATOM   912  C CH2 . TRP A 1 123 ? 9.36289   6.76836   12.15462  1.000 16.48622 ? 121 TRP A CH2 1 
ATOM   913  N N   . LEU A 1 124 ? 11.49369  8.95435   6.45174   1.000 16.62776 ? 122 LEU A N   1 
ATOM   914  C CA  . LEU A 1 124 ? 11.42702  8.37132   5.11891   1.000 12.25239 ? 122 LEU A CA  1 
ATOM   915  C C   . LEU A 1 124 ? 11.25837  9.41304   4.01822   1.000 15.87981 ? 122 LEU A C   1 
ATOM   916  O O   . LEU A 1 124 ? 11.32659  9.05549   2.83599   1.000 13.18838 ? 122 LEU A O   1 
ATOM   917  C CB  . LEU A 1 124 ? 10.28806  7.35294   5.04860   1.000 15.07559 ? 122 LEU A CB  1 
ATOM   918  C CG  . LEU A 1 124 ? 10.39740  6.22074   6.07382   1.000 17.51633 ? 122 LEU A CG  1 
ATOM   919  C CD1 . LEU A 1 124 ? 9.14067   5.35089   6.00498   1.000 14.87524 ? 122 LEU A CD1 1 
ATOM   920  C CD2 . LEU A 1 124 ? 11.64336  5.37205   5.84095   1.000 17.77061 ? 122 LEU A CD2 1 
ATOM   921  N N   . ASP A 1 125 ? 11.03866  10.67853  4.37804   1.000 14.39490 ? 123 ASP A N   1 
ATOM   922  C CA  . ASP A 1 125 ? 10.92194  11.74056  3.39070   1.000 15.28154 ? 123 ASP A CA  1 
ATOM   923  C C   . ASP A 1 125 ? 12.13706  11.76245  2.47021   1.000 19.83418 ? 123 ASP A C   1 
ATOM   924  O O   . ASP A 1 125 ? 13.28315  11.65592  2.91692   1.000 18.60657 ? 123 ASP A O   1 
ATOM   925  C CB  . ASP A 1 125 ? 10.77343  13.09581  4.08503   1.000 14.62173 ? 123 ASP A CB  1 
ATOM   926  C CG  . ASP A 1 125 ? 9.43509   13.25454  4.76600   1.000 21.43154 ? 123 ASP A CG  1 
ATOM   927  O OD1 . ASP A 1 125 ? 8.57443   12.36061  4.60519   1.000 17.38789 ? 123 ASP A OD1 1 
ATOM   928  O OD2 . ASP A 1 125 ? 9.24526   14.27404  5.46470   1.000 18.53183 ? 123 ASP A OD2 1 
ATOM   929  N N   . GLY A 1 126 ? 11.87614  11.89109  1.17458   1.000 15.23999 ? 124 GLY A N   1 
ATOM   930  C CA  . GLY A 1 126 ? 12.93803  11.95476  0.19627   1.000 13.95971 ? 124 GLY A CA  1 
ATOM   931  C C   . GLY A 1 126 ? 13.52506  10.62036  -0.17994  1.000 18.66669 ? 124 GLY A C   1 
ATOM   932  O O   . GLY A 1 126 ? 14.41882  10.57431  -1.02538  1.000 16.57597 ? 124 GLY A O   1 
ATOM   933  N N   . LYS A 1 127 ? 13.05396  9.53033   0.41611   1.000 15.69842 ? 125 LYS A N   1 
ATOM   934  C CA  . LYS A 1 127 ? 13.56056  8.20132   0.11788   1.000 17.22304 ? 125 LYS A CA  1 
ATOM   935  C C   . LYS A 1 127 ? 12.46994  7.25508   -0.35212  1.000 14.92107 ? 125 LYS A C   1 
ATOM   936  O O   . LYS A 1 127 ? 12.74999  6.32817   -1.12346  1.000 13.29367 ? 125 LYS A O   1 
ATOM   937  C CB  . LYS A 1 127 ? 14.25645  7.61546   1.36606   1.000 21.78443 ? 125 LYS A CB  1 
ATOM   938  C CG  . LYS A 1 127 ? 15.13342  6.41138   1.07058   1.000 32.53952 ? 125 LYS A CG  1 
ATOM   939  C CD  . LYS A 1 127 ? 15.90494  5.93210   2.28329   1.000 31.97238 ? 125 LYS A CD  1 
ATOM   940  C CE  . LYS A 1 127 ? 14.99921  5.56748   3.43170   1.000 37.98069 ? 125 LYS A CE  1 
ATOM   941  N NZ  . LYS A 1 127 ? 14.86947  6.71298   4.36816   1.000 46.04811 ? 125 LYS A NZ  1 
ATOM   942  N N   . HIS A 1 128 ? 11.22905  7.48600   0.06614   1.000 13.77314 ? 126 HIS A N   1 
ATOM   943  C CA  . HIS A 1 128 ? 10.07499  6.71835   -0.37148  1.000 10.76594 ? 126 HIS A CA  1 
ATOM   944  C C   . HIS A 1 128 ? 9.05634   7.68725   -0.94793  1.000 13.67688 ? 126 HIS A C   1 
ATOM   945  O O   . HIS A 1 128 ? 8.83919   8.77060   -0.38832  1.000 15.59723 ? 126 HIS A O   1 
ATOM   946  C CB  . HIS A 1 128 ? 9.47350   5.91953   0.79019   1.000 11.73530 ? 126 HIS A CB  1 
ATOM   947  C CG  . HIS A 1 128 ? 10.40277  4.87929   1.33235   1.000 13.77527 ? 126 HIS A CG  1 
ATOM   948  N ND1 . HIS A 1 128 ? 10.37560  3.56736   0.91077   1.000 14.34082 ? 126 HIS A ND1 1 
ATOM   949  C CD2 . HIS A 1 128 ? 11.41579  4.96642   2.23023   1.000 16.25753 ? 126 HIS A CD2 1 
ATOM   950  C CE1 . HIS A 1 128 ? 11.32776  2.88926   1.53123   1.000 17.11981 ? 126 HIS A CE1 1 
ATOM   951  N NE2 . HIS A 1 128 ? 11.96889  3.71420   2.34188   1.000 15.28920 ? 126 HIS A NE2 1 
ATOM   952  N N   . VAL A 1 129 ? 8.45966   7.31570   -2.07676  1.000 13.35536 ? 127 VAL A N   1 
ATOM   953  C CA  . VAL A 1 129 ? 7.53687   8.21309   -2.76971  1.000 12.77894 ? 127 VAL A CA  1 
ATOM   954  C C   . VAL A 1 129 ? 6.15301   8.10361   -2.13462  1.000 13.09977 ? 127 VAL A C   1 
ATOM   955  O O   . VAL A 1 129 ? 5.51978   7.04309   -2.17857  1.000 13.49709 ? 127 VAL A O   1 
ATOM   956  C CB  . VAL A 1 129 ? 7.48370   7.91043   -4.27811  1.000 14.32481 ? 127 VAL A CB  1 
ATOM   957  C CG1 . VAL A 1 129 ? 6.47879   8.80339   -4.96563  1.000 17.51025 ? 127 VAL A CG1 1 
ATOM   958  C CG2 . VAL A 1 129 ? 8.85939   8.10409   -4.93074  1.000 13.35856 ? 127 VAL A CG2 1 
ATOM   959  N N   . VAL A 1 130 ? 5.67406   9.21213   -1.56632  1.000 12.80945 ? 128 VAL A N   1 
ATOM   960  C CA  . VAL A 1 130 ? 4.30501   9.30478   -1.05979  1.000 15.11053 ? 128 VAL A CA  1 
ATOM   961  C C   . VAL A 1 130 ? 3.37107   9.59908   -2.22290  1.000 12.95906 ? 128 VAL A C   1 
ATOM   962  O O   . VAL A 1 130 ? 3.61873   10.51660  -3.00910  1.000 14.13993 ? 128 VAL A O   1 
ATOM   963  C CB  . VAL A 1 130 ? 4.19378   10.39595  0.01719   1.000 12.88937 ? 128 VAL A CB  1 
ATOM   964  C CG1 . VAL A 1 130 ? 2.73376   10.60989  0.39699   1.000 15.60358 ? 128 VAL A CG1 1 
ATOM   965  C CG2 . VAL A 1 130 ? 5.02840   10.00964  1.23611   1.000 12.53471 ? 128 VAL A CG2 1 
ATOM   966  N N   . PHE A 1 131 ? 2.27729   8.83727   -2.32854  1.000 12.42735 ? 129 PHE A N   1 
ATOM   967  C CA  . PHE A 1 131 ? 1.39048   9.01921   -3.47014  1.000 16.56580 ? 129 PHE A CA  1 
ATOM   968  C C   . PHE A 1 131 ? -0.08450  8.95575   -3.11953  1.000 12.69119 ? 129 PHE A C   1 
ATOM   969  O O   . PHE A 1 131 ? -0.91513  9.07044   -4.02688  1.000 12.94255 ? 129 PHE A O   1 
ATOM   970  C CB  . PHE A 1 131 ? 1.69588   7.98334   -4.56630  1.000 13.87140 ? 129 PHE A CB  1 
ATOM   971  C CG  . PHE A 1 131 ? 1.43938   6.56220   -4.14726  1.000 12.92731 ? 129 PHE A CG  1 
ATOM   972  C CD1 . PHE A 1 131 ? 2.38447   5.86256   -3.41226  1.000 15.50088 ? 129 PHE A CD1 1 
ATOM   973  C CD2 . PHE A 1 131 ? 0.26363   5.92201   -4.51118  1.000 13.38048 ? 129 PHE A CD2 1 
ATOM   974  C CE1 . PHE A 1 131 ? 2.15875   4.55673   -3.01936  1.000 10.94427 ? 129 PHE A CE1 1 
ATOM   975  C CE2 . PHE A 1 131 ? 0.02614   4.61120   -4.12584  1.000 16.11312 ? 129 PHE A CE2 1 
ATOM   976  C CZ  . PHE A 1 131 ? 0.98135   3.92117   -3.38635  1.000 13.91603 ? 129 PHE A CZ  1 
ATOM   977  N N   . GLY A 1 132 ? -0.44378  8.79957   -1.85073  1.000 14.01863 ? 130 GLY A N   1 
ATOM   978  C CA  . GLY A 1 132 ? -1.85839  8.69800   -1.53749  1.000 15.06305 ? 130 GLY A CA  1 
ATOM   979  C C   . GLY A 1 132 ? -2.08213  8.84675   -0.05283  1.000 16.46933 ? 130 GLY A C   1 
ATOM   980  O O   . GLY A 1 132 ? -1.14410  9.03323   0.72261   1.000 16.79832 ? 130 GLY A O   1 
ATOM   981  N N   . LYS A 1 133 ? -3.35830  8.77302   0.33551   1.000 15.49343 ? 131 LYS A N   1 
ATOM   982  C CA  . LYS A 1 133 ? -3.70421  8.83491   1.74992   1.000 13.60660 ? 131 LYS A CA  1 
ATOM   983  C C   . LYS A 1 133 ? -5.04908  8.15717   1.96186   1.000 16.60771 ? 131 LYS A C   1 
ATOM   984  O O   . LYS A 1 133 ? -5.93068  8.20185   1.09771   1.000 16.99731 ? 131 LYS A O   1 
ATOM   985  C CB  . LYS A 1 133 ? -3.75229  10.27513  2.26997   1.000 18.50385 ? 131 LYS A CB  1 
ATOM   986  C CG  . LYS A 1 133 ? -4.94763  11.07536  1.77454   1.000 30.09533 ? 131 LYS A CG  1 
ATOM   987  N N   . VAL A 1 134 ? -5.17490  7.49448   3.10881   1.000 15.95208 ? 132 VAL A N   1 
ATOM   988  C CA  . VAL A 1 134 ? -6.43043  6.84148   3.45403   1.000 15.60925 ? 132 VAL A CA  1 
ATOM   989  C C   . VAL A 1 134 ? -7.51811  7.89519   3.51005   1.000 18.00617 ? 132 VAL A C   1 
ATOM   990  O O   . VAL A 1 134 ? -7.31948  8.97957   4.07449   1.000 18.13443 ? 132 VAL A O   1 
ATOM   991  C CB  . VAL A 1 134 ? -6.30665  6.10227   4.79425   1.000 15.03247 ? 132 VAL A CB  1 
ATOM   992  C CG1 . VAL A 1 134 ? -7.68123  5.57639   5.24271   1.000 16.64751 ? 132 VAL A CG1 1 
ATOM   993  C CG2 . VAL A 1 134 ? -5.30679  4.97027   4.69212   1.000 17.00271 ? 132 VAL A CG2 1 
ATOM   994  N N   . LYS A 1 135 ? -8.65922  7.59172   2.88708   1.000 17.63285 ? 133 LYS A N   1 
ATOM   995  C CA  . LYS A 1 135 ? -9.83461  8.45414   2.89362   1.000 19.09978 ? 133 LYS A CA  1 
ATOM   996  C C   . LYS A 1 135 ? -10.82109 7.92349   3.91819   1.000 19.00406 ? 133 LYS A C   1 
ATOM   997  O O   . LYS A 1 135 ? -11.01752 8.53524   4.97105   1.000 27.57426 ? 133 LYS A O   1 
ATOM   998  C CB  . LYS A 1 135 ? -10.46922 8.52046   1.49829   1.000 18.73912 ? 133 LYS A CB  1 
ATOM   999  N N   . GLU A 1 136 ? -11.44335 6.78553   3.62834   1.000 22.49664 ? 134 GLU A N   1 
ATOM   1000 C CA  . GLU A 1 136 ? -12.32349 6.11199   4.57151   1.000 21.60642 ? 134 GLU A CA  1 
ATOM   1001 C C   . GLU A 1 136 ? -11.62578 4.87498   5.11221   1.000 15.46693 ? 134 GLU A C   1 
ATOM   1002 O O   . GLU A 1 136 ? -10.81202 4.24970   4.42658   1.000 18.09574 ? 134 GLU A O   1 
ATOM   1003 C CB  . GLU A 1 136 ? -13.65626 5.70116   3.92267   1.000 20.30928 ? 134 GLU A CB  1 
ATOM   1004 C CG  . GLU A 1 136 ? -14.62311 6.85156   3.70398   1.000 27.51493 ? 134 GLU A CG  1 
ATOM   1005 C CD  . GLU A 1 136 ? -14.57135 7.39967   2.28649   1.000 39.98307 ? 134 GLU A CD  1 
ATOM   1006 O OE1 . GLU A 1 136 ? -14.74322 8.62733   2.11849   1.000 49.42364 ? 134 GLU A OE1 1 
ATOM   1007 O OE2 . GLU A 1 136 ? -14.36055 6.60733   1.33664   1.000 39.91114 ? 134 GLU A OE2 1 
ATOM   1008 N N   . GLY A 1 137 ? -11.94816 4.52271   6.34825   1.000 16.81151 ? 135 GLY A N   1 
ATOM   1009 C CA  . GLY A 1 137 ? -11.47020 3.27170   6.89669   1.000 16.09341 ? 135 GLY A CA  1 
ATOM   1010 C C   . GLY A 1 137 ? -10.11899 3.31150   7.57678   1.000 16.42558 ? 135 GLY A C   1 
ATOM   1011 O O   . GLY A 1 137 ? -9.47585  2.26105   7.69139   1.000 16.71499 ? 135 GLY A O   1 
ATOM   1012 N N   . MET A 1 138 ? -9.65993  4.47499   8.04517   1.000 16.42504 ? 136 MET A N   1 
ATOM   1013 C CA  . MET A 1 138 ? -8.46699  4.45723   8.88675   1.000 15.83636 ? 136 MET A CA  1 
ATOM   1014 C C   . MET A 1 138 ? -8.67441  3.57143   10.10941  1.000 18.49579 ? 136 MET A C   1 
ATOM   1015 O O   . MET A 1 138 ? -7.72665  2.93910   10.59218  1.000 15.07963 ? 136 MET A O   1 
ATOM   1016 C CB  . MET A 1 138 ? -8.07567  5.87435   9.30462   1.000 16.79490 ? 136 MET A CB  1 
ATOM   1017 C CG  . MET A 1 138 ? -6.71903  5.94082   9.96667   1.000 17.56730 ? 136 MET A CG  1 
ATOM   1018 S SD  . MET A 1 138 ? -5.37289  5.49621   8.84548   1.000 19.16673 ? 136 MET A SD  1 
ATOM   1019 C CE  . MET A 1 138 ? -4.20042  4.73764   9.98615   1.000 18.80391 ? 136 MET A CE  1 
ATOM   1020 N N   . ASN A 1 139 ? -9.91688  3.47223   10.59508  1.000 17.71847 ? 137 ASN A N   1 
ATOM   1021 C CA  . ASN A 1 139 ? -10.20232 2.56895   11.70417  1.000 15.32127 ? 137 ASN A CA  1 
ATOM   1022 C C   . ASN A 1 139 ? -9.97938  1.11246   11.31154  1.000 16.29401 ? 137 ASN A C   1 
ATOM   1023 O O   . ASN A 1 139 ? -9.68858  0.27914   12.17726  1.000 17.70311 ? 137 ASN A O   1 
ATOM   1024 C CB  . ASN A 1 139 ? -11.64361 2.76922   12.20373  1.000 17.63038 ? 137 ASN A CB  1 
ATOM   1025 C CG  . ASN A 1 139 ? -12.68835 2.44272   11.14715  1.000 21.43757 ? 137 ASN A CG  1 
ATOM   1026 O OD1 . ASN A 1 139 ? -12.60856 2.90344   10.01754  1.000 19.75671 ? 137 ASN A OD1 1 
ATOM   1027 N ND2 . ASN A 1 139 ? -13.69796 1.65557   11.52985  1.000 18.01494 ? 137 ASN A ND2 1 
ATOM   1028 N N   . ILE A 1 140 ? -10.12393 0.78020   10.02243  1.000 12.66090 ? 138 ILE A N   1 
ATOM   1029 C CA  . ILE A 1 140 ? -9.85868  -0.59061  9.58548   1.000 12.64763 ? 138 ILE A CA  1 
ATOM   1030 C C   . ILE A 1 140 ? -8.35607  -0.84331  9.56292   1.000 13.96049 ? 138 ILE A C   1 
ATOM   1031 O O   . ILE A 1 140 ? -7.88934  -1.93547  9.90376   1.000 15.36273 ? 138 ILE A O   1 
ATOM   1032 C CB  . ILE A 1 140 ? -10.49872 -0.86765  8.20829   1.000 17.07114 ? 138 ILE A CB  1 
ATOM   1033 C CG1 . ILE A 1 140 ? -12.03091 -0.75822  8.28687   1.000 16.92137 ? 138 ILE A CG1 1 
ATOM   1034 C CG2 . ILE A 1 140 ? -10.13914 -2.27915  7.70936   1.000 15.99564 ? 138 ILE A CG2 1 
ATOM   1035 C CD1 . ILE A 1 140 ? -12.65269 -1.68400  9.34111   1.000 17.65224 ? 138 ILE A CD1 1 
ATOM   1036 N N   . VAL A 1 141 ? -7.57973  0.15978   9.15322   1.000 15.06409 ? 139 VAL A N   1 
ATOM   1037 C CA  . VAL A 1 141 ? -6.12318  0.04092   9.22313   1.000 13.52671 ? 139 VAL A CA  1 
ATOM   1038 C C   . VAL A 1 141 ? -5.68607  -0.11943  10.67340  1.000 14.33186 ? 139 VAL A C   1 
ATOM   1039 O O   . VAL A 1 141 ? -4.81410  -0.93868  10.99457  1.000 17.74012 ? 139 VAL A O   1 
ATOM   1040 C CB  . VAL A 1 141 ? -5.45711  1.26092   8.55561   1.000 16.93314 ? 139 VAL A CB  1 
ATOM   1041 C CG1 . VAL A 1 141 ? -3.91967  1.17559   8.67910   1.000 17.38767 ? 139 VAL A CG1 1 
ATOM   1042 C CG2 . VAL A 1 141 ? -5.86808  1.35977   7.09451   1.000 19.09295 ? 139 VAL A CG2 1 
ATOM   1043 N N   . GLU A 1 142 ? -6.30206  0.64361   11.57694  1.000 14.62143 ? 140 GLU A N   1 
ATOM   1044 C CA  . GLU A 1 142 ? -6.00731  0.49256   12.99584  1.000 18.72121 ? 140 GLU A CA  1 
ATOM   1045 C C   . GLU A 1 142 ? -6.35867  -0.90857  13.49166  1.000 18.60190 ? 140 GLU A C   1 
ATOM   1046 O O   . GLU A 1 142 ? -5.65326  -1.46936  14.33802  1.000 17.82581 ? 140 GLU A O   1 
ATOM   1047 C CB  . GLU A 1 142 ? -6.75309  1.56434   13.78781  1.000 16.44701 ? 140 GLU A CB  1 
ATOM   1048 C CG  . GLU A 1 142 ? -6.28191  2.99246   13.44369  1.000 17.17713 ? 140 GLU A CG  1 
ATOM   1049 C CD  . GLU A 1 142 ? -7.17420  4.05759   14.03440  1.000 33.33303 ? 140 GLU A CD  1 
ATOM   1050 O OE1 . GLU A 1 142 ? -8.30139  3.71751   14.45176  1.000 26.38538 ? 140 GLU A OE1 1 
ATOM   1051 O OE2 . GLU A 1 142 ? -6.75102  5.23326   14.08318  1.000 27.10634 ? 140 GLU A OE2 1 
ATOM   1052 N N   . ALA A 1 143 ? -7.43903  -1.49781  12.97043  1.000 14.48829 ? 141 ALA A N   1 
ATOM   1053 C CA  . ALA A 1 143 ? -7.76629  -2.87004  13.33718  1.000 14.81039 ? 141 ALA A CA  1 
ATOM   1054 C C   . ALA A 1 143 ? -6.73428  -3.85062  12.79594  1.000 20.41268 ? 141 ALA A C   1 
ATOM   1055 O O   . ALA A 1 143 ? -6.35357  -4.80008  13.48977  1.000 17.66354 ? 141 ALA A O   1 
ATOM   1056 C CB  . ALA A 1 143 ? -9.16299  -3.24061  12.83122  1.000 18.59578 ? 141 ALA A CB  1 
ATOM   1057 N N   . MET A 1 144 ? -6.29517  -3.65734  11.54871  1.000 19.84716 ? 142 MET A N   1 
ATOM   1058 C CA  . MET A 1 144 ? -5.25578  -4.51657  10.98227  1.000 19.91927 ? 142 MET A CA  1 
ATOM   1059 C C   . MET A 1 144 ? -3.99270  -4.46186  11.82083  1.000 20.09569 ? 142 MET A C   1 
ATOM   1060 O O   . MET A 1 144 ? -3.30222  -5.47551  11.99406  1.000 16.30281 ? 142 MET A O   1 
ATOM   1061 C CB  . MET A 1 144 ? -4.92219  -4.07237  9.55874   1.000 19.94804 ? 142 MET A CB  1 
ATOM   1062 C CG  . MET A 1 144 ? -6.01819  -4.27375  8.55848   1.000 21.96234 ? 142 MET A CG  1 
ATOM   1063 S SD  . MET A 1 144 ? -5.67503  -3.30371  7.07457   1.000 21.28925 ? 142 MET A SD  1 
ATOM   1064 C CE  . MET A 1 144 ? -4.07888  -3.93760  6.60223   1.000 22.02055 ? 142 MET A CE  1 
ATOM   1065 N N   . GLU A 1 145 ? -3.66794  -3.26569  12.31434  1.000 20.78100 ? 143 GLU A N   1 
ATOM   1066 C CA  . GLU A 1 145 ? -2.45600  -3.03604  13.09123  1.000 23.95435 ? 143 GLU A CA  1 
ATOM   1067 C C   . GLU A 1 145 ? -2.35547  -3.99168  14.27183  1.000 24.33418 ? 143 GLU A C   1 
ATOM   1068 O O   . GLU A 1 145 ? -1.26203  -4.44478  14.62930  1.000 19.61855 ? 143 GLU A O   1 
ATOM   1069 C CB  . GLU A 1 145 ? -2.44967  -1.58587  13.56853  1.000 25.32170 ? 143 GLU A CB  1 
ATOM   1070 C CG  . GLU A 1 145 ? -1.08647  -0.99890  13.74734  1.000 23.46041 ? 143 GLU A CG  1 
ATOM   1071 C CD  . GLU A 1 145 ? -1.11522  0.42113   14.28721  1.000 26.79400 ? 143 GLU A CD  1 
ATOM   1072 O OE1 . GLU A 1 145 ? -2.21894  0.97756   14.50496  1.000 27.57407 ? 143 GLU A OE1 1 
ATOM   1073 O OE2 . GLU A 1 145 ? -0.02330  0.98971   14.48129  1.000 28.19884 ? 143 GLU A OE2 1 
ATOM   1074 N N   . ARG A 1 146 ? -3.49547  -4.32943  14.87673  1.000 19.95372 ? 144 ARG A N   1 
ATOM   1075 C CA  . ARG A 1 146 ? -3.50049  -5.15746  16.07032  1.000 22.42077 ? 144 ARG A CA  1 
ATOM   1076 C C   . ARG A 1 146 ? -3.05099  -6.57933  15.79249  1.000 21.16786 ? 144 ARG A C   1 
ATOM   1077 O O   . ARG A 1 146 ? -2.68391  -7.28771  16.73257  1.000 27.41860 ? 144 ARG A O   1 
ATOM   1078 C CB  . ARG A 1 146 ? -4.89903  -5.16210  16.69141  1.000 21.53540 ? 144 ARG A CB  1 
ATOM   1079 C CG  . ARG A 1 146 ? -5.40268  -3.78347  17.03794  1.000 19.35824 ? 144 ARG A CG  1 
ATOM   1080 C CD  . ARG A 1 146 ? -6.56266  -3.84836  18.01695  1.000 24.10847 ? 144 ARG A CD  1 
ATOM   1081 N NE  . ARG A 1 146 ? -7.13556  -2.52548  18.22488  1.000 27.89107 ? 144 ARG A NE  1 
ATOM   1082 C CZ  . ARG A 1 146 ? -8.24180  -2.09642  17.63077  1.000 30.50728 ? 144 ARG A CZ  1 
ATOM   1083 N NH1 . ARG A 1 146 ? -8.89973  -2.89742  16.80416  1.000 21.49661 ? 144 ARG A NH1 1 
ATOM   1084 N NH2 . ARG A 1 146 ? -8.68645  -0.86877  17.86824  1.000 29.88190 ? 144 ARG A NH2 1 
ATOM   1085 N N   . PHE A 1 147 ? -3.07602  -7.01490  14.53543  1.000 17.03903 ? 145 PHE A N   1 
ATOM   1086 C CA  . PHE A 1 147 ? -2.60169  -8.34319  14.17473  1.000 16.75938 ? 145 PHE A CA  1 
ATOM   1087 C C   . PHE A 1 147 ? -1.11497  -8.37133  13.83348  1.000 16.48493 ? 145 PHE A C   1 
ATOM   1088 O O   . PHE A 1 147 ? -0.60587  -9.41937  13.42317  1.000 18.30352 ? 145 PHE A O   1 
ATOM   1089 C CB  . PHE A 1 147 ? -3.41856  -8.89586  13.00620  1.000 21.14480 ? 145 PHE A CB  1 
ATOM   1090 C CG  . PHE A 1 147 ? -4.86914  -9.08310  13.33843  1.000 20.48730 ? 145 PHE A CG  1 
ATOM   1091 C CD1 . PHE A 1 147 ? -5.27314  -10.13104 14.14630  1.000 25.21190 ? 145 PHE A CD1 1 
ATOM   1092 C CD2 . PHE A 1 147 ? -5.81961  -8.19042  12.87462  1.000 16.81887 ? 145 PHE A CD2 1 
ATOM   1093 C CE1 . PHE A 1 147 ? -6.60771  -10.29976 14.46933  1.000 24.43406 ? 145 PHE A CE1 1 
ATOM   1094 C CE2 . PHE A 1 147 ? -7.15618  -8.34555  13.21092  1.000 19.76433 ? 145 PHE A CE2 1 
ATOM   1095 C CZ  . PHE A 1 147 ? -7.54626  -9.40102  14.00558  1.000 24.60431 ? 145 PHE A CZ  1 
ATOM   1096 N N   . GLY A 1 148 ? -0.41443  -7.25180  13.98588  1.000 18.04110 ? 146 GLY A N   1 
ATOM   1097 C CA  . GLY A 1 148 ? 1.01256   -7.19914  13.75835  1.000 13.89344 ? 146 GLY A CA  1 
ATOM   1098 C C   . GLY A 1 148 ? 1.78551   -7.47745  15.03380  1.000 16.61646 ? 146 GLY A C   1 
ATOM   1099 O O   . GLY A 1 148 ? 1.22925   -7.86679  16.06189  1.000 17.97945 ? 146 GLY A O   1 
ATOM   1100 N N   . SER A 1 149 ? 3.09983   -7.26564  14.95500  1.000 15.21754 ? 147 SER A N   1 
ATOM   1101 C CA  . SER A 1 149 ? 3.99932   -7.53055  16.07663  1.000 17.64490 ? 147 SER A CA  1 
ATOM   1102 C C   . SER A 1 149 ? 5.24765   -6.67649  15.91738  1.000 15.68947 ? 147 SER A C   1 
ATOM   1103 O O   . SER A 1 149 ? 5.44469   -6.01505  14.89348  1.000 13.53462 ? 147 SER A O   1 
ATOM   1104 C CB  . SER A 1 149 ? 4.38650   -9.00838  16.15243  1.000 18.63083 ? 147 SER A CB  1 
ATOM   1105 O OG  . SER A 1 149 ? 5.11415   -9.38365  14.99195  1.000 17.46027 ? 147 SER A OG  1 
ATOM   1106 N N   . ARG A 1 150 ? 6.11049   -6.71479  16.94131  1.000 17.31730 ? 148 ARG A N   1 
ATOM   1107 C CA  . ARG A 1 150 ? 7.31052   -5.87792  16.90094  1.000 14.60156 ? 148 ARG A CA  1 
ATOM   1108 C C   . ARG A 1 150 ? 8.17419   -6.18563  15.68273  1.000 17.57820 ? 148 ARG A C   1 
ATOM   1109 O O   . ARG A 1 150 ? 8.68556   -5.26256  15.03373  1.000 17.52508 ? 148 ARG A O   1 
ATOM   1110 C CB  . ARG A 1 150 ? 8.12259   -6.04516  18.18067  1.000 16.14989 ? 148 ARG A CB  1 
ATOM   1111 C CG  . ARG A 1 150 ? 7.52816   -5.35551  19.39909  1.000 19.71416 ? 148 ARG A CG  1 
ATOM   1112 C CD  . ARG A 1 150 ? 7.59112   -3.83667  19.29871  1.000 20.07049 ? 148 ARG A CD  1 
ATOM   1113 N NE  . ARG A 1 150 ? 8.92852   -3.34057  18.96584  1.000 18.37420 ? 148 ARG A NE  1 
ATOM   1114 C CZ  . ARG A 1 150 ? 9.90184   -3.15042  19.85080  1.000 19.23744 ? 148 ARG A CZ  1 
ATOM   1115 N NH1 . ARG A 1 150 ? 9.69156   -3.41338  21.14032  1.000 18.59444 ? 148 ARG A NH1 1 
ATOM   1116 N NH2 . ARG A 1 150 ? 11.08542  -2.68499  19.44326  1.000 13.84226 ? 148 ARG A NH2 1 
ATOM   1117 N N   . ASN A 1 151 ? 8.35783   -7.46357  15.35272  1.000 15.21306 ? 149 ASN A N   1 
ATOM   1118 C CA  . ASN A 1 151 ? 9.18647   -7.79505  14.19904  1.000 16.24618 ? 149 ASN A CA  1 
ATOM   1119 C C   . ASN A 1 151 ? 8.40100   -7.81491  12.89204  1.000 15.37569 ? 149 ASN A C   1 
ATOM   1120 O O   . ASN A 1 151 ? 8.99092   -8.08832  11.84271  1.000 17.94016 ? 149 ASN A O   1 
ATOM   1121 C CB  . ASN A 1 151 ? 9.92687   -9.13543  14.41103  1.000 15.96977 ? 149 ASN A CB  1 
ATOM   1122 C CG  . ASN A 1 151 ? 9.00465   -10.34640 14.43535  1.000 21.33998 ? 149 ASN A CG  1 
ATOM   1123 O OD1 . ASN A 1 151 ? 7.85767   -10.28633 14.01138  1.000 21.47517 ? 149 ASN A OD1 1 
ATOM   1124 N ND2 . ASN A 1 151 ? 9.52291   -11.47438 14.94161  1.000 21.02417 ? 149 ASN A ND2 1 
ATOM   1125 N N   . GLY A 1 152 ? 7.09371   -7.53540  12.93171  1.000 15.30742 ? 150 GLY A N   1 
ATOM   1126 C CA  . GLY A 1 152 ? 6.28689   -7.40702  11.73574  1.000 13.40918 ? 150 GLY A CA  1 
ATOM   1127 C C   . GLY A 1 152 ? 5.51313   -8.64497  11.33848  1.000 16.27752 ? 150 GLY A C   1 
ATOM   1128 O O   . GLY A 1 152 ? 4.60998   -8.54324  10.49820  1.000 15.27891 ? 150 GLY A O   1 
ATOM   1129 N N   . LYS A 1 153 ? 5.84282   -9.80730  11.89904  1.000 16.72263 ? 151 LYS A N   1 
ATOM   1130 C CA  . LYS A 1 153 ? 5.08618   -11.01687 11.60006  1.000 16.13274 ? 151 LYS A CA  1 
ATOM   1131 C C   . LYS A 1 153 ? 3.63663   -10.85716 12.04421  1.000 14.84321 ? 151 LYS A C   1 
ATOM   1132 O O   . LYS A 1 153 ? 3.36275   -10.38926 13.15223  1.000 16.65401 ? 151 LYS A O   1 
ATOM   1133 C CB  . LYS A 1 153 ? 5.72015   -12.21981 12.29830  1.000 19.18006 ? 151 LYS A CB  1 
ATOM   1134 N N   . THR A 1 154 ? 2.70442   -11.25427 11.18430  1.000 18.56482 ? 152 THR A N   1 
ATOM   1135 C CA  . THR A 1 154 ? 1.29250   -11.13804 11.51807  1.000 15.76215 ? 152 THR A CA  1 
ATOM   1136 C C   . THR A 1 154 ? 0.79795   -12.40540 12.20888  1.000 18.77237 ? 152 THR A C   1 
ATOM   1137 O O   . THR A 1 154 ? 1.25754   -13.51294 11.91950  1.000 22.26333 ? 152 THR A O   1 
ATOM   1138 C CB  . THR A 1 154 ? 0.45769   -10.85864 10.26372  1.000 17.08965 ? 152 THR A CB  1 
ATOM   1139 O OG1 . THR A 1 154 ? 0.61936   -11.92994 9.32972   1.000 22.87973 ? 152 THR A OG1 1 
ATOM   1140 C CG2 . THR A 1 154 ? 0.91160   -9.54387  9.60699   1.000 16.03403 ? 152 THR A CG2 1 
ATOM   1141 N N   . SER A 1 155 ? -0.14509  -12.22864 13.13496  1.000 18.70665 ? 153 SER A N   1 
ATOM   1142 C CA  . SER A 1 155 ? -0.67330  -13.35401 13.89905  1.000 20.31941 ? 153 SER A CA  1 
ATOM   1143 C C   . SER A 1 155 ? -1.89794  -13.97386 13.24978  1.000 27.02323 ? 153 SER A C   1 
ATOM   1144 O O   . SER A 1 155 ? -2.29392  -15.08170 13.63199  1.000 24.26739 ? 153 SER A O   1 
ATOM   1145 C CB  . SER A 1 155 ? -0.99853  -12.92214 15.33716  1.000 25.76430 ? 153 SER A CB  1 
ATOM   1146 O OG  . SER A 1 155 ? -1.93428  -11.85275 15.39300  1.000 24.84300 ? 153 SER A OG  1 
ATOM   1147 N N   . LYS A 1 156 ? -2.50220  -13.28100 12.28759  1.000 21.56649 ? 154 LYS A N   1 
ATOM   1148 C CA  . LYS A 1 156 ? -3.51082  -13.85239 11.40858  1.000 24.54289 ? 154 LYS A CA  1 
ATOM   1149 C C   . LYS A 1 156 ? -3.20998  -13.39419 9.98583   1.000 22.84588 ? 154 LYS A C   1 
ATOM   1150 O O   . LYS A 1 156 ? -2.50272  -12.40761 9.77251   1.000 23.44566 ? 154 LYS A O   1 
ATOM   1151 C CB  . LYS A 1 156 ? -4.92824  -13.44291 11.83832  1.000 26.36340 ? 154 LYS A CB  1 
ATOM   1152 C CG  . LYS A 1 156 ? -5.33009  -13.93437 13.23059  1.000 29.17331 ? 154 LYS A CG  1 
ATOM   1153 N N   . LYS A 1 157 ? -3.74875  -14.11788 9.00547   1.000 20.78107 ? 155 LYS A N   1 
ATOM   1154 C CA  . LYS A 1 157 ? -3.50491  -13.78620 7.60552   1.000 21.25284 ? 155 LYS A CA  1 
ATOM   1155 C C   . LYS A 1 157 ? -4.37770  -12.60052 7.20670   1.000 20.55780 ? 155 LYS A C   1 
ATOM   1156 O O   . LYS A 1 157 ? -5.60841  -12.69467 7.24310   1.000 21.48234 ? 155 LYS A O   1 
ATOM   1157 C CB  . LYS A 1 157 ? -3.78171  -14.99611 6.71627   1.000 22.00022 ? 155 LYS A CB  1 
ATOM   1158 C CG  . LYS A 1 157 ? -3.36310  -14.82912 5.25974   1.000 21.64097 ? 155 LYS A CG  1 
ATOM   1159 N N   . ILE A 1 158 ? -3.74387  -11.48758 6.83749   1.000 17.79322 ? 156 ILE A N   1 
ATOM   1160 C CA  . ILE A 1 158 ? -4.44264  -10.25482 6.47988   1.000 18.55419 ? 156 ILE A CA  1 
ATOM   1161 C C   . ILE A 1 158 ? -4.42543  -10.14084 4.96263   1.000 21.45464 ? 156 ILE A C   1 
ATOM   1162 O O   . ILE A 1 158 ? -3.36549  -9.93117  4.36929   1.000 18.25730 ? 156 ILE A O   1 
ATOM   1163 C CB  . ILE A 1 158 ? -3.78423  -9.02648  7.12235   1.000 17.35230 ? 156 ILE A CB  1 
ATOM   1164 C CG1 . ILE A 1 158 ? -3.51421  -9.26268  8.61432   1.000 19.85221 ? 156 ILE A CG1 1 
ATOM   1165 C CG2 . ILE A 1 158 ? -4.63288  -7.78116  6.88350   1.000 17.08732 ? 156 ILE A CG2 1 
ATOM   1166 C CD1 . ILE A 1 158 ? -4.75211  -9.52213  9.43790   1.000 20.71319 ? 156 ILE A CD1 1 
ATOM   1167 N N   . THR A 1 159 ? -5.58401  -10.26412 4.31701   1.000 16.31723 ? 157 THR A N   1 
ATOM   1168 C CA  . THR A 1 159 ? -5.63021  -10.29246 2.86534   1.000 14.87496 ? 157 THR A CA  1 
ATOM   1169 C C   . THR A 1 159 ? -6.48053  -9.15355  2.31884   1.000 20.80652 ? 157 THR A C   1 
ATOM   1170 O O   . THR A 1 159 ? -7.35175  -8.60380  3.00239   1.000 14.98579 ? 157 THR A O   1 
ATOM   1171 C CB  . THR A 1 159 ? -6.18310  -11.61986 2.32895   1.000 20.45303 ? 157 THR A CB  1 
ATOM   1172 O OG1 . THR A 1 159 ? -7.44764  -11.88552 2.94015   1.000 20.28422 ? 157 THR A OG1 1 
ATOM   1173 C CG2 . THR A 1 159 ? -5.23584  -12.75895 2.62664   1.000 21.49304 ? 157 THR A CG2 1 
ATOM   1174 N N   . ILE A 1 160 ? -6.18971  -8.81109  1.06433   1.000 14.87442 ? 158 ILE A N   1 
ATOM   1175 C CA  . ILE A 1 160 ? -7.03121  -7.92839  0.26108   1.000 13.30303 ? 158 ILE A CA  1 
ATOM   1176 C C   . ILE A 1 160 ? -7.98802  -8.85768  -0.48013  1.000 18.09927 ? 158 ILE A C   1 
ATOM   1177 O O   . ILE A 1 160 ? -7.66625  -9.40142  -1.53872  1.000 17.74178 ? 158 ILE A O   1 
ATOM   1178 C CB  . ILE A 1 160 ? -6.20453  -7.06577  -0.69386  1.000 14.41361 ? 158 ILE A CB  1 
ATOM   1179 C CG1 . ILE A 1 160 ? -5.18033  -6.22076  0.08101   1.000 14.71205 ? 158 ILE A CG1 1 
ATOM   1180 C CG2 . ILE A 1 160 ? -7.11902  -6.19158  -1.56499  1.000 17.31648 ? 158 ILE A CG2 1 
ATOM   1181 C CD1 . ILE A 1 160 ? -4.11607  -5.56718  -0.81755  1.000 17.04244 ? 158 ILE A CD1 1 
ATOM   1182 N N   . ALA A 1 161 ? -9.16802  -9.07219  0.10918   1.000 15.79211 ? 159 ALA A N   1 
ATOM   1183 C CA  . ALA A 1 161 ? -10.14761 -9.98876  -0.47264  1.000 14.27210 ? 159 ALA A CA  1 
ATOM   1184 C C   . ALA A 1 161 ? -10.70766 -9.45482  -1.78173  1.000 17.70875 ? 159 ALA A C   1 
ATOM   1185 O O   . ALA A 1 161 ? -11.03926 -10.23463 -2.68539  1.000 16.58426 ? 159 ALA A O   1 
ATOM   1186 C CB  . ALA A 1 161 ? -11.28397 -10.22986 0.52173   1.000 19.34070 ? 159 ALA A CB  1 
ATOM   1187 N N   . ASP A 1 162 ? -10.82919 -8.13514  -1.89542  1.000 14.63787 ? 160 ASP A N   1 
ATOM   1188 C CA  . ASP A 1 162 ? -11.32377 -7.49614  -3.10398  1.000 21.77507 ? 160 ASP A CA  1 
ATOM   1189 C C   . ASP A 1 162 ? -10.76386 -6.08949  -3.13182  1.000 18.87486 ? 160 ASP A C   1 
ATOM   1190 O O   . ASP A 1 162 ? -10.39034 -5.52860  -2.09959  1.000 16.19043 ? 160 ASP A O   1 
ATOM   1191 C CB  . ASP A 1 162 ? -12.85736 -7.46157  -3.16219  1.000 19.90964 ? 160 ASP A CB  1 
ATOM   1192 C CG  . ASP A 1 162 ? -13.39285 -7.18034  -4.56468  1.000 24.78996 ? 160 ASP A CG  1 
ATOM   1193 O OD1 . ASP A 1 162 ? -12.63611 -7.31308  -5.56013  1.000 22.79504 ? 160 ASP A OD1 1 
ATOM   1194 O OD2 . ASP A 1 162 ? -14.58771 -6.82416  -4.66758  1.000 31.05140 ? 160 ASP A OD2 1 
ATOM   1195 N N   . CYS A 1 163 ? -10.69633 -5.52565  -4.32665  1.000 16.83954 ? 161 CYS A N   1 
ATOM   1196 C CA  . CYS A 1 163 ? -10.17962 -4.17303  -4.47562  1.000 16.19645 ? 161 CYS A CA  1 
ATOM   1197 C C   . CYS A 1 163 ? -10.62629 -3.63881  -5.82894  1.000 20.61810 ? 161 CYS A C   1 
ATOM   1198 O O   . CYS A 1 163 ? -10.97825 -4.40440  -6.73338  1.000 19.74992 ? 161 CYS A O   1 
ATOM   1199 C CB  . CYS A 1 163 ? -8.64531  -4.12169  -4.32371  1.000 15.98016 ? 161 CYS A CB  1 
ATOM   1200 S SG  . CYS A 1 163 ? -7.70022  -5.27128  -5.35656  1.000 17.95017 ? 161 CYS A SG  1 
ATOM   1201 N N   . GLY A 1 164 ? -10.63368 -2.32261  -5.94558  1.000 13.96368 ? 162 GLY A N   1 
ATOM   1202 C CA  . GLY A 1 164 ? -11.02626 -1.71836  -7.20394  1.000 15.52359 ? 162 GLY A CA  1 
ATOM   1203 C C   . GLY A 1 164 ? -11.08451 -0.21615  -7.06021  1.000 18.56652 ? 162 GLY A C   1 
ATOM   1204 O O   . GLY A 1 164 ? -10.54404 0.35355   -6.11274  1.000 18.84629 ? 162 GLY A O   1 
ATOM   1205 N N   . GLN A 1 165 ? -11.75310 0.41033   -8.01450  1.000 17.32206 ? 163 GLN A N   1 
ATOM   1206 C CA  . GLN A 1 165 ? -11.83327 1.85548   -8.08415  1.000 18.26440 ? 163 GLN A CA  1 
ATOM   1207 C C   . GLN A 1 165 ? -13.25018 2.30934   -7.77001  1.000 26.27786 ? 163 GLN A C   1 
ATOM   1208 O O   . GLN A 1 165 ? -14.22230 1.68488   -8.20819  1.000 23.96120 ? 163 GLN A O   1 
ATOM   1209 C CB  . GLN A 1 165 ? -11.40760 2.34766   -9.46666  1.000 21.42044 ? 163 GLN A CB  1 
ATOM   1210 C CG  . GLN A 1 165 ? -11.31159 3.83851   -9.56304  1.000 23.15147 ? 163 GLN A CG  1 
ATOM   1211 C CD  . GLN A 1 165 ? -10.56719 4.29527   -10.80361 1.000 23.58479 ? 163 GLN A CD  1 
ATOM   1212 O OE1 . GLN A 1 165 ? -10.06045 3.47925   -11.58035 1.000 20.72987 ? 163 GLN A OE1 1 
ATOM   1213 N NE2 . GLN A 1 165 ? -10.48346 5.60732   -10.98639 1.000 20.60691 ? 163 GLN A NE2 1 
ATOM   1214 N N   . LEU A 1 166 ? -13.35675 3.39458   -7.00520  1.000 21.53325 ? 164 LEU A N   1 
ATOM   1215 C CA  . LEU A 1 166 ? -14.64407 3.98554   -6.64532  1.000 23.74194 ? 164 LEU A CA  1 
ATOM   1216 C C   . LEU A 1 166 ? -14.88902 5.29112   -7.40760  1.000 31.94761 ? 164 LEU A C   1 
ATOM   1217 O O   . LEU A 1 166 ? -16.04240 5.72114   -7.56804  1.000 31.85478 ? 164 LEU A O   1 
ATOM   1218 C CB  . LEU A 1 166 ? -14.71370 4.24412   -5.13740  1.000 21.41125 ? 164 LEU A CB  1 
ATOM   1219 C CG  . LEU A 1 166 ? -14.73601 3.02174   -4.21865  1.000 23.65081 ? 164 LEU A CG  1 
ATOM   1220 C CD1 . LEU A 1 166 ? -14.61371 3.44605   -2.75357  1.000 30.41421 ? 164 LEU A CD1 1 
ATOM   1221 C CD2 . LEU A 1 166 ? -15.99283 2.19544   -4.44070  1.000 30.49309 ? 164 LEU A CD2 1 
HETATM 1222 C C30 . ZXX B 2 .   ? 14.28810  -5.33824  0.31272   1.000 48.84840 ? 400 ZXX A C30 1 
HETATM 1223 O O32 . ZXX B 2 .   ? 13.83251  -5.77056  1.36494   1.000 27.24335 ? 400 ZXX A O32 1 
HETATM 1224 C C31 . ZXX B 2 .   ? 15.74190  -5.55818  -0.07732  1.000 48.80357 ? 400 ZXX A C31 1 
HETATM 1225 N N04 . ZXX B 2 .   ? 13.48334  -4.65624  -0.59525  1.000 61.07941 ? 400 ZXX A N04 1 
HETATM 1226 C C02 . ZXX B 2 .   ? 12.05598  -4.32753  -0.36156  1.000 29.30134 ? 400 ZXX A C02 1 
HETATM 1227 C C01 . ZXX B 2 .   ? 11.57090  -3.90874  1.07476   1.000 24.52878 ? 400 ZXX A C01 1 
HETATM 1228 O O06 . ZXX B 2 .   ? 10.83856  -4.54021  1.84547   1.000 20.92769 ? 400 ZXX A O06 1 
HETATM 1229 C C03 . ZXX B 2 .   ? 10.87354  -4.99270  -1.11357  1.000 25.93632 ? 400 ZXX A C03 1 
HETATM 1230 C C28 . ZXX B 2 .   ? 9.98394   -3.78202  -1.36973  1.000 23.23840 ? 400 ZXX A C28 1 
HETATM 1231 C C29 . ZXX B 2 .   ? 11.29217  -5.51872  -2.48593  1.000 20.32435 ? 400 ZXX A C29 1 
HETATM 1232 N N05 . ZXX B 2 .   ? 12.04704  -2.67772  1.41088   1.000 19.34088 ? 400 ZXX A N05 1 
HETATM 1233 C C08 . ZXX B 2 .   ? 11.83573  -1.95665  2.62232   1.000 16.54906 ? 400 ZXX A C08 1 
HETATM 1234 C C10 . ZXX B 2 .   ? 13.10563  -1.09339  2.90906   1.000 18.84664 ? 400 ZXX A C10 1 
HETATM 1235 C C11 . ZXX B 2 .   ? 13.05006  -0.53703  4.29602   1.000 17.96812 ? 400 ZXX A C11 1 
HETATM 1236 C C12 . ZXX B 2 .   ? 12.66158  0.77924   4.55259   1.000 20.11505 ? 400 ZXX A C12 1 
HETATM 1237 C C13 . ZXX B 2 .   ? 12.60975  1.28847   5.84372   1.000 21.42595 ? 400 ZXX A C13 1 
HETATM 1238 C C16 . ZXX B 2 .   ? 13.38607  -1.34870  5.37994   1.000 18.76758 ? 400 ZXX A C16 1 
HETATM 1239 C C15 . ZXX B 2 .   ? 13.32013  -0.81819  6.67659   1.000 18.66039 ? 400 ZXX A C15 1 
HETATM 1240 C C14 . ZXX B 2 .   ? 12.93731  0.49300   6.93464   1.000 24.71427 ? 400 ZXX A C14 1 
HETATM 1241 O O17 . ZXX B 2 .   ? 13.65204  -1.67551  7.67135   1.000 23.51992 ? 400 ZXX A O17 1 
HETATM 1242 C C07 . ZXX B 2 .   ? 10.63447  -0.99946  2.50150   1.000 15.45370 ? 400 ZXX A C07 1 
HETATM 1243 O O09 . ZXX B 2 .   ? 10.50626  -0.22433  1.59071   1.000 16.85646 ? 400 ZXX A O09 1 
HETATM 1244 C C21 . ZXX B 2 .   ? 8.47902   -0.14150  3.52915   1.000 20.18877 ? 400 ZXX A C21 1 
HETATM 1245 N N22 . ZXX B 2 .   ? 9.85222   -1.96699  4.55198   1.000 19.12988 ? 400 ZXX A N22 1 
HETATM 1246 C C23 . ZXX B 2 .   ? 9.94517   -1.27430  5.86900   1.000 17.86251 ? 400 ZXX A C23 1 
HETATM 1247 O O25 . ZXX B 2 .   ? 10.10972  -3.55353  6.71820   1.000 24.85036 ? 400 ZXX A O25 1 
HETATM 1248 C C27 . ZXX B 2 .   ? 10.62263  -2.81640  9.18837   1.000 22.14450 ? 400 ZXX A C27 1 
HETATM 1249 C C19 . ZXX B 2 .   ? 8.76881   -0.33112  6.08059   1.000 24.11951 ? 400 ZXX A C19 1 
HETATM 1250 C C20 . ZXX B 2 .   ? 8.50159   0.58364   4.88700   1.000 17.66655 ? 400 ZXX A C20 1 
HETATM 1251 C C24 . ZXX B 2 .   ? 10.14972  -2.35462  6.91450   1.000 24.09904 ? 400 ZXX A C24 1 
HETATM 1252 N N18 . ZXX B 2 .   ? 9.66517   -1.02343  3.50871   1.000 19.41785 ? 400 ZXX A N18 1 
HETATM 1253 O O26 . ZXX B 2 .   ? 10.40802  -1.86147  8.15991   1.000 22.66422 ? 400 ZXX A O26 1 
HETATM 1254 O O   . HOH C 3 .   ? 12.82710  -7.82938  0.56073   1.000 35.56648 ? 501 HOH A O   1 
HETATM 1255 O O   . HOH C 3 .   ? -16.66789 -10.46442 9.52539   1.000 31.71206 ? 502 HOH A O   1 
HETATM 1256 O O   . HOH C 3 .   ? -5.76083  16.00147  -2.72034  1.000 34.40569 ? 503 HOH A O   1 
HETATM 1257 O O   . HOH C 3 .   ? 8.74499   -9.03488  9.53141   1.000 27.11331 ? 504 HOH A O   1 
HETATM 1258 O O   . HOH C 3 .   ? 8.13385   -11.97807 -8.58519  1.000 35.02282 ? 505 HOH A O   1 
HETATM 1259 O O   . HOH C 3 .   ? 5.03182   -5.19231  -15.54496 1.000 36.80899 ? 506 HOH A O   1 
HETATM 1260 O O   . HOH C 3 .   ? 10.90599  16.20296  5.40798   1.000 34.81457 ? 507 HOH A O   1 
HETATM 1261 O O   . HOH C 3 .   ? -2.66357  3.34075   15.37627  1.000 35.75708 ? 508 HOH A O   1 
HETATM 1262 O O   . HOH C 3 .   ? 8.39505   9.84402   -13.83021 1.000 30.80029 ? 509 HOH A O   1 
HETATM 1263 O O   . HOH C 3 .   ? 7.49773   -1.00679  -4.45725  1.000 15.72106 ? 510 HOH A O   1 
HETATM 1264 O O   . HOH C 3 .   ? -2.36234  2.55903   -17.47435 1.000 25.79720 ? 511 HOH A O   1 
HETATM 1265 O O   . HOH C 3 .   ? 9.93581   4.96171   -3.58206  1.000 14.77814 ? 512 HOH A O   1 
HETATM 1266 O O   . HOH C 3 .   ? -0.30714  15.28502  4.41590   1.000 35.45393 ? 513 HOH A O   1 
HETATM 1267 O O   . HOH C 3 .   ? -8.84164  15.43046  -7.34676  1.000 36.59149 ? 514 HOH A O   1 
HETATM 1268 O O   . HOH C 3 .   ? -13.08561 -4.54588  -8.29874  1.000 41.37947 ? 515 HOH A O   1 
HETATM 1269 O O   . HOH C 3 .   ? 11.93916  -2.65963  -4.92506  1.000 18.04178 ? 516 HOH A O   1 
HETATM 1270 O O   . HOH C 3 .   ? -9.89435  -12.54357 -3.21846  1.000 30.97876 ? 517 HOH A O   1 
HETATM 1271 O O   . HOH C 3 .   ? -15.43211 -5.43316  -6.73950  1.000 36.29881 ? 518 HOH A O   1 
HETATM 1272 O O   . HOH C 3 .   ? 8.71244   3.17800   -16.57279 1.000 39.42873 ? 519 HOH A O   1 
HETATM 1273 O O   . HOH C 3 .   ? 7.62121   19.33478  -1.36497  1.000 37.08836 ? 520 HOH A O   1 
HETATM 1274 O O   . HOH C 3 .   ? -4.11401  -0.25744  16.10388  1.000 25.51397 ? 521 HOH A O   1 
HETATM 1275 O O   . HOH C 3 .   ? -7.37639  -13.44233 5.07985   1.000 21.96196 ? 522 HOH A O   1 
HETATM 1276 O O   . HOH C 3 .   ? -2.58376  -14.11608 -0.43326  1.000 35.93507 ? 523 HOH A O   1 
HETATM 1277 O O   . HOH C 3 .   ? 6.96181   11.71853  -1.96043  1.000 15.49267 ? 524 HOH A O   1 
HETATM 1278 O O   . HOH C 3 .   ? -3.69319  -4.31650  -13.30903 1.000 18.60372 ? 525 HOH A O   1 
HETATM 1279 O O   . HOH C 3 .   ? 18.90001  1.39174   -7.89823  1.000 31.24628 ? 526 HOH A O   1 
HETATM 1280 O O   . HOH C 3 .   ? 9.45793   -6.68374  2.65638   1.000 19.87357 ? 527 HOH A O   1 
HETATM 1281 O O   . HOH C 3 .   ? -1.12033  13.60940  7.68862   1.000 32.61248 ? 528 HOH A O   1 
HETATM 1282 O O   . HOH C 3 .   ? 6.93135   -10.39524 7.81777   1.000 28.59540 ? 529 HOH A O   1 
HETATM 1283 O O   . HOH C 3 .   ? -9.27682  14.78424  -4.37254  1.000 31.65048 ? 530 HOH A O   1 
HETATM 1284 O O   . HOH C 3 .   ? 3.77218   16.91852  -9.91903  1.000 22.40083 ? 531 HOH A O   1 
HETATM 1285 O O   . HOH C 3 .   ? -1.02904  -6.87979  -0.46411  1.000 19.99205 ? 532 HOH A O   1 
HETATM 1286 O O   . HOH C 3 .   ? -2.86860  -11.01592 -6.15275  1.000 32.55189 ? 533 HOH A O   1 
HETATM 1287 O O   . HOH C 3 .   ? -9.83602  2.21033   16.06330  1.000 34.92127 ? 534 HOH A O   1 
HETATM 1288 O O   . HOH C 3 .   ? -2.19388  9.24435   -12.90828 1.000 20.30744 ? 535 HOH A O   1 
HETATM 1289 O O   . HOH C 3 .   ? 14.58761  5.96761   -3.06107  1.000 15.91293 ? 536 HOH A O   1 
HETATM 1290 O O   . HOH C 3 .   ? 1.47671   6.07222   -16.22337 1.000 23.56859 ? 537 HOH A O   1 
HETATM 1291 O O   . HOH C 3 .   ? -10.52064 0.02150   14.73538  1.000 25.48282 ? 538 HOH A O   1 
HETATM 1292 O O   . HOH C 3 .   ? -11.00587 -14.08470 11.48585  1.000 34.34170 ? 539 HOH A O   1 
HETATM 1293 O O   . HOH C 3 .   ? -9.14023  -13.24410 1.31714   1.000 30.20986 ? 540 HOH A O   1 
HETATM 1294 O O   . HOH C 3 .   ? -5.35991  -0.29681  -18.68813 1.000 34.36426 ? 541 HOH A O   1 
HETATM 1295 O O   . HOH C 3 .   ? -13.05228 -7.90906  -8.17622  1.000 28.01010 ? 542 HOH A O   1 
HETATM 1296 O O   . HOH C 3 .   ? 5.62191   13.20664  -12.91109 1.000 25.65692 ? 543 HOH A O   1 
HETATM 1297 O O   . HOH C 3 .   ? -11.73293 -4.26735  -10.89952 1.000 32.26231 ? 544 HOH A O   1 
HETATM 1298 O O   . HOH C 3 .   ? 12.81781  3.46466   -5.38042  1.000 15.01373 ? 545 HOH A O   1 
HETATM 1299 O O   . HOH C 3 .   ? 2.57713   -8.41938  0.42974   1.000 18.60494 ? 546 HOH A O   1 
HETATM 1300 O O   . HOH C 3 .   ? 7.14647   14.73889  7.17253   1.000 20.46379 ? 547 HOH A O   1 
HETATM 1301 O O   . HOH C 3 .   ? 7.63507   6.77589   -7.93691  1.000 18.53130 ? 548 HOH A O   1 
HETATM 1302 O O   . HOH C 3 .   ? -7.66592  11.56858  3.22162   1.000 28.57504 ? 549 HOH A O   1 
HETATM 1303 O O   . HOH C 3 .   ? -13.84177 -7.05487  3.73889   1.000 22.37056 ? 550 HOH A O   1 
HETATM 1304 O O   . HOH C 3 .   ? 2.96505   9.99613   14.68058  1.000 28.57629 ? 551 HOH A O   1 
HETATM 1305 O O   . HOH C 3 .   ? -0.83651  -11.39663 6.84261   1.000 20.46759 ? 552 HOH A O   1 
HETATM 1306 O O   . HOH C 3 .   ? -15.30931 -5.86909  11.36136  1.000 24.20925 ? 553 HOH A O   1 
HETATM 1307 O O   . HOH C 3 .   ? 12.13257  15.31334  1.08040   1.000 36.44997 ? 554 HOH A O   1 
HETATM 1308 O O   . HOH C 3 .   ? -0.54495  -9.91445  16.79554  1.000 25.77786 ? 555 HOH A O   1 
HETATM 1309 O O   . HOH C 3 .   ? 18.11929  -2.97606  -5.05102  1.000 33.01104 ? 556 HOH A O   1 
HETATM 1310 O O   . HOH C 3 .   ? -4.61481  6.60094   12.96707  1.000 28.96872 ? 557 HOH A O   1 
HETATM 1311 O O   . HOH C 3 .   ? -1.66477  -6.22171  -19.63251 1.000 36.92138 ? 558 HOH A O   1 
HETATM 1312 O O   . HOH C 3 .   ? 5.64638   -16.76583 0.37437   1.000 22.83713 ? 559 HOH A O   1 
HETATM 1313 O O   . HOH C 3 .   ? 7.03634   14.58215  -11.03725 1.000 28.03226 ? 560 HOH A O   1 
HETATM 1314 O O   . HOH C 3 .   ? -4.33820  7.49932   -12.35566 1.000 21.89115 ? 561 HOH A O   1 
HETATM 1315 O O   . HOH C 3 .   ? 2.49153   2.89536   -7.24996  1.000 17.57154 ? 562 HOH A O   1 
HETATM 1316 O O   . HOH C 3 .   ? -8.22337  -5.67279  15.36826  1.000 19.79055 ? 563 HOH A O   1 
HETATM 1317 O O   . HOH C 3 .   ? 3.19260   16.28662  9.84932   1.000 36.45307 ? 564 HOH A O   1 
HETATM 1318 O O   . HOH C 3 .   ? 0.43677   -11.76135 -1.68082  1.000 26.32285 ? 565 HOH A O   1 
HETATM 1319 O O   . HOH C 3 .   ? 9.40220   -2.72939  16.26997  1.000 19.48019 ? 566 HOH A O   1 
HETATM 1320 O O   . HOH C 3 .   ? -8.53186  2.52883   -17.13542 1.000 34.27298 ? 567 HOH A O   1 
HETATM 1321 O O   . HOH C 3 .   ? -6.17639  -14.89961 -1.70838  1.000 29.89495 ? 568 HOH A O   1 
HETATM 1322 O O   . HOH C 3 .   ? 9.01547   11.41675  0.54138   1.000 16.88119 ? 569 HOH A O   1 
HETATM 1323 O O   . HOH C 3 .   ? -2.28519  12.06582  9.24596   1.000 33.23064 ? 570 HOH A O   1 
HETATM 1324 O O   . HOH C 3 .   ? 15.06439  0.87181   0.60183   1.000 17.94949 ? 571 HOH A O   1 
HETATM 1325 O O   . HOH C 3 .   ? 5.14690   4.86891   17.37242  1.000 34.62685 ? 572 HOH A O   1 
HETATM 1326 O O   . HOH C 3 .   ? 16.05306  -5.93959  3.10550   1.000 35.03481 ? 573 HOH A O   1 
HETATM 1327 O O   . HOH C 3 .   ? 2.94287   -12.19456 15.28671  1.000 27.00653 ? 574 HOH A O   1 
HETATM 1328 O O   . HOH C 3 .   ? -2.27788  -10.61208 -9.67984  1.000 24.98185 ? 575 HOH A O   1 
HETATM 1329 O O   . HOH C 3 .   ? -0.63032  15.01893  -13.05646 1.000 29.06169 ? 576 HOH A O   1 
HETATM 1330 O O   . HOH C 3 .   ? 18.99224  5.17330   -10.31487 1.000 19.42590 ? 577 HOH A O   1 
HETATM 1331 O O   . HOH C 3 .   ? 10.51089  -9.42624  3.21370   1.000 23.64559 ? 578 HOH A O   1 
HETATM 1332 O O   . HOH C 3 .   ? 1.62605   14.30469  2.40610   1.000 24.25355 ? 579 HOH A O   1 
HETATM 1333 O O   . HOH C 3 .   ? 10.62467  -3.39712  -8.35155  1.000 27.58749 ? 580 HOH A O   1 
HETATM 1334 O O   . HOH C 3 .   ? -10.72053 5.19237   14.76705  1.000 36.69805 ? 581 HOH A O   1 
HETATM 1335 O O   . HOH C 3 .   ? 3.41673   -11.92707 8.44231   1.000 22.36233 ? 582 HOH A O   1 
HETATM 1336 O O   . HOH C 3 .   ? 0.05699   -6.50793  18.28700  1.000 34.14042 ? 583 HOH A O   1 
HETATM 1337 O O   . HOH C 3 .   ? 15.92287  9.60853   -3.25664  1.000 21.96375 ? 584 HOH A O   1 
HETATM 1338 O O   . HOH C 3 .   ? 6.08029   -11.89859 15.97059  1.000 32.54825 ? 585 HOH A O   1 
HETATM 1339 O O   . HOH C 3 .   ? 12.59644  -12.02396 -5.83308  1.000 36.33142 ? 586 HOH A O   1 
HETATM 1340 O O   . HOH C 3 .   ? 11.37809  -15.72807 -1.31841  1.000 22.10984 ? 587 HOH A O   1 
HETATM 1341 O O   . HOH C 3 .   ? 11.44884  15.53454  -5.66685  1.000 21.07586 ? 588 HOH A O   1 
HETATM 1342 O O   . HOH C 3 .   ? 14.60385  2.68091   2.86623   1.000 27.84509 ? 589 HOH A O   1 
HETATM 1343 O O   . HOH C 3 .   ? -13.87215 5.99962   7.90017   1.000 24.58325 ? 590 HOH A O   1 
HETATM 1344 O O   . HOH C 3 .   ? 8.74856   -16.76091 2.72737   1.000 37.27718 ? 591 HOH A O   1 
HETATM 1345 O O   . HOH C 3 .   ? 0.94408   13.66086  12.40189  1.000 40.10522 ? 592 HOH A O   1 
HETATM 1346 O O   . HOH C 3 .   ? -9.21253  7.03611   -13.16864 1.000 30.58554 ? 593 HOH A O   1 
HETATM 1347 O O   . HOH C 3 .   ? 7.74978   -11.99715 5.03800   1.000 35.61912 ? 594 HOH A O   1 
HETATM 1348 O O   . HOH C 3 .   ? 10.90258  -6.12375  10.86267  1.000 19.24696 ? 595 HOH A O   1 
HETATM 1349 O O   . HOH C 3 .   ? -5.80186  6.20219   -16.09546 1.000 29.85963 ? 596 HOH A O   1 
HETATM 1350 O O   . HOH C 3 .   ? -6.23392  -6.56876  -8.59871  1.000 20.53825 ? 597 HOH A O   1 
HETATM 1351 O O   . HOH C 3 .   ? -12.60691 -1.37919  -10.15417 1.000 29.49624 ? 598 HOH A O   1 
HETATM 1352 O O   . HOH C 3 .   ? 5.37986   12.76942  -3.87676  1.000 16.83629 ? 599 HOH A O   1 
HETATM 1353 O O   . HOH C 3 .   ? 7.39107   -4.40289  22.65103  1.000 26.11073 ? 600 HOH A O   1 
HETATM 1354 O O   . HOH C 3 .   ? -11.76010 1.91165   -13.37149 1.000 37.21972 ? 601 HOH A O   1 
HETATM 1355 O O   . HOH C 3 .   ? 13.34452  12.08862  11.64305  1.000 34.83026 ? 602 HOH A O   1 
HETATM 1356 O O   . HOH C 3 .   ? 10.40358  11.78093  -12.64778 1.000 31.25582 ? 603 HOH A O   1 
HETATM 1357 O O   . HOH C 3 .   ? 5.11140   -7.72685  19.50427  1.000 24.30423 ? 604 HOH A O   1 
HETATM 1358 O O   . HOH C 3 .   ? 9.87552   14.81477  -11.26663 1.000 25.33884 ? 605 HOH A O   1 
HETATM 1359 O O   . HOH C 3 .   ? 10.80108  -9.97042  8.01748   1.000 37.74991 ? 606 HOH A O   1 
HETATM 1360 O O   . HOH C 3 .   ? 7.69675   -9.50052  17.42574  1.000 28.15242 ? 607 HOH A O   1 
HETATM 1361 O O   . HOH C 3 .   ? 4.08518   18.63145  0.23168   1.000 37.50248 ? 608 HOH A O   1 
HETATM 1362 O O   . HOH C 3 .   ? 7.39684   -4.67526  -5.49873  1.000 17.13946 ? 609 HOH A O   1 
HETATM 1363 O O   . HOH C 3 .   ? -17.43284 -3.00031  -4.49689  1.000 35.30318 ? 610 HOH A O   1 
HETATM 1364 O O   . HOH C 3 .   ? -0.07498  -14.83606 9.04902   1.000 33.78127 ? 611 HOH A O   1 
HETATM 1365 O O   . HOH C 3 .   ? 9.25886   -15.04786 -8.42976  1.000 21.54596 ? 612 HOH A O   1 
HETATM 1366 O O   . HOH C 3 .   ? -10.72039 7.28816   7.77422   1.000 27.82466 ? 613 HOH A O   1 
HETATM 1367 O O   . HOH C 3 .   ? 8.01309   -14.03954 15.44599  1.000 30.25033 ? 614 HOH A O   1 
HETATM 1368 O O   . HOH C 3 .   ? -18.29107 -0.32199  -4.04251  1.000 35.51935 ? 615 HOH A O   1 
HETATM 1369 O O   . HOH C 3 .   ? 3.32926   16.82816  2.07607   1.000 23.75863 ? 616 HOH A O   1 
HETATM 1370 O O   . HOH C 3 .   ? 3.73900   9.19177   7.78916   1.000 18.53887 ? 617 HOH A O   1 
HETATM 1371 O O   . HOH C 3 .   ? -14.97601 3.56786   1.07072   1.000 32.76808 ? 618 HOH A O   1 
HETATM 1372 O O   . HOH C 3 .   ? -13.49366 -9.31396  11.50452  1.000 32.02299 ? 619 HOH A O   1 
HETATM 1373 O O   . HOH C 3 .   ? -15.27275 4.56002   9.81716   1.000 25.06845 ? 620 HOH A O   1 
HETATM 1374 O O   . HOH C 3 .   ? 13.40721  14.14510  7.11009   1.000 32.73883 ? 621 HOH A O   1 
HETATM 1375 O O   . HOH C 3 .   ? -9.10371  -6.26609  -8.61105  1.000 25.73099 ? 622 HOH A O   1 
HETATM 1376 O O   . HOH C 3 .   ? -11.85270 6.14053   10.25517  1.000 27.06474 ? 623 HOH A O   1 
HETATM 1377 O O   . HOH C 3 .   ? -5.04613  -10.85953 -9.06980  1.000 32.63436 ? 624 HOH A O   1 
HETATM 1378 O O   . HOH C 3 .   ? -5.61893  -8.61508  -10.40214 1.000 23.31999 ? 625 HOH A O   1 
HETATM 1379 O O   . HOH C 3 .   ? -6.80218  -11.29200 -13.85402 1.000 34.06603 ? 626 HOH A O   1 
HETATM 1380 O O   . HOH C 3 .   ? 13.35617  -14.40891 -3.25657  1.000 34.34061 ? 627 HOH A O   1 
HETATM 1381 O O   . HOH C 3 .   ? -12.09492 -13.60438 1.90665   1.000 31.46418 ? 628 HOH A O   1 
HETATM 1382 O O   . HOH C 3 .   ? -6.86154  -8.89714  -17.81986 1.000 33.10145 ? 629 HOH A O   1 
HETATM 1383 O O   . HOH C 3 .   ? 5.46507   -13.75211 4.73312   1.000 40.71733 ? 630 HOH A O   1 
HETATM 1384 O O   . HOH C 3 .   ? -6.77457  -15.77396 4.17523   1.000 25.96755 ? 631 HOH A O   1 
HETATM 1385 O O   . HOH C 3 .   ? 2.20213   16.38312  -12.50993 1.000 32.11213 ? 632 HOH A O   1 
HETATM 1386 O O   . HOH C 3 .   ? -13.81502 -11.78489 2.84260   1.000 32.16316 ? 633 HOH A O   1 
HETATM 1387 O O   . HOH C 3 .   ? -8.49712  5.29576   -15.91334 1.000 34.17729 ? 634 HOH A O   1 
HETATM 1388 O O   . HOH C 3 .   ? 1.63087   -11.21970 17.60444  1.000 35.08636 ? 635 HOH A O   1 
HETATM 1389 O O   . HOH C 3 .   ? 18.45998  5.74904   4.43978   1.000 37.19463 ? 636 HOH A O   1 
HETATM 1390 O O   . HOH C 3 .   ? 16.43878  -1.60867  0.78909   1.000 20.60924 ? 637 HOH A O   1 
HETATM 1391 O O   . HOH C 3 .   ? -4.84333  -9.09715  -19.80626 1.000 38.90894 ? 638 HOH A O   1 
HETATM 1392 O O   . HOH C 3 .   ? -1.96798  -1.43692  17.50408  1.000 32.51356 ? 639 HOH A O   1 
HETATM 1393 O O   . HOH C 3 .   ? 2.40351   -14.76125 15.43410  1.000 39.19112 ? 640 HOH A O   1 
HETATM 1394 O O   . HOH C 3 .   ? 6.30377   17.20169  -10.79426 1.000 26.92946 ? 641 HOH A O   1 
HETATM 1395 O O   . HOH C 3 .   ? 10.47979  5.47503   -19.04670 1.000 35.48978 ? 642 HOH A O   1 
HETATM 1396 O O   . HOH C 3 .   ? 2.86099   -9.51104  19.36836  1.000 34.72650 ? 643 HOH A O   1 
HETATM 1397 O O   . HOH C 3 .   ? 15.92954  -3.89492  4.55544   1.000 25.42455 ? 644 HOH A O   1 
HETATM 1398 O O   . HOH C 3 .   ? 9.05847   16.98304  -9.85026  1.000 24.68654 ? 645 HOH A O   1 
HETATM 1399 O O   . HOH C 3 .   ? -8.51879  -13.57924 -1.14026  1.000 35.04191 ? 646 HOH A O   1 
HETATM 1400 O O   . HOH C 3 .   ? 12.63320  -7.87427  9.29677   1.000 31.66555 ? 647 HOH A O   1 
HETATM 1401 O O   . HOH C 3 .   ? 3.96916   6.43944   -17.79681 1.000 33.40413 ? 648 HOH A O   1 
HETATM 1402 O O   . HOH C 3 .   ? -3.08986  17.02102  -13.01945 1.000 38.42825 ? 649 HOH A O   1 
HETATM 1403 O O   . HOH C 3 .   ? 2.57291   -13.39281 -16.72483 1.000 29.35113 ? 650 HOH A O   1 
HETATM 1404 O O   . HOH C 3 .   ? -1.11201  -3.59983  18.90619  1.000 34.86331 ? 651 HOH A O   1 
HETATM 1405 O O   . HOH C 3 .   ? 7.70365   6.74586   15.54876  1.000 32.99766 ? 652 HOH A O   1 
HETATM 1406 O O   . HOH C 3 .   ? 3.13518   19.52309  -8.75244  1.000 37.09494 ? 653 HOH A O   1 
HETATM 1407 O O   . HOH C 3 .   ? 13.85100  -4.49717  -5.89670  1.000 32.21516 ? 654 HOH A O   1 
HETATM 1408 O O   . HOH C 3 .   ? 0.54431   -8.09713  20.47269  1.000 36.97304 ? 655 HOH A O   1 
HETATM 1409 O O   . HOH C 3 .   ? -6.80872  8.72607   -12.88045 1.000 30.26496 ? 656 HOH A O   1 
HETATM 1410 O O   . HOH C 3 .   ? 0.15826   3.76784   -18.11666 1.000 36.83961 ? 657 HOH A O   1 
HETATM 1411 O O   . HOH C 3 .   ? 6.09962   17.40232  6.26122   1.000 38.42652 ? 658 HOH A O   1 
HETATM 1412 O O   . HOH C 3 .   ? 4.94962   7.70584   16.63871  1.000 38.02576 ? 659 HOH A O   1 
HETATM 1413 O O   . HOH C 3 .   ? -14.59163 -9.30653  2.31311   1.000 25.93411 ? 660 HOH A O   1 
HETATM 1414 O O   . HOH C 3 .   ? 5.37732   20.18140  2.10261   1.000 39.07030 ? 661 HOH A O   1 
HETATM 1415 O O   . HOH C 3 .   ? -2.37291  9.28572   -15.98326 1.000 38.31214 ? 662 HOH A O   1 
HETATM 1416 O O   . HOH C 3 .   ? 9.54883   19.72968  -3.17101  1.000 37.65229 ? 663 HOH A O   1 
HETATM 1417 O O   . HOH C 3 .   ? 4.39620   18.25876  4.32462   1.000 29.52395 ? 664 HOH A O   1 
HETATM 1418 O O   . HOH C 3 .   ? 18.55166  -6.10425  1.44383   1.000 38.04602 ? 665 HOH A O   1 
HETATM 1419 O O   . HOH C 3 .   ? 4.09446   15.29810  -13.87272 1.000 27.90063 ? 666 HOH A O   1 
HETATM 1420 O O   . HOH C 3 .   ? -7.67938  -7.56644  17.32525  1.000 30.35514 ? 667 HOH A O   1 
# 
loop_
_pdbx_poly_seq_scheme.asym_id 
_pdbx_poly_seq_scheme.entity_id 
_pdbx_poly_seq_scheme.seq_id 
_pdbx_poly_seq_scheme.mon_id 
_pdbx_poly_seq_scheme.ndb_seq_num 
_pdbx_poly_seq_scheme.pdb_seq_num 
_pdbx_poly_seq_scheme.auth_seq_num 
_pdbx_poly_seq_scheme.pdb_mon_id 
_pdbx_poly_seq_scheme.auth_mon_id 
_pdbx_poly_seq_scheme.pdb_strand_id 
_pdbx_poly_seq_scheme.pdb_ins_code 
_pdbx_poly_seq_scheme.hetero 
A 1 1   GLY 1   -1  ?   ?   ?   A . n 
A 1 2   HIS 2   0   ?   ?   ?   A . n 
A 1 3   MET 3   1   ?   ?   ?   A . n 
A 1 4   VAL 4   2   2   VAL VAL A . n 
A 1 5   ASN 5   3   3   ASN ASN A . n 
A 1 6   PRO 6   4   4   PRO PRO A . n 
A 1 7   THR 7   5   5   THR THR A . n 
A 1 8   VAL 8   6   6   VAL VAL A . n 
A 1 9   PHE 9   7   7   PHE PHE A . n 
A 1 10  PHE 10  8   8   PHE PHE A . n 
A 1 11  ASP 11  9   9   ASP ASP A . n 
A 1 12  ILE 12  10  10  ILE ILE A . n 
A 1 13  ALA 13  11  11  ALA ALA A . n 
A 1 14  VAL 14  12  12  VAL VAL A . n 
A 1 15  ASP 15  13  13  ASP ASP A . n 
A 1 16  GLY 16  14  14  GLY GLY A . n 
A 1 17  GLU 17  15  15  GLU GLU A . n 
A 1 18  PRO 18  16  16  PRO PRO A . n 
A 1 19  LEU 19  17  17  LEU LEU A . n 
A 1 20  GLY 20  18  18  GLY GLY A . n 
A 1 21  ARG 21  19  19  ARG ARG A . n 
A 1 22  VAL 22  20  20  VAL VAL A . n 
A 1 23  SER 23  21  21  SER SER A . n 
A 1 24  PHE 24  22  22  PHE PHE A . n 
A 1 25  GLU 25  23  23  GLU GLU A . n 
A 1 26  LEU 26  24  24  LEU LEU A . n 
A 1 27  PHE 27  25  25  PHE PHE A . n 
A 1 28  ALA 28  26  26  ALA ALA A . n 
A 1 29  ASP 29  27  27  ASP ASP A . n 
A 1 30  LYS 30  28  28  LYS LYS A . n 
A 1 31  VAL 31  29  29  VAL VAL A . n 
A 1 32  PRO 32  30  30  PRO PRO A . n 
A 1 33  LYS 33  31  31  LYS LYS A . n 
A 1 34  THR 34  32  32  THR THR A . n 
A 1 35  ALA 35  33  33  ALA ALA A . n 
A 1 36  GLU 36  34  34  GLU GLU A . n 
A 1 37  ASN 37  35  35  ASN ASN A . n 
A 1 38  PHE 38  36  36  PHE PHE A . n 
A 1 39  ARG 39  37  37  ARG ARG A . n 
A 1 40  ALA 40  38  38  ALA ALA A . n 
A 1 41  LEU 41  39  39  LEU LEU A . n 
A 1 42  SER 42  40  40  SER SER A . n 
A 1 43  THR 43  41  41  THR THR A . n 
A 1 44  GLY 44  42  42  GLY GLY A . n 
A 1 45  GLU 45  43  43  GLU GLU A . n 
A 1 46  LYS 46  44  44  LYS LYS A . n 
A 1 47  GLY 47  45  45  GLY GLY A . n 
A 1 48  PHE 48  46  46  PHE PHE A . n 
A 1 49  GLY 49  47  47  GLY GLY A . n 
A 1 50  TYR 50  48  48  TYR TYR A . n 
A 1 51  LYS 51  49  49  LYS LYS A . n 
A 1 52  GLY 52  50  50  GLY GLY A . n 
A 1 53  SER 53  51  51  SER SER A . n 
A 1 54  CYS 54  52  52  CYS CYS A . n 
A 1 55  PHE 55  53  53  PHE PHE A . n 
A 1 56  HIS 56  54  54  HIS HIS A . n 
A 1 57  ARG 57  55  55  ARG ARG A . n 
A 1 58  ILE 58  56  56  ILE ILE A . n 
A 1 59  ILE 59  57  57  ILE ILE A . n 
A 1 60  PRO 60  58  58  PRO PRO A . n 
A 1 61  GLY 61  59  59  GLY GLY A . n 
A 1 62  PHE 62  60  60  PHE PHE A . n 
A 1 63  MET 63  61  61  MET MET A . n 
A 1 64  CYS 64  62  62  CYS CYS A . n 
A 1 65  GLN 65  63  63  GLN GLN A . n 
A 1 66  GLY 66  64  64  GLY GLY A . n 
A 1 67  GLY 67  65  65  GLY GLY A . n 
A 1 68  ASP 68  66  66  ASP ASP A . n 
A 1 69  PHE 69  67  67  PHE PHE A . n 
A 1 70  THR 70  68  68  THR THR A . n 
A 1 71  ARG 71  69  69  ARG ARG A . n 
A 1 72  HIS 72  70  70  HIS HIS A . n 
A 1 73  ASN 73  71  71  ASN ASN A . n 
A 1 74  GLY 74  72  72  GLY GLY A . n 
A 1 75  THR 75  73  73  THR THR A . n 
A 1 76  GLY 76  74  74  GLY GLY A . n 
A 1 77  GLY 77  75  75  GLY GLY A . n 
A 1 78  LYS 78  76  76  LYS LYS A . n 
A 1 79  SER 79  77  77  SER SER A . n 
A 1 80  ILE 80  78  78  ILE ILE A . n 
A 1 81  TYR 81  79  79  TYR TYR A . n 
A 1 82  GLY 82  80  80  GLY GLY A . n 
A 1 83  GLU 83  81  81  GLU GLU A . n 
A 1 84  LYS 84  82  82  LYS LYS A . n 
A 1 85  PHE 85  83  83  PHE PHE A . n 
A 1 86  GLU 86  84  84  GLU GLU A . n 
A 1 87  ASP 87  85  85  ASP ASP A . n 
A 1 88  GLU 88  86  86  GLU GLU A . n 
A 1 89  ASN 89  87  87  ASN ASN A . n 
A 1 90  PHE 90  88  88  PHE PHE A . n 
A 1 91  ILE 91  89  89  ILE ILE A . n 
A 1 92  LEU 92  90  90  LEU LEU A . n 
A 1 93  LYS 93  91  91  LYS LYS A . n 
A 1 94  HIS 94  92  92  HIS HIS A . n 
A 1 95  THR 95  93  93  THR THR A . n 
A 1 96  GLY 96  94  94  GLY GLY A . n 
A 1 97  PRO 97  95  95  PRO PRO A . n 
A 1 98  GLY 98  96  96  GLY GLY A . n 
A 1 99  ILE 99  97  97  ILE ILE A . n 
A 1 100 LEU 100 98  98  LEU LEU A . n 
A 1 101 SER 101 99  99  SER SER A . n 
A 1 102 MET 102 100 100 MET MET A . n 
A 1 103 ALA 103 101 101 ALA ALA A . n 
A 1 104 ASN 104 102 102 ASN ASN A . n 
A 1 105 ALA 105 103 103 ALA ALA A . n 
A 1 106 GLY 106 104 104 GLY GLY A . n 
A 1 107 PRO 107 105 105 PRO PRO A . n 
A 1 108 ASN 108 106 106 ASN ASN A . n 
A 1 109 THR 109 107 107 THR THR A . n 
A 1 110 ASN 110 108 108 ASN ASN A . n 
A 1 111 GLY 111 109 109 GLY GLY A . n 
A 1 112 SER 112 110 110 SER SER A . n 
A 1 113 GLN 113 111 111 GLN GLN A . n 
A 1 114 PHE 114 112 112 PHE PHE A . n 
A 1 115 PHE 115 113 113 PHE PHE A . n 
A 1 116 ILE 116 114 114 ILE ILE A . n 
A 1 117 CYS 117 115 115 CYS CYS A . n 
A 1 118 THR 118 116 116 THR THR A . n 
A 1 119 ALA 119 117 117 ALA ALA A . n 
A 1 120 LYS 120 118 118 LYS LYS A . n 
A 1 121 THR 121 119 119 THR THR A . n 
A 1 122 GLU 122 120 120 GLU GLU A . n 
A 1 123 TRP 123 121 121 TRP TRP A . n 
A 1 124 LEU 124 122 122 LEU LEU A . n 
A 1 125 ASP 125 123 123 ASP ASP A . n 
A 1 126 GLY 126 124 124 GLY GLY A . n 
A 1 127 LYS 127 125 125 LYS LYS A . n 
A 1 128 HIS 128 126 126 HIS HIS A . n 
A 1 129 VAL 129 127 127 VAL VAL A . n 
A 1 130 VAL 130 128 128 VAL VAL A . n 
A 1 131 PHE 131 129 129 PHE PHE A . n 
A 1 132 GLY 132 130 130 GLY GLY A . n 
A 1 133 LYS 133 131 131 LYS LYS A . n 
A 1 134 VAL 134 132 132 VAL VAL A . n 
A 1 135 LYS 135 133 133 LYS LYS A . n 
A 1 136 GLU 136 134 134 GLU GLU A . n 
A 1 137 GLY 137 135 135 GLY GLY A . n 
A 1 138 MET 138 136 136 MET MET A . n 
A 1 139 ASN 139 137 137 ASN ASN A . n 
A 1 140 ILE 140 138 138 ILE ILE A . n 
A 1 141 VAL 141 139 139 VAL VAL A . n 
A 1 142 GLU 142 140 140 GLU GLU A . n 
A 1 143 ALA 143 141 141 ALA ALA A . n 
A 1 144 MET 144 142 142 MET MET A . n 
A 1 145 GLU 145 143 143 GLU GLU A . n 
A 1 146 ARG 146 144 144 ARG ARG A . n 
A 1 147 PHE 147 145 145 PHE PHE A . n 
A 1 148 GLY 148 146 146 GLY GLY A . n 
A 1 149 SER 149 147 147 SER SER A . n 
A 1 150 ARG 150 148 148 ARG ARG A . n 
A 1 151 ASN 151 149 149 ASN ASN A . n 
A 1 152 GLY 152 150 150 GLY GLY A . n 
A 1 153 LYS 153 151 151 LYS LYS A . n 
A 1 154 THR 154 152 152 THR THR A . n 
A 1 155 SER 155 153 153 SER SER A . n 
A 1 156 LYS 156 154 154 LYS LYS A . n 
A 1 157 LYS 157 155 155 LYS LYS A . n 
A 1 158 ILE 158 156 156 ILE ILE A . n 
A 1 159 THR 159 157 157 THR THR A . n 
A 1 160 ILE 160 158 158 ILE ILE A . n 
A 1 161 ALA 161 159 159 ALA ALA A . n 
A 1 162 ASP 162 160 160 ASP ASP A . n 
A 1 163 CYS 163 161 161 CYS CYS A . n 
A 1 164 GLY 164 162 162 GLY GLY A . n 
A 1 165 GLN 165 163 163 GLN GLN A . n 
A 1 166 LEU 166 164 164 LEU LEU A . n 
A 1 167 GLU 167 165 ?   ?   ?   A . n 
# 
loop_
_pdbx_nonpoly_scheme.asym_id 
_pdbx_nonpoly_scheme.entity_id 
_pdbx_nonpoly_scheme.mon_id 
_pdbx_nonpoly_scheme.ndb_seq_num 
_pdbx_nonpoly_scheme.pdb_seq_num 
_pdbx_nonpoly_scheme.auth_seq_num 
_pdbx_nonpoly_scheme.pdb_mon_id 
_pdbx_nonpoly_scheme.auth_mon_id 
_pdbx_nonpoly_scheme.pdb_strand_id 
_pdbx_nonpoly_scheme.pdb_ins_code 
B 2 ZXX 1   400 400 ZXX 992 A . 
C 3 HOH 1   501 196 HOH HOH A . 
C 3 HOH 2   502 133 HOH HOH A . 
C 3 HOH 3   503 146 HOH HOH A . 
C 3 HOH 4   504 161 HOH HOH A . 
C 3 HOH 5   505 128 HOH HOH A . 
C 3 HOH 6   506 120 HOH HOH A . 
C 3 HOH 7   507 143 HOH HOH A . 
C 3 HOH 8   508 95  HOH HOH A . 
C 3 HOH 9   509 100 HOH HOH A . 
C 3 HOH 10  510 14  HOH HOH A . 
C 3 HOH 11  511 85  HOH HOH A . 
C 3 HOH 12  512 8   HOH HOH A . 
C 3 HOH 13  513 75  HOH HOH A . 
C 3 HOH 14  514 96  HOH HOH A . 
C 3 HOH 15  515 163 HOH HOH A . 
C 3 HOH 16  516 48  HOH HOH A . 
C 3 HOH 17  517 67  HOH HOH A . 
C 3 HOH 18  518 74  HOH HOH A . 
C 3 HOH 19  519 90  HOH HOH A . 
C 3 HOH 20  520 228 HOH HOH A . 
C 3 HOH 21  521 217 HOH HOH A . 
C 3 HOH 22  522 26  HOH HOH A . 
C 3 HOH 23  523 134 HOH HOH A . 
C 3 HOH 24  524 3   HOH HOH A . 
C 3 HOH 25  525 4   HOH HOH A . 
C 3 HOH 26  526 49  HOH HOH A . 
C 3 HOH 27  527 22  HOH HOH A . 
C 3 HOH 28  528 68  HOH HOH A . 
C 3 HOH 29  529 44  HOH HOH A . 
C 3 HOH 30  530 56  HOH HOH A . 
C 3 HOH 31  531 64  HOH HOH A . 
C 3 HOH 32  532 30  HOH HOH A . 
C 3 HOH 33  533 98  HOH HOH A . 
C 3 HOH 34  534 87  HOH HOH A . 
C 3 HOH 35  535 9   HOH HOH A . 
C 3 HOH 36  536 13  HOH HOH A . 
C 3 HOH 37  537 29  HOH HOH A . 
C 3 HOH 38  538 51  HOH HOH A . 
C 3 HOH 39  539 141 HOH HOH A . 
C 3 HOH 40  540 86  HOH HOH A . 
C 3 HOH 41  541 108 HOH HOH A . 
C 3 HOH 42  542 70  HOH HOH A . 
C 3 HOH 43  543 63  HOH HOH A . 
C 3 HOH 44  544 233 HOH HOH A . 
C 3 HOH 45  545 1   HOH HOH A . 
C 3 HOH 46  546 17  HOH HOH A . 
C 3 HOH 47  547 15  HOH HOH A . 
C 3 HOH 48  548 11  HOH HOH A . 
C 3 HOH 49  549 114 HOH HOH A . 
C 3 HOH 50  550 18  HOH HOH A . 
C 3 HOH 51  551 57  HOH HOH A . 
C 3 HOH 52  552 19  HOH HOH A . 
C 3 HOH 53  553 105 HOH HOH A . 
C 3 HOH 54  554 72  HOH HOH A . 
C 3 HOH 55  555 55  HOH HOH A . 
C 3 HOH 56  556 149 HOH HOH A . 
C 3 HOH 57  557 170 HOH HOH A . 
C 3 HOH 58  558 73  HOH HOH A . 
C 3 HOH 59  559 47  HOH HOH A . 
C 3 HOH 60  560 38  HOH HOH A . 
C 3 HOH 61  561 27  HOH HOH A . 
C 3 HOH 62  562 212 HOH HOH A . 
C 3 HOH 63  563 34  HOH HOH A . 
C 3 HOH 64  564 184 HOH HOH A . 
C 3 HOH 65  565 36  HOH HOH A . 
C 3 HOH 66  566 215 HOH HOH A . 
C 3 HOH 67  567 207 HOH HOH A . 
C 3 HOH 68  568 35  HOH HOH A . 
C 3 HOH 69  569 6   HOH HOH A . 
C 3 HOH 70  570 112 HOH HOH A . 
C 3 HOH 71  571 7   HOH HOH A . 
C 3 HOH 72  572 179 HOH HOH A . 
C 3 HOH 73  573 123 HOH HOH A . 
C 3 HOH 74  574 218 HOH HOH A . 
C 3 HOH 75  575 50  HOH HOH A . 
C 3 HOH 76  576 46  HOH HOH A . 
C 3 HOH 77  577 21  HOH HOH A . 
C 3 HOH 78  578 60  HOH HOH A . 
C 3 HOH 79  579 33  HOH HOH A . 
C 3 HOH 80  580 174 HOH HOH A . 
C 3 HOH 81  581 201 HOH HOH A . 
C 3 HOH 82  582 78  HOH HOH A . 
C 3 HOH 83  583 194 HOH HOH A . 
C 3 HOH 84  584 52  HOH HOH A . 
C 3 HOH 85  585 91  HOH HOH A . 
C 3 HOH 86  586 178 HOH HOH A . 
C 3 HOH 87  587 20  HOH HOH A . 
C 3 HOH 88  588 53  HOH HOH A . 
C 3 HOH 89  589 211 HOH HOH A . 
C 3 HOH 90  590 23  HOH HOH A . 
C 3 HOH 91  591 88  HOH HOH A . 
C 3 HOH 92  592 101 HOH HOH A . 
C 3 HOH 93  593 79  HOH HOH A . 
C 3 HOH 94  594 147 HOH HOH A . 
C 3 HOH 95  595 16  HOH HOH A . 
C 3 HOH 96  596 45  HOH HOH A . 
C 3 HOH 97  597 31  HOH HOH A . 
C 3 HOH 98  598 93  HOH HOH A . 
C 3 HOH 99  599 2   HOH HOH A . 
C 3 HOH 100 600 219 HOH HOH A . 
C 3 HOH 101 601 231 HOH HOH A . 
C 3 HOH 102 602 138 HOH HOH A . 
C 3 HOH 103 603 104 HOH HOH A . 
C 3 HOH 104 604 28  HOH HOH A . 
C 3 HOH 105 605 39  HOH HOH A . 
C 3 HOH 106 606 151 HOH HOH A . 
C 3 HOH 107 607 176 HOH HOH A . 
C 3 HOH 108 608 137 HOH HOH A . 
C 3 HOH 109 609 12  HOH HOH A . 
C 3 HOH 110 610 109 HOH HOH A . 
C 3 HOH 111 611 81  HOH HOH A . 
C 3 HOH 112 612 5   HOH HOH A . 
C 3 HOH 113 613 65  HOH HOH A . 
C 3 HOH 114 614 124 HOH HOH A . 
C 3 HOH 115 615 130 HOH HOH A . 
C 3 HOH 116 616 41  HOH HOH A . 
C 3 HOH 117 617 10  HOH HOH A . 
C 3 HOH 118 618 115 HOH HOH A . 
C 3 HOH 119 619 145 HOH HOH A . 
C 3 HOH 120 620 59  HOH HOH A . 
C 3 HOH 121 621 188 HOH HOH A . 
C 3 HOH 122 622 131 HOH HOH A . 
C 3 HOH 123 623 62  HOH HOH A . 
C 3 HOH 124 624 204 HOH HOH A . 
C 3 HOH 125 625 83  HOH HOH A . 
C 3 HOH 126 626 129 HOH HOH A . 
C 3 HOH 127 627 175 HOH HOH A . 
C 3 HOH 128 628 117 HOH HOH A . 
C 3 HOH 129 629 203 HOH HOH A . 
C 3 HOH 130 630 234 HOH HOH A . 
C 3 HOH 131 631 61  HOH HOH A . 
C 3 HOH 132 632 106 HOH HOH A . 
C 3 HOH 133 633 121 HOH HOH A . 
C 3 HOH 134 634 116 HOH HOH A . 
C 3 HOH 135 635 142 HOH HOH A . 
C 3 HOH 136 636 216 HOH HOH A . 
C 3 HOH 137 637 66  HOH HOH A . 
C 3 HOH 138 638 205 HOH HOH A . 
C 3 HOH 139 639 220 HOH HOH A . 
C 3 HOH 140 640 221 HOH HOH A . 
C 3 HOH 141 641 213 HOH HOH A . 
C 3 HOH 142 642 185 HOH HOH A . 
C 3 HOH 143 643 118 HOH HOH A . 
C 3 HOH 144 644 42  HOH HOH A . 
C 3 HOH 145 645 43  HOH HOH A . 
C 3 HOH 146 646 103 HOH HOH A . 
C 3 HOH 147 647 94  HOH HOH A . 
C 3 HOH 148 648 136 HOH HOH A . 
C 3 HOH 149 649 82  HOH HOH A . 
C 3 HOH 150 650 111 HOH HOH A . 
C 3 HOH 151 651 214 HOH HOH A . 
C 3 HOH 152 652 177 HOH HOH A . 
C 3 HOH 153 653 168 HOH HOH A . 
C 3 HOH 154 654 102 HOH HOH A . 
C 3 HOH 155 655 58  HOH HOH A . 
C 3 HOH 156 656 54  HOH HOH A . 
C 3 HOH 157 657 180 HOH HOH A . 
C 3 HOH 158 658 226 HOH HOH A . 
C 3 HOH 159 659 187 HOH HOH A . 
C 3 HOH 160 660 32  HOH HOH A . 
C 3 HOH 161 661 156 HOH HOH A . 
C 3 HOH 162 662 132 HOH HOH A . 
C 3 HOH 163 663 169 HOH HOH A . 
C 3 HOH 164 664 25  HOH HOH A . 
C 3 HOH 165 665 232 HOH HOH A . 
C 3 HOH 166 666 37  HOH HOH A . 
C 3 HOH 167 667 135 HOH HOH A . 
# 
_pdbx_struct_assembly.id                   1 
_pdbx_struct_assembly.details              author_and_software_defined_assembly 
_pdbx_struct_assembly.method_details       PISA 
_pdbx_struct_assembly.oligomeric_details   monomeric 
_pdbx_struct_assembly.oligomeric_count     1 
# 
_pdbx_struct_assembly_gen.assembly_id       1 
_pdbx_struct_assembly_gen.oper_expression   1 
_pdbx_struct_assembly_gen.asym_id_list      A,B,C 
# 
loop_
_pdbx_struct_assembly_prop.biol_id 
_pdbx_struct_assembly_prop.type 
_pdbx_struct_assembly_prop.value 
_pdbx_struct_assembly_prop.details 
1 'ABSA (A^2)' 0    ? 
1 MORE         0    ? 
1 'SSA (A^2)'  7080 ? 
# 
_pdbx_struct_oper_list.id                   1 
_pdbx_struct_oper_list.type                 'identity operation' 
_pdbx_struct_oper_list.name                 1_555 
_pdbx_struct_oper_list.symmetry_operation   x,y,z 
_pdbx_struct_oper_list.matrix[1][1]         1.0000000000 
_pdbx_struct_oper_list.matrix[1][2]         0.0000000000 
_pdbx_struct_oper_list.matrix[1][3]         0.0000000000 
_pdbx_struct_oper_list.vector[1]            0.0000000000 
_pdbx_struct_oper_list.matrix[2][1]         0.0000000000 
_pdbx_struct_oper_list.matrix[2][2]         1.0000000000 
_pdbx_struct_oper_list.matrix[2][3]         0.0000000000 
_pdbx_struct_oper_list.vector[2]            0.0000000000 
_pdbx_struct_oper_list.matrix[3][1]         0.0000000000 
_pdbx_struct_oper_list.matrix[3][2]         0.0000000000 
_pdbx_struct_oper_list.matrix[3][3]         1.0000000000 
_pdbx_struct_oper_list.vector[3]            0.0000000000 
# 
loop_
_pdbx_audit_revision_history.ordinal 
_pdbx_audit_revision_history.data_content_type 
_pdbx_audit_revision_history.major_revision 
_pdbx_audit_revision_history.minor_revision 
_pdbx_audit_revision_history.revision_date 
1 'Structure model' 1 0 2020-06-24 
2 'Structure model' 1 1 2020-07-01 
3 'Structure model' 1 2 2020-08-26 
4 'Structure model' 1 3 2023-10-18 
# 
_pdbx_audit_revision_details.ordinal             1 
_pdbx_audit_revision_details.revision_ordinal    1 
_pdbx_audit_revision_details.data_content_type   'Structure model' 
_pdbx_audit_revision_details.provider            repository 
_pdbx_audit_revision_details.type                'Initial release' 
_pdbx_audit_revision_details.description         ? 
_pdbx_audit_revision_details.details             ? 
# 
loop_
_pdbx_audit_revision_group.ordinal 
_pdbx_audit_revision_group.revision_ordinal 
_pdbx_audit_revision_group.data_content_type 
_pdbx_audit_revision_group.group 
1 2 'Structure model' 'Database references'    
2 3 'Structure model' 'Database references'    
3 4 'Structure model' 'Data collection'        
4 4 'Structure model' 'Database references'    
5 4 'Structure model' 'Refinement description' 
# 
loop_
_pdbx_audit_revision_category.ordinal 
_pdbx_audit_revision_category.revision_ordinal 
_pdbx_audit_revision_category.data_content_type 
_pdbx_audit_revision_category.category 
1 2 'Structure model' citation                      
2 3 'Structure model' citation                      
3 3 'Structure model' citation_author               
4 4 'Structure model' chem_comp_atom                
5 4 'Structure model' chem_comp_bond                
6 4 'Structure model' database_2                    
7 4 'Structure model' pdbx_initial_refinement_model 
# 
loop_
_pdbx_audit_revision_item.ordinal 
_pdbx_audit_revision_item.revision_ordinal 
_pdbx_audit_revision_item.data_content_type 
_pdbx_audit_revision_item.item 
1  2 'Structure model' '_citation.country'                   
2  2 'Structure model' '_citation.journal_abbrev'            
3  2 'Structure model' '_citation.journal_id_CSD'            
4  2 'Structure model' '_citation.journal_id_ISSN'           
5  2 'Structure model' '_citation.pdbx_database_id_DOI'      
6  2 'Structure model' '_citation.pdbx_database_id_PubMed'   
7  2 'Structure model' '_citation.title'                     
8  2 'Structure model' '_citation.year'                      
9  3 'Structure model' '_citation.journal_volume'            
10 3 'Structure model' '_citation.page_first'                
11 3 'Structure model' '_citation.page_last'                 
12 3 'Structure model' '_citation_author.identifier_ORCID'   
13 3 'Structure model' '_citation_author.name'               
14 4 'Structure model' '_database_2.pdbx_DOI'                
15 4 'Structure model' '_database_2.pdbx_database_accession' 
# 
loop_
_space_group_symop.id 
_space_group_symop.operation_xyz 
1 x,y,z           
2 x+1/2,-y+1/2,-z 
3 -x,y+1/2,-z+1/2 
4 -x+1/2,-y,z+1/2 
# 
loop_
_software.citation_id 
_software.classification 
_software.compiler_name 
_software.compiler_version 
_software.contact_author 
_software.contact_author_email 
_software.date 
_software.description 
_software.dependencies 
_software.hardware 
_software.language 
_software.location 
_software.mods 
_software.name 
_software.os 
_software.os_version 
_software.type 
_software.version 
_software.pdbx_ordinal 
? refinement       ? ? ? ? ? ? ? ? ? ? ? PHENIX    ? ? ? 1.17.1_3660 1 
? refinement       ? ? ? ? ? ? ? ? ? ? ? PHENIX    ? ? ? 1.17.1_3660 2 
? 'data reduction' ? ? ? ? ? ? ? ? ? ? ? DENZO     ? ? ? .           3 
? 'data scaling'   ? ? ? ? ? ? ? ? ? ? ? SCALEPACK ? ? ? .           4 
? phasing          ? ? ? ? ? ? ? ? ? ? ? PHASER    ? ? ? .           5 
# 
_pdbx_entry_details.entry_id                 6X3R 
_pdbx_entry_details.has_ligand_of_interest   Y 
_pdbx_entry_details.compound_details         ? 
_pdbx_entry_details.source_details           ? 
_pdbx_entry_details.nonpolymer_details       ? 
_pdbx_entry_details.sequence_details         ? 
# 
loop_
_pdbx_validate_torsion.id 
_pdbx_validate_torsion.PDB_model_num 
_pdbx_validate_torsion.auth_comp_id 
_pdbx_validate_torsion.auth_asym_id 
_pdbx_validate_torsion.auth_seq_id 
_pdbx_validate_torsion.PDB_ins_code 
_pdbx_validate_torsion.label_alt_id 
_pdbx_validate_torsion.phi 
_pdbx_validate_torsion.psi 
1 1 PHE A 60  ? ? -139.10 -78.25 
2 1 ASN A 71  ? ? -144.56 12.35  
3 1 LYS A 133 ? ? -100.44 -70.88 
# 
loop_
_pdbx_unobs_or_zero_occ_atoms.id 
_pdbx_unobs_or_zero_occ_atoms.PDB_model_num 
_pdbx_unobs_or_zero_occ_atoms.polymer_flag 
_pdbx_unobs_or_zero_occ_atoms.occupancy_flag 
_pdbx_unobs_or_zero_occ_atoms.auth_asym_id 
_pdbx_unobs_or_zero_occ_atoms.auth_comp_id 
_pdbx_unobs_or_zero_occ_atoms.auth_seq_id 
_pdbx_unobs_or_zero_occ_atoms.PDB_ins_code 
_pdbx_unobs_or_zero_occ_atoms.auth_atom_id 
_pdbx_unobs_or_zero_occ_atoms.label_alt_id 
_pdbx_unobs_or_zero_occ_atoms.label_asym_id 
_pdbx_unobs_or_zero_occ_atoms.label_comp_id 
_pdbx_unobs_or_zero_occ_atoms.label_seq_id 
_pdbx_unobs_or_zero_occ_atoms.label_atom_id 
1  1 Y 1 A LYS 28  ? CE  ? A LYS 30  CE  
2  1 Y 1 A LYS 28  ? NZ  ? A LYS 30  NZ  
3  1 Y 1 A GLU 81  ? CG  ? A GLU 83  CG  
4  1 Y 1 A GLU 81  ? CD  ? A GLU 83  CD  
5  1 Y 1 A GLU 81  ? OE1 ? A GLU 83  OE1 
6  1 Y 1 A GLU 81  ? OE2 ? A GLU 83  OE2 
7  1 Y 1 A LYS 82  ? CG  ? A LYS 84  CG  
8  1 Y 1 A LYS 82  ? CD  ? A LYS 84  CD  
9  1 Y 1 A LYS 82  ? CE  ? A LYS 84  CE  
10 1 Y 1 A LYS 82  ? NZ  ? A LYS 84  NZ  
11 1 Y 1 A LYS 131 ? CD  ? A LYS 133 CD  
12 1 Y 1 A LYS 131 ? CE  ? A LYS 133 CE  
13 1 Y 1 A LYS 131 ? NZ  ? A LYS 133 NZ  
14 1 Y 1 A LYS 133 ? CG  ? A LYS 135 CG  
15 1 Y 1 A LYS 133 ? CD  ? A LYS 135 CD  
16 1 Y 1 A LYS 133 ? CE  ? A LYS 135 CE  
17 1 Y 1 A LYS 133 ? NZ  ? A LYS 135 NZ  
18 1 Y 1 A LYS 151 ? CG  ? A LYS 153 CG  
19 1 Y 1 A LYS 151 ? CD  ? A LYS 153 CD  
20 1 Y 1 A LYS 151 ? CE  ? A LYS 153 CE  
21 1 Y 1 A LYS 151 ? NZ  ? A LYS 153 NZ  
22 1 Y 1 A LYS 154 ? CD  ? A LYS 156 CD  
23 1 Y 1 A LYS 154 ? CE  ? A LYS 156 CE  
24 1 Y 1 A LYS 154 ? NZ  ? A LYS 156 NZ  
25 1 Y 1 A LYS 155 ? CD  ? A LYS 157 CD  
26 1 Y 1 A LYS 155 ? CE  ? A LYS 157 CE  
27 1 Y 1 A LYS 155 ? NZ  ? A LYS 157 NZ  
# 
loop_
_pdbx_unobs_or_zero_occ_residues.id 
_pdbx_unobs_or_zero_occ_residues.PDB_model_num 
_pdbx_unobs_or_zero_occ_residues.polymer_flag 
_pdbx_unobs_or_zero_occ_residues.occupancy_flag 
_pdbx_unobs_or_zero_occ_residues.auth_asym_id 
_pdbx_unobs_or_zero_occ_residues.auth_comp_id 
_pdbx_unobs_or_zero_occ_residues.auth_seq_id 
_pdbx_unobs_or_zero_occ_residues.PDB_ins_code 
_pdbx_unobs_or_zero_occ_residues.label_asym_id 
_pdbx_unobs_or_zero_occ_residues.label_comp_id 
_pdbx_unobs_or_zero_occ_residues.label_seq_id 
1 1 Y 1 A GLY -1  ? A GLY 1   
2 1 Y 1 A HIS 0   ? A HIS 2   
3 1 Y 1 A MET 1   ? A MET 3   
4 1 Y 1 A GLU 165 ? A GLU 167 
# 
loop_
_chem_comp_atom.comp_id 
_chem_comp_atom.atom_id 
_chem_comp_atom.type_symbol 
_chem_comp_atom.pdbx_aromatic_flag 
_chem_comp_atom.pdbx_stereo_config 
_chem_comp_atom.pdbx_ordinal 
ALA N    N N N 1   
ALA CA   C N S 2   
ALA C    C N N 3   
ALA O    O N N 4   
ALA CB   C N N 5   
ALA OXT  O N N 6   
ALA H    H N N 7   
ALA H2   H N N 8   
ALA HA   H N N 9   
ALA HB1  H N N 10  
ALA HB2  H N N 11  
ALA HB3  H N N 12  
ALA HXT  H N N 13  
ARG N    N N N 14  
ARG CA   C N S 15  
ARG C    C N N 16  
ARG O    O N N 17  
ARG CB   C N N 18  
ARG CG   C N N 19  
ARG CD   C N N 20  
ARG NE   N N N 21  
ARG CZ   C N N 22  
ARG NH1  N N N 23  
ARG NH2  N N N 24  
ARG OXT  O N N 25  
ARG H    H N N 26  
ARG H2   H N N 27  
ARG HA   H N N 28  
ARG HB2  H N N 29  
ARG HB3  H N N 30  
ARG HG2  H N N 31  
ARG HG3  H N N 32  
ARG HD2  H N N 33  
ARG HD3  H N N 34  
ARG HE   H N N 35  
ARG HH11 H N N 36  
ARG HH12 H N N 37  
ARG HH21 H N N 38  
ARG HH22 H N N 39  
ARG HXT  H N N 40  
ASN N    N N N 41  
ASN CA   C N S 42  
ASN C    C N N 43  
ASN O    O N N 44  
ASN CB   C N N 45  
ASN CG   C N N 46  
ASN OD1  O N N 47  
ASN ND2  N N N 48  
ASN OXT  O N N 49  
ASN H    H N N 50  
ASN H2   H N N 51  
ASN HA   H N N 52  
ASN HB2  H N N 53  
ASN HB3  H N N 54  
ASN HD21 H N N 55  
ASN HD22 H N N 56  
ASN HXT  H N N 57  
ASP N    N N N 58  
ASP CA   C N S 59  
ASP C    C N N 60  
ASP O    O N N 61  
ASP CB   C N N 62  
ASP CG   C N N 63  
ASP OD1  O N N 64  
ASP OD2  O N N 65  
ASP OXT  O N N 66  
ASP H    H N N 67  
ASP H2   H N N 68  
ASP HA   H N N 69  
ASP HB2  H N N 70  
ASP HB3  H N N 71  
ASP HD2  H N N 72  
ASP HXT  H N N 73  
CYS N    N N N 74  
CYS CA   C N R 75  
CYS C    C N N 76  
CYS O    O N N 77  
CYS CB   C N N 78  
CYS SG   S N N 79  
CYS OXT  O N N 80  
CYS H    H N N 81  
CYS H2   H N N 82  
CYS HA   H N N 83  
CYS HB2  H N N 84  
CYS HB3  H N N 85  
CYS HG   H N N 86  
CYS HXT  H N N 87  
GLN N    N N N 88  
GLN CA   C N S 89  
GLN C    C N N 90  
GLN O    O N N 91  
GLN CB   C N N 92  
GLN CG   C N N 93  
GLN CD   C N N 94  
GLN OE1  O N N 95  
GLN NE2  N N N 96  
GLN OXT  O N N 97  
GLN H    H N N 98  
GLN H2   H N N 99  
GLN HA   H N N 100 
GLN HB2  H N N 101 
GLN HB3  H N N 102 
GLN HG2  H N N 103 
GLN HG3  H N N 104 
GLN HE21 H N N 105 
GLN HE22 H N N 106 
GLN HXT  H N N 107 
GLU N    N N N 108 
GLU CA   C N S 109 
GLU C    C N N 110 
GLU O    O N N 111 
GLU CB   C N N 112 
GLU CG   C N N 113 
GLU CD   C N N 114 
GLU OE1  O N N 115 
GLU OE2  O N N 116 
GLU OXT  O N N 117 
GLU H    H N N 118 
GLU H2   H N N 119 
GLU HA   H N N 120 
GLU HB2  H N N 121 
GLU HB3  H N N 122 
GLU HG2  H N N 123 
GLU HG3  H N N 124 
GLU HE2  H N N 125 
GLU HXT  H N N 126 
GLY N    N N N 127 
GLY CA   C N N 128 
GLY C    C N N 129 
GLY O    O N N 130 
GLY OXT  O N N 131 
GLY H    H N N 132 
GLY H2   H N N 133 
GLY HA2  H N N 134 
GLY HA3  H N N 135 
GLY HXT  H N N 136 
HIS N    N N N 137 
HIS CA   C N S 138 
HIS C    C N N 139 
HIS O    O N N 140 
HIS CB   C N N 141 
HIS CG   C Y N 142 
HIS ND1  N Y N 143 
HIS CD2  C Y N 144 
HIS CE1  C Y N 145 
HIS NE2  N Y N 146 
HIS OXT  O N N 147 
HIS H    H N N 148 
HIS H2   H N N 149 
HIS HA   H N N 150 
HIS HB2  H N N 151 
HIS HB3  H N N 152 
HIS HD1  H N N 153 
HIS HD2  H N N 154 
HIS HE1  H N N 155 
HIS HE2  H N N 156 
HIS HXT  H N N 157 
HOH O    O N N 158 
HOH H1   H N N 159 
HOH H2   H N N 160 
ILE N    N N N 161 
ILE CA   C N S 162 
ILE C    C N N 163 
ILE O    O N N 164 
ILE CB   C N S 165 
ILE CG1  C N N 166 
ILE CG2  C N N 167 
ILE CD1  C N N 168 
ILE OXT  O N N 169 
ILE H    H N N 170 
ILE H2   H N N 171 
ILE HA   H N N 172 
ILE HB   H N N 173 
ILE HG12 H N N 174 
ILE HG13 H N N 175 
ILE HG21 H N N 176 
ILE HG22 H N N 177 
ILE HG23 H N N 178 
ILE HD11 H N N 179 
ILE HD12 H N N 180 
ILE HD13 H N N 181 
ILE HXT  H N N 182 
LEU N    N N N 183 
LEU CA   C N S 184 
LEU C    C N N 185 
LEU O    O N N 186 
LEU CB   C N N 187 
LEU CG   C N N 188 
LEU CD1  C N N 189 
LEU CD2  C N N 190 
LEU OXT  O N N 191 
LEU H    H N N 192 
LEU H2   H N N 193 
LEU HA   H N N 194 
LEU HB2  H N N 195 
LEU HB3  H N N 196 
LEU HG   H N N 197 
LEU HD11 H N N 198 
LEU HD12 H N N 199 
LEU HD13 H N N 200 
LEU HD21 H N N 201 
LEU HD22 H N N 202 
LEU HD23 H N N 203 
LEU HXT  H N N 204 
LYS N    N N N 205 
LYS CA   C N S 206 
LYS C    C N N 207 
LYS O    O N N 208 
LYS CB   C N N 209 
LYS CG   C N N 210 
LYS CD   C N N 211 
LYS CE   C N N 212 
LYS NZ   N N N 213 
LYS OXT  O N N 214 
LYS H    H N N 215 
LYS H2   H N N 216 
LYS HA   H N N 217 
LYS HB2  H N N 218 
LYS HB3  H N N 219 
LYS HG2  H N N 220 
LYS HG3  H N N 221 
LYS HD2  H N N 222 
LYS HD3  H N N 223 
LYS HE2  H N N 224 
LYS HE3  H N N 225 
LYS HZ1  H N N 226 
LYS HZ2  H N N 227 
LYS HZ3  H N N 228 
LYS HXT  H N N 229 
MET N    N N N 230 
MET CA   C N S 231 
MET C    C N N 232 
MET O    O N N 233 
MET CB   C N N 234 
MET CG   C N N 235 
MET SD   S N N 236 
MET CE   C N N 237 
MET OXT  O N N 238 
MET H    H N N 239 
MET H2   H N N 240 
MET HA   H N N 241 
MET HB2  H N N 242 
MET HB3  H N N 243 
MET HG2  H N N 244 
MET HG3  H N N 245 
MET HE1  H N N 246 
MET HE2  H N N 247 
MET HE3  H N N 248 
MET HXT  H N N 249 
PHE N    N N N 250 
PHE CA   C N S 251 
PHE C    C N N 252 
PHE O    O N N 253 
PHE CB   C N N 254 
PHE CG   C Y N 255 
PHE CD1  C Y N 256 
PHE CD2  C Y N 257 
PHE CE1  C Y N 258 
PHE CE2  C Y N 259 
PHE CZ   C Y N 260 
PHE OXT  O N N 261 
PHE H    H N N 262 
PHE H2   H N N 263 
PHE HA   H N N 264 
PHE HB2  H N N 265 
PHE HB3  H N N 266 
PHE HD1  H N N 267 
PHE HD2  H N N 268 
PHE HE1  H N N 269 
PHE HE2  H N N 270 
PHE HZ   H N N 271 
PHE HXT  H N N 272 
PRO N    N N N 273 
PRO CA   C N S 274 
PRO C    C N N 275 
PRO O    O N N 276 
PRO CB   C N N 277 
PRO CG   C N N 278 
PRO CD   C N N 279 
PRO OXT  O N N 280 
PRO H    H N N 281 
PRO HA   H N N 282 
PRO HB2  H N N 283 
PRO HB3  H N N 284 
PRO HG2  H N N 285 
PRO HG3  H N N 286 
PRO HD2  H N N 287 
PRO HD3  H N N 288 
PRO HXT  H N N 289 
SER N    N N N 290 
SER CA   C N S 291 
SER C    C N N 292 
SER O    O N N 293 
SER CB   C N N 294 
SER OG   O N N 295 
SER OXT  O N N 296 
SER H    H N N 297 
SER H2   H N N 298 
SER HA   H N N 299 
SER HB2  H N N 300 
SER HB3  H N N 301 
SER HG   H N N 302 
SER HXT  H N N 303 
THR N    N N N 304 
THR CA   C N S 305 
THR C    C N N 306 
THR O    O N N 307 
THR CB   C N R 308 
THR OG1  O N N 309 
THR CG2  C N N 310 
THR OXT  O N N 311 
THR H    H N N 312 
THR H2   H N N 313 
THR HA   H N N 314 
THR HB   H N N 315 
THR HG1  H N N 316 
THR HG21 H N N 317 
THR HG22 H N N 318 
THR HG23 H N N 319 
THR HXT  H N N 320 
TRP N    N N N 321 
TRP CA   C N S 322 
TRP C    C N N 323 
TRP O    O N N 324 
TRP CB   C N N 325 
TRP CG   C Y N 326 
TRP CD1  C Y N 327 
TRP CD2  C Y N 328 
TRP NE1  N Y N 329 
TRP CE2  C Y N 330 
TRP CE3  C Y N 331 
TRP CZ2  C Y N 332 
TRP CZ3  C Y N 333 
TRP CH2  C Y N 334 
TRP OXT  O N N 335 
TRP H    H N N 336 
TRP H2   H N N 337 
TRP HA   H N N 338 
TRP HB2  H N N 339 
TRP HB3  H N N 340 
TRP HD1  H N N 341 
TRP HE1  H N N 342 
TRP HE3  H N N 343 
TRP HZ2  H N N 344 
TRP HZ3  H N N 345 
TRP HH2  H N N 346 
TRP HXT  H N N 347 
TYR N    N N N 348 
TYR CA   C N S 349 
TYR C    C N N 350 
TYR O    O N N 351 
TYR CB   C N N 352 
TYR CG   C Y N 353 
TYR CD1  C Y N 354 
TYR CD2  C Y N 355 
TYR CE1  C Y N 356 
TYR CE2  C Y N 357 
TYR CZ   C Y N 358 
TYR OH   O N N 359 
TYR OXT  O N N 360 
TYR H    H N N 361 
TYR H2   H N N 362 
TYR HA   H N N 363 
TYR HB2  H N N 364 
TYR HB3  H N N 365 
TYR HD1  H N N 366 
TYR HD2  H N N 367 
TYR HE1  H N N 368 
TYR HE2  H N N 369 
TYR HH   H N N 370 
TYR HXT  H N N 371 
VAL N    N N N 372 
VAL CA   C N S 373 
VAL C    C N N 374 
VAL O    O N N 375 
VAL CB   C N N 376 
VAL CG1  C N N 377 
VAL CG2  C N N 378 
VAL OXT  O N N 379 
VAL H    H N N 380 
VAL H2   H N N 381 
VAL HA   H N N 382 
VAL HB   H N N 383 
VAL HG11 H N N 384 
VAL HG12 H N N 385 
VAL HG13 H N N 386 
VAL HG21 H N N 387 
VAL HG22 H N N 388 
VAL HG23 H N N 389 
VAL HXT  H N N 390 
ZXX C30  C N N 391 
ZXX O32  O N N 392 
ZXX C31  C N N 393 
ZXX N04  N N N 394 
ZXX C02  C N S 395 
ZXX C01  C N N 396 
ZXX O06  O N N 397 
ZXX C03  C N N 398 
ZXX C28  C N N 399 
ZXX C29  C N N 400 
ZXX N05  N N N 401 
ZXX C08  C N S 402 
ZXX C10  C N N 403 
ZXX C11  C Y N 404 
ZXX C12  C Y N 405 
ZXX C13  C Y N 406 
ZXX C16  C Y N 407 
ZXX C15  C Y N 408 
ZXX C14  C Y N 409 
ZXX O17  O N N 410 
ZXX C07  C N N 411 
ZXX O09  O N N 412 
ZXX C21  C N N 413 
ZXX N22  N N N 414 
ZXX C23  C N S 415 
ZXX O25  O N N 416 
ZXX C27  C N N 417 
ZXX C19  C N N 418 
ZXX C20  C N N 419 
ZXX C24  C N N 420 
ZXX N18  N N N 421 
ZXX O26  O N N 422 
ZXX H19  H N N 423 
ZXX H20  H N N 424 
ZXX H21  H N N 425 
ZXX H30  H N N 426 
ZXX H22  H N N 427 
ZXX H23  H N N 428 
ZXX H13  H N N 429 
ZXX H14  H N N 430 
ZXX H15  H N N 431 
ZXX H16  H N N 432 
ZXX H17  H N N 433 
ZXX H18  H N N 434 
ZXX H31  H N N 435 
ZXX H24  H N N 436 
ZXX H3   H N N 437 
ZXX H4   H N N 438 
ZXX H5   H N N 439 
ZXX H6   H N N 440 
ZXX H25  H N N 441 
ZXX H7   H N N 442 
ZXX H32  H N N 443 
ZXX H1   H N N 444 
ZXX H2   H N N 445 
ZXX H8   H N N 446 
ZXX H9   H N N 447 
ZXX H10  H N N 448 
ZXX H11  H N N 449 
ZXX H12  H N N 450 
ZXX H26  H N N 451 
ZXX H27  H N N 452 
ZXX H28  H N N 453 
ZXX H29  H N N 454 
# 
loop_
_chem_comp_bond.comp_id 
_chem_comp_bond.atom_id_1 
_chem_comp_bond.atom_id_2 
_chem_comp_bond.value_order 
_chem_comp_bond.pdbx_aromatic_flag 
_chem_comp_bond.pdbx_stereo_config 
_chem_comp_bond.pdbx_ordinal 
ALA N   CA   sing N N 1   
ALA N   H    sing N N 2   
ALA N   H2   sing N N 3   
ALA CA  C    sing N N 4   
ALA CA  CB   sing N N 5   
ALA CA  HA   sing N N 6   
ALA C   O    doub N N 7   
ALA C   OXT  sing N N 8   
ALA CB  HB1  sing N N 9   
ALA CB  HB2  sing N N 10  
ALA CB  HB3  sing N N 11  
ALA OXT HXT  sing N N 12  
ARG N   CA   sing N N 13  
ARG N   H    sing N N 14  
ARG N   H2   sing N N 15  
ARG CA  C    sing N N 16  
ARG CA  CB   sing N N 17  
ARG CA  HA   sing N N 18  
ARG C   O    doub N N 19  
ARG C   OXT  sing N N 20  
ARG CB  CG   sing N N 21  
ARG CB  HB2  sing N N 22  
ARG CB  HB3  sing N N 23  
ARG CG  CD   sing N N 24  
ARG CG  HG2  sing N N 25  
ARG CG  HG3  sing N N 26  
ARG CD  NE   sing N N 27  
ARG CD  HD2  sing N N 28  
ARG CD  HD3  sing N N 29  
ARG NE  CZ   sing N N 30  
ARG NE  HE   sing N N 31  
ARG CZ  NH1  sing N N 32  
ARG CZ  NH2  doub N N 33  
ARG NH1 HH11 sing N N 34  
ARG NH1 HH12 sing N N 35  
ARG NH2 HH21 sing N N 36  
ARG NH2 HH22 sing N N 37  
ARG OXT HXT  sing N N 38  
ASN N   CA   sing N N 39  
ASN N   H    sing N N 40  
ASN N   H2   sing N N 41  
ASN CA  C    sing N N 42  
ASN CA  CB   sing N N 43  
ASN CA  HA   sing N N 44  
ASN C   O    doub N N 45  
ASN C   OXT  sing N N 46  
ASN CB  CG   sing N N 47  
ASN CB  HB2  sing N N 48  
ASN CB  HB3  sing N N 49  
ASN CG  OD1  doub N N 50  
ASN CG  ND2  sing N N 51  
ASN ND2 HD21 sing N N 52  
ASN ND2 HD22 sing N N 53  
ASN OXT HXT  sing N N 54  
ASP N   CA   sing N N 55  
ASP N   H    sing N N 56  
ASP N   H2   sing N N 57  
ASP CA  C    sing N N 58  
ASP CA  CB   sing N N 59  
ASP CA  HA   sing N N 60  
ASP C   O    doub N N 61  
ASP C   OXT  sing N N 62  
ASP CB  CG   sing N N 63  
ASP CB  HB2  sing N N 64  
ASP CB  HB3  sing N N 65  
ASP CG  OD1  doub N N 66  
ASP CG  OD2  sing N N 67  
ASP OD2 HD2  sing N N 68  
ASP OXT HXT  sing N N 69  
CYS N   CA   sing N N 70  
CYS N   H    sing N N 71  
CYS N   H2   sing N N 72  
CYS CA  C    sing N N 73  
CYS CA  CB   sing N N 74  
CYS CA  HA   sing N N 75  
CYS C   O    doub N N 76  
CYS C   OXT  sing N N 77  
CYS CB  SG   sing N N 78  
CYS CB  HB2  sing N N 79  
CYS CB  HB3  sing N N 80  
CYS SG  HG   sing N N 81  
CYS OXT HXT  sing N N 82  
GLN N   CA   sing N N 83  
GLN N   H    sing N N 84  
GLN N   H2   sing N N 85  
GLN CA  C    sing N N 86  
GLN CA  CB   sing N N 87  
GLN CA  HA   sing N N 88  
GLN C   O    doub N N 89  
GLN C   OXT  sing N N 90  
GLN CB  CG   sing N N 91  
GLN CB  HB2  sing N N 92  
GLN CB  HB3  sing N N 93  
GLN CG  CD   sing N N 94  
GLN CG  HG2  sing N N 95  
GLN CG  HG3  sing N N 96  
GLN CD  OE1  doub N N 97  
GLN CD  NE2  sing N N 98  
GLN NE2 HE21 sing N N 99  
GLN NE2 HE22 sing N N 100 
GLN OXT HXT  sing N N 101 
GLU N   CA   sing N N 102 
GLU N   H    sing N N 103 
GLU N   H2   sing N N 104 
GLU CA  C    sing N N 105 
GLU CA  CB   sing N N 106 
GLU CA  HA   sing N N 107 
GLU C   O    doub N N 108 
GLU C   OXT  sing N N 109 
GLU CB  CG   sing N N 110 
GLU CB  HB2  sing N N 111 
GLU CB  HB3  sing N N 112 
GLU CG  CD   sing N N 113 
GLU CG  HG2  sing N N 114 
GLU CG  HG3  sing N N 115 
GLU CD  OE1  doub N N 116 
GLU CD  OE2  sing N N 117 
GLU OE2 HE2  sing N N 118 
GLU OXT HXT  sing N N 119 
GLY N   CA   sing N N 120 
GLY N   H    sing N N 121 
GLY N   H2   sing N N 122 
GLY CA  C    sing N N 123 
GLY CA  HA2  sing N N 124 
GLY CA  HA3  sing N N 125 
GLY C   O    doub N N 126 
GLY C   OXT  sing N N 127 
GLY OXT HXT  sing N N 128 
HIS N   CA   sing N N 129 
HIS N   H    sing N N 130 
HIS N   H2   sing N N 131 
HIS CA  C    sing N N 132 
HIS CA  CB   sing N N 133 
HIS CA  HA   sing N N 134 
HIS C   O    doub N N 135 
HIS C   OXT  sing N N 136 
HIS CB  CG   sing N N 137 
HIS CB  HB2  sing N N 138 
HIS CB  HB3  sing N N 139 
HIS CG  ND1  sing Y N 140 
HIS CG  CD2  doub Y N 141 
HIS ND1 CE1  doub Y N 142 
HIS ND1 HD1  sing N N 143 
HIS CD2 NE2  sing Y N 144 
HIS CD2 HD2  sing N N 145 
HIS CE1 NE2  sing Y N 146 
HIS CE1 HE1  sing N N 147 
HIS NE2 HE2  sing N N 148 
HIS OXT HXT  sing N N 149 
HOH O   H1   sing N N 150 
HOH O   H2   sing N N 151 
ILE N   CA   sing N N 152 
ILE N   H    sing N N 153 
ILE N   H2   sing N N 154 
ILE CA  C    sing N N 155 
ILE CA  CB   sing N N 156 
ILE CA  HA   sing N N 157 
ILE C   O    doub N N 158 
ILE C   OXT  sing N N 159 
ILE CB  CG1  sing N N 160 
ILE CB  CG2  sing N N 161 
ILE CB  HB   sing N N 162 
ILE CG1 CD1  sing N N 163 
ILE CG1 HG12 sing N N 164 
ILE CG1 HG13 sing N N 165 
ILE CG2 HG21 sing N N 166 
ILE CG2 HG22 sing N N 167 
ILE CG2 HG23 sing N N 168 
ILE CD1 HD11 sing N N 169 
ILE CD1 HD12 sing N N 170 
ILE CD1 HD13 sing N N 171 
ILE OXT HXT  sing N N 172 
LEU N   CA   sing N N 173 
LEU N   H    sing N N 174 
LEU N   H2   sing N N 175 
LEU CA  C    sing N N 176 
LEU CA  CB   sing N N 177 
LEU CA  HA   sing N N 178 
LEU C   O    doub N N 179 
LEU C   OXT  sing N N 180 
LEU CB  CG   sing N N 181 
LEU CB  HB2  sing N N 182 
LEU CB  HB3  sing N N 183 
LEU CG  CD1  sing N N 184 
LEU CG  CD2  sing N N 185 
LEU CG  HG   sing N N 186 
LEU CD1 HD11 sing N N 187 
LEU CD1 HD12 sing N N 188 
LEU CD1 HD13 sing N N 189 
LEU CD2 HD21 sing N N 190 
LEU CD2 HD22 sing N N 191 
LEU CD2 HD23 sing N N 192 
LEU OXT HXT  sing N N 193 
LYS N   CA   sing N N 194 
LYS N   H    sing N N 195 
LYS N   H2   sing N N 196 
LYS CA  C    sing N N 197 
LYS CA  CB   sing N N 198 
LYS CA  HA   sing N N 199 
LYS C   O    doub N N 200 
LYS C   OXT  sing N N 201 
LYS CB  CG   sing N N 202 
LYS CB  HB2  sing N N 203 
LYS CB  HB3  sing N N 204 
LYS CG  CD   sing N N 205 
LYS CG  HG2  sing N N 206 
LYS CG  HG3  sing N N 207 
LYS CD  CE   sing N N 208 
LYS CD  HD2  sing N N 209 
LYS CD  HD3  sing N N 210 
LYS CE  NZ   sing N N 211 
LYS CE  HE2  sing N N 212 
LYS CE  HE3  sing N N 213 
LYS NZ  HZ1  sing N N 214 
LYS NZ  HZ2  sing N N 215 
LYS NZ  HZ3  sing N N 216 
LYS OXT HXT  sing N N 217 
MET N   CA   sing N N 218 
MET N   H    sing N N 219 
MET N   H2   sing N N 220 
MET CA  C    sing N N 221 
MET CA  CB   sing N N 222 
MET CA  HA   sing N N 223 
MET C   O    doub N N 224 
MET C   OXT  sing N N 225 
MET CB  CG   sing N N 226 
MET CB  HB2  sing N N 227 
MET CB  HB3  sing N N 228 
MET CG  SD   sing N N 229 
MET CG  HG2  sing N N 230 
MET CG  HG3  sing N N 231 
MET SD  CE   sing N N 232 
MET CE  HE1  sing N N 233 
MET CE  HE2  sing N N 234 
MET CE  HE3  sing N N 235 
MET OXT HXT  sing N N 236 
PHE N   CA   sing N N 237 
PHE N   H    sing N N 238 
PHE N   H2   sing N N 239 
PHE CA  C    sing N N 240 
PHE CA  CB   sing N N 241 
PHE CA  HA   sing N N 242 
PHE C   O    doub N N 243 
PHE C   OXT  sing N N 244 
PHE CB  CG   sing N N 245 
PHE CB  HB2  sing N N 246 
PHE CB  HB3  sing N N 247 
PHE CG  CD1  doub Y N 248 
PHE CG  CD2  sing Y N 249 
PHE CD1 CE1  sing Y N 250 
PHE CD1 HD1  sing N N 251 
PHE CD2 CE2  doub Y N 252 
PHE CD2 HD2  sing N N 253 
PHE CE1 CZ   doub Y N 254 
PHE CE1 HE1  sing N N 255 
PHE CE2 CZ   sing Y N 256 
PHE CE2 HE2  sing N N 257 
PHE CZ  HZ   sing N N 258 
PHE OXT HXT  sing N N 259 
PRO N   CA   sing N N 260 
PRO N   CD   sing N N 261 
PRO N   H    sing N N 262 
PRO CA  C    sing N N 263 
PRO CA  CB   sing N N 264 
PRO CA  HA   sing N N 265 
PRO C   O    doub N N 266 
PRO C   OXT  sing N N 267 
PRO CB  CG   sing N N 268 
PRO CB  HB2  sing N N 269 
PRO CB  HB3  sing N N 270 
PRO CG  CD   sing N N 271 
PRO CG  HG2  sing N N 272 
PRO CG  HG3  sing N N 273 
PRO CD  HD2  sing N N 274 
PRO CD  HD3  sing N N 275 
PRO OXT HXT  sing N N 276 
SER N   CA   sing N N 277 
SER N   H    sing N N 278 
SER N   H2   sing N N 279 
SER CA  C    sing N N 280 
SER CA  CB   sing N N 281 
SER CA  HA   sing N N 282 
SER C   O    doub N N 283 
SER C   OXT  sing N N 284 
SER CB  OG   sing N N 285 
SER CB  HB2  sing N N 286 
SER CB  HB3  sing N N 287 
SER OG  HG   sing N N 288 
SER OXT HXT  sing N N 289 
THR N   CA   sing N N 290 
THR N   H    sing N N 291 
THR N   H2   sing N N 292 
THR CA  C    sing N N 293 
THR CA  CB   sing N N 294 
THR CA  HA   sing N N 295 
THR C   O    doub N N 296 
THR C   OXT  sing N N 297 
THR CB  OG1  sing N N 298 
THR CB  CG2  sing N N 299 
THR CB  HB   sing N N 300 
THR OG1 HG1  sing N N 301 
THR CG2 HG21 sing N N 302 
THR CG2 HG22 sing N N 303 
THR CG2 HG23 sing N N 304 
THR OXT HXT  sing N N 305 
TRP N   CA   sing N N 306 
TRP N   H    sing N N 307 
TRP N   H2   sing N N 308 
TRP CA  C    sing N N 309 
TRP CA  CB   sing N N 310 
TRP CA  HA   sing N N 311 
TRP C   O    doub N N 312 
TRP C   OXT  sing N N 313 
TRP CB  CG   sing N N 314 
TRP CB  HB2  sing N N 315 
TRP CB  HB3  sing N N 316 
TRP CG  CD1  doub Y N 317 
TRP CG  CD2  sing Y N 318 
TRP CD1 NE1  sing Y N 319 
TRP CD1 HD1  sing N N 320 
TRP CD2 CE2  doub Y N 321 
TRP CD2 CE3  sing Y N 322 
TRP NE1 CE2  sing Y N 323 
TRP NE1 HE1  sing N N 324 
TRP CE2 CZ2  sing Y N 325 
TRP CE3 CZ3  doub Y N 326 
TRP CE3 HE3  sing N N 327 
TRP CZ2 CH2  doub Y N 328 
TRP CZ2 HZ2  sing N N 329 
TRP CZ3 CH2  sing Y N 330 
TRP CZ3 HZ3  sing N N 331 
TRP CH2 HH2  sing N N 332 
TRP OXT HXT  sing N N 333 
TYR N   CA   sing N N 334 
TYR N   H    sing N N 335 
TYR N   H2   sing N N 336 
TYR CA  C    sing N N 337 
TYR CA  CB   sing N N 338 
TYR CA  HA   sing N N 339 
TYR C   O    doub N N 340 
TYR C   OXT  sing N N 341 
TYR CB  CG   sing N N 342 
TYR CB  HB2  sing N N 343 
TYR CB  HB3  sing N N 344 
TYR CG  CD1  doub Y N 345 
TYR CG  CD2  sing Y N 346 
TYR CD1 CE1  sing Y N 347 
TYR CD1 HD1  sing N N 348 
TYR CD2 CE2  doub Y N 349 
TYR CD2 HD2  sing N N 350 
TYR CE1 CZ   doub Y N 351 
TYR CE1 HE1  sing N N 352 
TYR CE2 CZ   sing Y N 353 
TYR CE2 HE2  sing N N 354 
TYR CZ  OH   sing N N 355 
TYR OH  HH   sing N N 356 
TYR OXT HXT  sing N N 357 
VAL N   CA   sing N N 358 
VAL N   H    sing N N 359 
VAL N   H2   sing N N 360 
VAL CA  C    sing N N 361 
VAL CA  CB   sing N N 362 
VAL CA  HA   sing N N 363 
VAL C   O    doub N N 364 
VAL C   OXT  sing N N 365 
VAL CB  CG1  sing N N 366 
VAL CB  CG2  sing N N 367 
VAL CB  HB   sing N N 368 
VAL CG1 HG11 sing N N 369 
VAL CG1 HG12 sing N N 370 
VAL CG1 HG13 sing N N 371 
VAL CG2 HG21 sing N N 372 
VAL CG2 HG22 sing N N 373 
VAL CG2 HG23 sing N N 374 
VAL OXT HXT  sing N N 375 
ZXX C21 N18  sing N N 376 
ZXX C21 C20  sing N N 377 
ZXX C10 C11  sing N N 378 
ZXX C10 C08  sing N N 379 
ZXX C11 C16  doub Y N 380 
ZXX C11 C12  sing Y N 381 
ZXX C12 C13  doub Y N 382 
ZXX C13 C14  sing Y N 383 
ZXX C14 C15  doub Y N 384 
ZXX N22 N18  sing N N 385 
ZXX N22 C23  sing N N 386 
ZXX C23 C19  sing N N 387 
ZXX C23 C24  sing N N 388 
ZXX O25 C24  doub N N 389 
ZXX C27 O26  sing N N 390 
ZXX C28 C03  sing N N 391 
ZXX C29 C03  sing N N 392 
ZXX C30 C31  sing N N 393 
ZXX C30 N04  sing N N 394 
ZXX C30 O32  doub N N 395 
ZXX C01 N05  sing N N 396 
ZXX C01 C02  sing N N 397 
ZXX C01 O06  doub N N 398 
ZXX C02 N04  sing N N 399 
ZXX C02 C03  sing N N 400 
ZXX C07 O09  doub N N 401 
ZXX C07 C08  sing N N 402 
ZXX C07 N18  sing N N 403 
ZXX C08 N05  sing N N 404 
ZXX C15 C16  sing Y N 405 
ZXX C15 O17  sing N N 406 
ZXX C19 C20  sing N N 407 
ZXX C24 O26  sing N N 408 
ZXX C21 H1   sing N N 409 
ZXX C21 H2   sing N N 410 
ZXX C10 H3   sing N N 411 
ZXX C10 H4   sing N N 412 
ZXX C12 H5   sing N N 413 
ZXX C13 H6   sing N N 414 
ZXX C14 H7   sing N N 415 
ZXX N22 H8   sing N N 416 
ZXX C23 H9   sing N N 417 
ZXX C27 H10  sing N N 418 
ZXX C27 H11  sing N N 419 
ZXX C27 H12  sing N N 420 
ZXX C28 H13  sing N N 421 
ZXX C28 H14  sing N N 422 
ZXX C28 H15  sing N N 423 
ZXX C29 H16  sing N N 424 
ZXX C29 H17  sing N N 425 
ZXX C29 H18  sing N N 426 
ZXX C31 H19  sing N N 427 
ZXX C31 H20  sing N N 428 
ZXX C31 H21  sing N N 429 
ZXX C02 H22  sing N N 430 
ZXX C03 H23  sing N N 431 
ZXX C08 H24  sing N N 432 
ZXX C16 H25  sing N N 433 
ZXX C19 H26  sing N N 434 
ZXX C19 H27  sing N N 435 
ZXX C20 H28  sing N N 436 
ZXX C20 H29  sing N N 437 
ZXX N04 H30  sing N N 438 
ZXX N05 H31  sing N N 439 
ZXX O17 H32  sing N N 440 
# 
_pdbx_entity_instance_feature.ordinal        1 
_pdbx_entity_instance_feature.comp_id        ZXX 
_pdbx_entity_instance_feature.asym_id        ? 
_pdbx_entity_instance_feature.seq_num        ? 
_pdbx_entity_instance_feature.auth_comp_id   ZXX 
_pdbx_entity_instance_feature.auth_asym_id   ? 
_pdbx_entity_instance_feature.auth_seq_num   ? 
_pdbx_entity_instance_feature.feature_type   'SUBJECT OF INVESTIGATION' 
_pdbx_entity_instance_feature.details        ? 
# 
loop_
_pdbx_entity_nonpoly.entity_id 
_pdbx_entity_nonpoly.name 
_pdbx_entity_nonpoly.comp_id 
2 
;methyl (3~{S})-1-[(2~{S})-2-[[(2~{S})-2-acetamido-3-methyl-butanoyl]amino]-3-(3-hydroxyphenyl)propanoyl]-1,2-diazinane-3-carboxylate
;
ZXX 
3 water HOH 
# 
_pdbx_initial_refinement_model.id               1 
_pdbx_initial_refinement_model.entity_id_list   ? 
_pdbx_initial_refinement_model.type             'experimental model' 
_pdbx_initial_refinement_model.source_name      PDB 
_pdbx_initial_refinement_model.accession_code   2CPL 
_pdbx_initial_refinement_model.details          'PDB entry 2CPL' 
# 
_pdbx_struct_assembly_auth_evidence.id                     1 
_pdbx_struct_assembly_auth_evidence.assembly_id            1 
_pdbx_struct_assembly_auth_evidence.experimental_support   'gel filtration' 
_pdbx_struct_assembly_auth_evidence.details                ? 
# 
_space_group.name_H-M_alt     'P 21 21 21' 
_space_group.name_Hall        'P 2ac 2ab' 
_space_group.IT_number        19 
_space_group.crystal_system   orthorhombic 
_space_group.id               1 
# 
